data_2BCJ
#
_entry.id   2BCJ
#
_cell.length_a   64.918
_cell.length_b   129.954
_cell.length_c   122.764
_cell.angle_alpha   90.00
_cell.angle_beta   95.81
_cell.angle_gamma   90.00
#
_symmetry.space_group_name_H-M   'P 1 21 1'
#
loop_
_entity.id
_entity.type
_entity.pdbx_description
1 polymer 'G-protein-coupled receptor kinase 2'
2 polymer 'Guanine nucleotide-binding protein G(I)/G(S)/G(T) subunit beta-1'
3 polymer 'Guanine nucleotide-binding protein G(I)/G(S)/G(O) subunit gamma-2'
4 polymer 'Guanine nucleotide-binding protein G(i) subunit alpha-1, Guanine nucleotide-binding protein G(q) subunit alpha chimera'
5 non-polymer 'MAGNESIUM ION'
6 non-polymer 'TETRAFLUOROALUMINATE ION'
7 non-polymer "GUANOSINE-5'-DIPHOSPHATE"
8 water water
#
loop_
_entity_poly.entity_id
_entity_poly.type
_entity_poly.pdbx_seq_one_letter_code
_entity_poly.pdbx_strand_id
1 'polypeptide(L)'
;MADLEAVLADVSYLMAMEKSKATPAARASKKILLPEPSIRSVMQKYLEDRGEVTFEKIFSQKLGYLLFRDFCLKHLEEAK
PLVEFYEEIKKYEKLETEEERLVCSREIFDTYIMKELLACSHPFSKSAIEHVQGHLVKKQVPPDLFQPYIEEICQNLRGD
VFQKFIESDKFTRFCQWKNVELNIHLTMNDFSVHRIIGRGGFGEVYGCRKADTGKMYAMKCLDKKRIKMKQGETLALNER
IMLSLVSTGDCPFIVCMSYAFHTPDKLSFILDLMNGGDLHYHLSQHGVFSEADMRFYAAEIILGLEHMHNRFVVYRDLKP
ANILLDEHGHVRISDLGLACDFSKKKPHASVGTHGYMAPEVLQKGVAYDSSADWFSLGCMLFKLLRGHSPFRQHKTKDKH
EIDRMTLTMAVELPDSFSPELRSLLEGLLQRDVNRRLGCLGRGAQEVKESPFFRSLDWQMVFLQKYPPPLIPPRGEVNAA
DAFDIGSFDEEDTKGIKLLDSDQELYRNFPLTISERWQQEVAETVFDTINAETDRLEARKKTKNKQLGHEEDYALGKDCI
MHGYMSKMGNPFLTQWQRRYFYLFPNRLEWRGEGEAPQSLLTMEEIQSVEETQIKERKCLLLKIRGGKQFVLQCDSDPEL
VQWKKELRDAYREAQQLVQRVPKMKNKPRAPVVELSKVPLIQRGSANGL
;
A
2 'polypeptide(L)'
;(ACE)SELDQLRQEAEQLKNQIRDARKACADATLSQITNNIDPVGRIQMRTRRTLRGHLAKIYAMHWGTDSRLLVSASQD
GKLIIWDSYTTNKVHAIPLRSSWVMTCAYAPSGNYVACGGLDNICSIYNLKTREGNVRVSRELAGHTGYLSCCRFLDDNQ
IVTSSGDTTCALWDIETGQQTTTFTGHTGDVMSLSLAPDTRLFVSGACDASAKLWDVREGMCRQTFTGHESDINAICFFP
NGNAFATGSDDATCRLFDLRADQELMTYSHDNIICGITSVSFSKSGRLLLAGYDDFNCNVWDALKADRAGVLAGHDNRVS
CLGVTDDGMAVATGSWDSFLKIWN
;
B
3 'polypeptide(L)' MASNNTASIAQARKLVEQLKMEANIDRIKVSKAAADLMAYCEAHAKEDPLLTPVPASENPFREKKFFSAIL G
4 'polypeptide(L)'
;MGCTLSAEDKAAVERSKMIDRNLREDGERSRRELKLLLLGTGESGKSTFIKQMRIIHGSGYSDEDKRGFTKLVYQNIFTA
MQAMIRAMDTLKIPYKYEHNKAHAQLVREVDVEKVSAFENPYVDAIKSLWNDPGIQECYDRRREYQLSDSTKYYLNDLDR
VADPSYLPTQQDVLRVRVPTTGIIEYPFDLQSVIFRMVDVGGQRSERRKWIHCFENVTSIMFLVALSEYDQVLVESDNEN
RMEESKALFRTIITYPWFQNSSVILFLNKKDLLEEKIMYSHLVDYFPEYDGPQRDAQAAREFILKMFVDLNPDSDKIIYS
HFTCATDTENIRFVFAAVKDTILQLNLKEYNLV
;
Q
#
loop_
_chem_comp.id
_chem_comp.type
_chem_comp.name
_chem_comp.formula
ACE non-polymer 'ACETYL GROUP' 'C2 H4 O'
ALF non-polymer 'TETRAFLUOROALUMINATE ION' 'Al F4 -1'
GDP RNA linking GUANOSINE-5'-DIPHOSPHATE 'C10 H15 N5 O11 P2'
MG non-polymer 'MAGNESIUM ION' 'Mg 2'
#
# COMPACT_ATOMS: atom_id res chain seq x y z
N ALA A 28 16.75 -9.02 30.83
CA ALA A 28 17.07 -8.12 29.67
C ALA A 28 17.57 -6.76 30.16
N SER A 29 18.86 -6.69 30.48
CA SER A 29 19.45 -5.47 31.06
C SER A 29 19.65 -4.34 30.02
N LYS A 30 20.31 -4.66 28.91
CA LYS A 30 20.54 -3.68 27.83
C LYS A 30 19.23 -3.37 27.10
N LYS A 31 18.84 -2.10 27.11
CA LYS A 31 17.59 -1.68 26.49
C LYS A 31 17.74 -1.62 24.98
N ILE A 32 16.91 -2.38 24.27
CA ILE A 32 16.79 -2.26 22.83
C ILE A 32 16.11 -0.91 22.55
N LEU A 33 16.90 0.03 22.04
CA LEU A 33 16.40 1.35 21.70
C LEU A 33 15.66 1.28 20.38
N LEU A 34 14.50 1.92 20.30
CA LEU A 34 13.67 1.84 19.10
C LEU A 34 13.64 3.17 18.35
N PRO A 35 14.13 3.21 17.10
CA PRO A 35 14.11 4.42 16.29
C PRO A 35 12.76 5.13 16.28
N GLU A 36 12.80 6.47 16.19
CA GLU A 36 11.58 7.27 16.18
C GLU A 36 10.76 7.00 14.92
N PRO A 37 9.44 7.27 14.96
CA PRO A 37 8.59 6.94 13.81
C PRO A 37 8.85 7.78 12.55
N SER A 38 9.70 8.81 12.67
CA SER A 38 10.22 9.55 11.51
C SER A 38 11.13 8.67 10.62
N ILE A 39 11.53 7.52 11.14
CA ILE A 39 12.36 6.56 10.41
C ILE A 39 11.61 5.94 9.24
N ARG A 40 10.28 5.95 9.31
CA ARG A 40 9.45 5.28 8.32
C ARG A 40 9.68 5.75 6.88
N SER A 41 9.93 7.06 6.73
CA SER A 41 10.16 7.69 5.41
C SER A 41 11.37 7.09 4.70
N VAL A 42 12.43 6.82 5.46
CA VAL A 42 13.62 6.18 4.94
C VAL A 42 13.38 4.69 4.70
N MET A 43 12.87 4.01 5.73
CA MET A 43 12.68 2.56 5.67
C MET A 43 11.70 2.14 4.57
N GLN A 44 10.52 2.76 4.55
CA GLN A 44 9.53 2.40 3.54
C GLN A 44 10.14 2.46 2.13
N LYS A 45 11.01 3.44 1.89
CA LYS A 45 11.76 3.51 0.64
C LYS A 45 12.83 2.42 0.54
N TYR A 46 13.52 2.16 1.66
CA TYR A 46 14.54 1.10 1.70
C TYR A 46 13.96 -0.28 1.43
N LEU A 47 12.78 -0.54 1.99
CA LEU A 47 12.12 -1.84 1.85
C LEU A 47 11.44 -1.98 0.49
N GLU A 48 10.76 -0.92 0.04
CA GLU A 48 10.09 -0.95 -1.26
C GLU A 48 11.08 -1.19 -2.40
N ASP A 49 12.25 -0.55 -2.33
CA ASP A 49 13.32 -0.77 -3.30
C ASP A 49 13.71 -2.24 -3.43
N ARG A 50 13.52 -3.01 -2.36
CA ARG A 50 13.85 -4.43 -2.34
C ARG A 50 12.62 -5.33 -2.43
N GLY A 51 11.46 -4.73 -2.74
CA GLY A 51 10.20 -5.46 -2.82
C GLY A 51 9.87 -6.24 -1.57
N GLU A 52 10.24 -5.68 -0.42
CA GLU A 52 10.03 -6.32 0.87
C GLU A 52 8.68 -5.95 1.46
N VAL A 53 7.98 -5.00 0.84
CA VAL A 53 6.74 -4.46 1.39
C VAL A 53 5.53 -5.14 0.78
N THR A 54 5.62 -6.46 0.61
CA THR A 54 4.52 -7.25 0.10
C THR A 54 3.94 -8.10 1.23
N PHE A 55 2.69 -8.51 1.06
CA PHE A 55 2.02 -9.31 2.09
C PHE A 55 2.77 -10.60 2.39
N GLU A 56 3.18 -11.33 1.37
CA GLU A 56 3.89 -12.59 1.56
C GLU A 56 5.25 -12.41 2.22
N LYS A 57 5.91 -11.28 1.96
CA LYS A 57 7.19 -10.99 2.59
C LYS A 57 7.03 -10.63 4.07
N ILE A 58 6.05 -9.78 4.38
CA ILE A 58 5.86 -9.27 5.74
C ILE A 58 5.08 -10.22 6.64
N PHE A 59 4.02 -10.82 6.11
CA PHE A 59 3.17 -11.75 6.88
C PHE A 59 3.95 -13.00 7.29
N SER A 60 4.93 -13.38 6.48
CA SER A 60 5.79 -14.53 6.75
C SER A 60 6.71 -14.29 7.95
N GLN A 61 7.26 -13.08 8.05
CA GLN A 61 8.10 -12.70 9.18
C GLN A 61 7.26 -12.67 10.45
N LYS A 62 7.82 -13.14 11.57
CA LYS A 62 7.03 -13.24 12.81
C LYS A 62 6.57 -11.88 13.33
N LEU A 63 7.49 -10.91 13.40
CA LEU A 63 7.16 -9.59 13.91
C LEU A 63 6.19 -8.83 13.00
N GLY A 64 6.17 -9.17 11.72
CA GLY A 64 5.20 -8.60 10.80
C GLY A 64 3.82 -9.14 11.07
N TYR A 65 3.74 -10.46 11.22
CA TYR A 65 2.48 -11.11 11.55
C TYR A 65 1.90 -10.53 12.83
N LEU A 66 2.74 -10.42 13.86
CA LEU A 66 2.30 -9.94 15.16
C LEU A 66 1.77 -8.51 15.10
N LEU A 67 2.43 -7.65 14.34
CA LEU A 67 1.95 -6.28 14.13
C LEU A 67 0.73 -6.26 13.24
N PHE A 68 0.76 -7.07 12.18
CA PHE A 68 -0.36 -7.15 11.24
C PHE A 68 -1.63 -7.61 11.92
N ARG A 69 -1.52 -8.62 12.78
CA ARG A 69 -2.71 -9.18 13.44
C ARG A 69 -3.27 -8.26 14.52
N ASP A 70 -2.42 -7.48 15.15
CA ASP A 70 -2.89 -6.46 16.08
C ASP A 70 -3.74 -5.44 15.34
N PHE A 71 -3.27 -5.00 14.17
CA PHE A 71 -4.01 -4.04 13.35
C PHE A 71 -5.41 -4.54 12.97
N CYS A 72 -5.49 -5.79 12.49
CA CYS A 72 -6.75 -6.37 12.05
C CYS A 72 -7.76 -6.47 13.20
N LEU A 73 -7.29 -6.95 14.34
CA LEU A 73 -8.16 -7.16 15.49
C LEU A 73 -8.60 -5.84 16.12
N LYS A 74 -7.63 -4.97 16.40
CA LYS A 74 -7.89 -3.71 17.12
C LYS A 74 -8.60 -2.65 16.27
N HIS A 75 -8.16 -2.49 15.02
CA HIS A 75 -8.63 -1.37 14.20
C HIS A 75 -9.68 -1.79 13.17
N LEU A 76 -9.31 -2.64 12.22
CA LEU A 76 -10.22 -3.05 11.14
C LEU A 76 -11.41 -3.87 11.63
N GLU A 77 -12.50 -3.81 10.87
CA GLU A 77 -13.75 -4.48 11.22
C GLU A 77 -13.82 -5.86 10.60
N GLU A 78 -13.77 -5.91 9.27
CA GLU A 78 -13.92 -7.17 8.53
C GLU A 78 -12.62 -7.98 8.43
N ALA A 79 -11.51 -7.38 8.81
CA ALA A 79 -10.24 -8.11 8.91
C ALA A 79 -10.23 -9.03 10.13
N LYS A 80 -10.79 -8.55 11.24
CA LYS A 80 -10.79 -9.26 12.52
C LYS A 80 -11.18 -10.74 12.44
N PRO A 81 -12.39 -11.06 11.90
CA PRO A 81 -12.81 -12.46 11.87
C PRO A 81 -11.98 -13.37 10.96
N LEU A 82 -11.26 -12.78 10.00
CA LEU A 82 -10.37 -13.54 9.13
C LEU A 82 -9.10 -13.97 9.86
N VAL A 83 -8.55 -13.05 10.66
CA VAL A 83 -7.37 -13.37 11.48
C VAL A 83 -7.73 -14.44 12.50
N GLU A 84 -8.89 -14.29 13.12
CA GLU A 84 -9.38 -15.25 14.11
C GLU A 84 -9.55 -16.65 13.52
N PHE A 85 -10.07 -16.72 12.30
CA PHE A 85 -10.15 -17.97 11.56
C PHE A 85 -8.73 -18.51 11.38
N TYR A 86 -7.85 -17.68 10.86
CA TYR A 86 -6.46 -18.07 10.66
C TYR A 86 -5.80 -18.50 11.97
N GLU A 87 -6.17 -17.82 13.06
CA GLU A 87 -5.64 -18.15 14.39
C GLU A 87 -6.12 -19.53 14.85
N GLU A 88 -7.43 -19.74 14.86
CA GLU A 88 -8.02 -21.00 15.30
C GLU A 88 -7.56 -22.20 14.47
N ILE A 89 -7.36 -22.00 13.17
CA ILE A 89 -6.81 -23.06 12.32
C ILE A 89 -5.38 -23.37 12.75
N LYS A 90 -4.59 -22.32 12.97
CA LYS A 90 -3.20 -22.51 13.38
C LYS A 90 -3.10 -23.27 14.71
N LYS A 91 -4.07 -23.04 15.60
CA LYS A 91 -4.17 -23.81 16.85
C LYS A 91 -4.56 -25.26 16.55
N TYR A 92 -5.49 -25.44 15.63
CA TYR A 92 -5.91 -26.77 15.19
C TYR A 92 -4.71 -27.58 14.71
N GLU A 93 -3.88 -26.99 13.85
CA GLU A 93 -2.69 -27.64 13.29
C GLU A 93 -1.77 -28.25 14.36
N LYS A 94 -1.60 -27.52 15.47
CA LYS A 94 -0.68 -27.92 16.54
C LYS A 94 -1.33 -28.82 17.60
N LEU A 95 -2.60 -29.15 17.42
CA LEU A 95 -3.26 -30.13 18.29
C LEU A 95 -2.65 -31.51 18.07
N GLU A 96 -2.45 -32.24 19.17
CA GLU A 96 -1.69 -33.49 19.16
C GLU A 96 -2.56 -34.70 18.84
N THR A 97 -3.53 -34.98 19.71
CA THR A 97 -4.37 -36.16 19.56
C THR A 97 -5.47 -35.92 18.53
N GLU A 98 -5.99 -37.02 17.98
CA GLU A 98 -7.11 -36.96 17.03
C GLU A 98 -8.42 -36.68 17.75
N GLU A 99 -8.58 -37.22 18.95
CA GLU A 99 -9.76 -36.99 19.77
C GLU A 99 -9.96 -35.49 20.04
N GLU A 100 -8.86 -34.75 20.15
CA GLU A 100 -8.89 -33.27 20.26
C GLU A 100 -9.27 -32.62 18.94
N ARG A 101 -8.55 -32.98 17.89
CA ARG A 101 -8.77 -32.43 16.54
C ARG A 101 -10.17 -32.69 15.99
N LEU A 102 -10.79 -33.78 16.44
CA LEU A 102 -12.14 -34.11 16.03
C LEU A 102 -13.14 -33.15 16.69
N VAL A 103 -12.96 -32.91 17.99
CA VAL A 103 -13.79 -31.94 18.70
C VAL A 103 -13.61 -30.55 18.10
N CYS A 104 -12.35 -30.19 17.88
CA CYS A 104 -11.99 -28.86 17.42
C CYS A 104 -12.46 -28.55 16.00
N SER A 105 -12.26 -29.50 15.09
CA SER A 105 -12.63 -29.31 13.69
C SER A 105 -14.10 -28.92 13.52
N ARG A 106 -14.97 -29.39 14.41
CA ARG A 106 -16.36 -29.02 14.37
C ARG A 106 -16.59 -27.56 14.77
N GLU A 107 -16.07 -27.16 15.92
CA GLU A 107 -16.27 -25.78 16.42
C GLU A 107 -15.76 -24.75 15.43
N ILE A 108 -14.60 -25.03 14.83
CA ILE A 108 -14.06 -24.17 13.78
C ILE A 108 -15.07 -24.09 12.62
N PHE A 109 -15.54 -25.25 12.18
CA PHE A 109 -16.52 -25.33 11.10
C PHE A 109 -17.82 -24.63 11.47
N ASP A 110 -18.40 -25.02 12.59
CA ASP A 110 -19.67 -24.47 13.05
C ASP A 110 -19.64 -22.95 13.25
N THR A 111 -18.51 -22.42 13.71
CA THR A 111 -18.41 -21.00 14.02
C THR A 111 -17.99 -20.18 12.82
N TYR A 112 -16.94 -20.60 12.14
CA TYR A 112 -16.35 -19.79 11.06
C TYR A 112 -16.89 -20.13 9.68
N ILE A 113 -17.25 -21.39 9.46
CA ILE A 113 -17.80 -21.82 8.17
C ILE A 113 -19.33 -21.82 8.18
N MET A 114 -19.94 -22.68 8.99
CA MET A 114 -21.40 -22.87 8.94
C MET A 114 -22.19 -21.61 9.32
N LYS A 115 -21.82 -20.96 10.41
CA LYS A 115 -22.56 -19.80 10.93
C LYS A 115 -22.60 -18.67 9.90
N GLU A 116 -21.45 -18.40 9.28
CA GLU A 116 -21.36 -17.41 8.20
C GLU A 116 -21.95 -17.90 6.88
N LEU A 117 -21.83 -19.20 6.61
CA LEU A 117 -22.34 -19.79 5.37
C LEU A 117 -23.87 -19.81 5.31
N LEU A 118 -24.51 -20.07 6.45
CA LEU A 118 -25.98 -20.00 6.56
C LEU A 118 -26.51 -18.62 6.18
N ALA A 119 -25.82 -17.56 6.62
CA ALA A 119 -26.24 -16.18 6.36
C ALA A 119 -25.68 -15.60 5.06
N CYS A 120 -24.88 -16.39 4.33
CA CYS A 120 -24.26 -15.97 3.06
C CYS A 120 -23.21 -14.87 3.21
N SER A 121 -22.66 -14.70 4.41
CA SER A 121 -21.58 -13.76 4.63
C SER A 121 -20.24 -14.51 4.72
N HIS A 122 -20.11 -15.61 3.98
CA HIS A 122 -18.92 -16.45 4.00
C HIS A 122 -18.18 -16.30 2.68
N PRO A 123 -17.12 -15.46 2.65
CA PRO A 123 -16.47 -15.12 1.40
C PRO A 123 -15.36 -16.12 1.04
N PHE A 124 -15.75 -17.35 0.74
CA PHE A 124 -14.80 -18.40 0.40
C PHE A 124 -15.36 -19.30 -0.70
N SER A 125 -14.48 -20.05 -1.34
CA SER A 125 -14.85 -20.86 -2.49
C SER A 125 -15.68 -22.07 -2.08
N LYS A 126 -16.46 -22.57 -3.03
CA LYS A 126 -17.21 -23.81 -2.86
C LYS A 126 -16.23 -24.98 -2.76
N SER A 127 -15.12 -24.88 -3.50
CA SER A 127 -14.04 -25.86 -3.48
C SER A 127 -13.52 -26.10 -2.06
N ALA A 128 -13.16 -25.02 -1.38
CA ALA A 128 -12.63 -25.07 -0.01
C ALA A 128 -13.65 -25.62 0.97
N ILE A 129 -14.89 -25.15 0.85
CA ILE A 129 -15.99 -25.62 1.69
C ILE A 129 -16.19 -27.11 1.48
N GLU A 130 -16.32 -27.52 0.21
CA GLU A 130 -16.51 -28.92 -0.12
C GLU A 130 -15.32 -29.78 0.32
N HIS A 131 -14.11 -29.23 0.22
CA HIS A 131 -12.91 -29.95 0.63
C HIS A 131 -13.00 -30.37 2.11
N VAL A 132 -13.44 -29.44 2.96
CA VAL A 132 -13.52 -29.69 4.40
C VAL A 132 -14.68 -30.62 4.75
N GLN A 133 -15.86 -30.39 4.18
CA GLN A 133 -16.99 -31.29 4.34
C GLN A 133 -16.60 -32.69 3.90
N GLY A 134 -16.00 -32.79 2.70
CA GLY A 134 -15.51 -34.05 2.16
C GLY A 134 -14.64 -34.85 3.11
N HIS A 135 -13.87 -34.15 3.92
CA HIS A 135 -13.08 -34.79 4.97
C HIS A 135 -13.92 -35.06 6.22
N LEU A 136 -14.52 -34.01 6.79
CA LEU A 136 -15.26 -34.14 8.05
C LEU A 136 -16.39 -35.15 8.02
N VAL A 137 -17.06 -35.28 6.87
CA VAL A 137 -18.11 -36.29 6.68
C VAL A 137 -17.50 -37.68 6.87
N LYS A 138 -16.33 -37.90 6.26
CA LYS A 138 -15.59 -39.16 6.43
C LYS A 138 -14.85 -39.24 7.78
N LYS A 139 -15.22 -38.37 8.72
CA LYS A 139 -14.71 -38.40 10.10
C LYS A 139 -13.20 -38.23 10.25
N GLN A 140 -12.52 -37.85 9.17
CA GLN A 140 -11.05 -37.77 9.17
C GLN A 140 -10.61 -36.31 9.39
N VAL A 141 -9.61 -36.13 10.25
CA VAL A 141 -9.16 -34.80 10.66
C VAL A 141 -7.64 -34.62 10.54
N PRO A 142 -7.12 -34.59 9.29
CA PRO A 142 -5.72 -34.27 9.06
C PRO A 142 -5.34 -32.92 9.67
N PRO A 143 -4.15 -32.79 10.27
CA PRO A 143 -3.77 -31.48 10.83
C PRO A 143 -3.73 -30.35 9.79
N ASP A 144 -3.61 -30.70 8.51
CA ASP A 144 -3.71 -29.74 7.41
C ASP A 144 -5.11 -29.71 6.78
N LEU A 145 -6.12 -30.15 7.54
CA LEU A 145 -7.50 -30.18 7.05
C LEU A 145 -7.93 -28.82 6.51
N PHE A 146 -7.67 -27.78 7.29
CA PHE A 146 -8.09 -26.43 6.93
C PHE A 146 -7.07 -25.67 6.08
N GLN A 147 -6.09 -26.37 5.51
CA GLN A 147 -5.03 -25.72 4.73
C GLN A 147 -5.54 -24.92 3.52
N PRO A 148 -6.53 -25.45 2.77
CA PRO A 148 -7.12 -24.66 1.69
C PRO A 148 -7.76 -23.36 2.14
N TYR A 149 -8.38 -23.37 3.33
CA TYR A 149 -8.93 -22.14 3.90
C TYR A 149 -7.82 -21.14 4.23
N ILE A 150 -6.70 -21.62 4.78
CA ILE A 150 -5.56 -20.76 5.09
C ILE A 150 -5.17 -19.91 3.88
N GLU A 151 -5.01 -20.55 2.73
CA GLU A 151 -4.66 -19.85 1.51
C GLU A 151 -5.70 -18.77 1.15
N GLU A 152 -6.98 -19.10 1.28
CA GLU A 152 -8.06 -18.16 0.90
C GLU A 152 -8.27 -17.02 1.90
N ILE A 153 -7.76 -17.19 3.12
CA ILE A 153 -7.79 -16.11 4.11
C ILE A 153 -6.77 -15.05 3.71
N CYS A 154 -5.70 -15.46 3.04
CA CYS A 154 -4.71 -14.51 2.51
C CYS A 154 -5.32 -13.64 1.44
N GLN A 155 -5.90 -14.27 0.41
CA GLN A 155 -6.53 -13.53 -0.67
C GLN A 155 -7.37 -12.38 -0.13
N ASN A 156 -8.14 -12.65 0.92
CA ASN A 156 -8.97 -11.61 1.56
C ASN A 156 -8.16 -10.55 2.32
N LEU A 157 -7.07 -10.96 2.97
CA LEU A 157 -6.19 -10.05 3.71
C LEU A 157 -5.10 -9.41 2.84
N ARG A 158 -4.87 -9.97 1.65
CA ARG A 158 -3.76 -9.58 0.79
C ARG A 158 -4.04 -8.30 0.01
N GLY A 159 -5.32 -8.03 -0.24
CA GLY A 159 -5.74 -6.88 -1.03
C GLY A 159 -5.81 -5.59 -0.22
N ASP A 160 -7.01 -5.04 -0.11
CA ASP A 160 -7.24 -3.76 0.58
C ASP A 160 -6.73 -3.79 2.02
N VAL A 161 -6.96 -4.91 2.70
CA VAL A 161 -6.62 -5.03 4.12
C VAL A 161 -5.13 -4.83 4.36
N PHE A 162 -4.30 -5.35 3.46
CA PHE A 162 -2.85 -5.17 3.55
C PHE A 162 -2.46 -3.72 3.29
N GLN A 163 -3.12 -3.08 2.33
CA GLN A 163 -2.87 -1.68 2.00
C GLN A 163 -3.25 -0.76 3.15
N LYS A 164 -4.37 -1.05 3.80
CA LYS A 164 -4.81 -0.28 4.97
C LYS A 164 -3.82 -0.42 6.12
N PHE A 165 -3.20 -1.60 6.23
CA PHE A 165 -2.18 -1.83 7.24
C PHE A 165 -0.92 -1.05 6.93
N ILE A 166 -0.50 -1.07 5.67
CA ILE A 166 0.66 -0.29 5.25
C ILE A 166 0.43 1.18 5.58
N GLU A 167 -0.79 1.65 5.38
CA GLU A 167 -1.14 3.04 5.72
C GLU A 167 -1.12 3.32 7.22
N SER A 168 -1.32 2.29 8.03
CA SER A 168 -1.48 2.45 9.49
C SER A 168 -0.16 2.63 10.26
N ASP A 169 -0.32 2.96 11.54
CA ASP A 169 0.80 3.16 12.47
C ASP A 169 1.54 1.85 12.78
N LYS A 170 0.87 0.73 12.57
CA LYS A 170 1.45 -0.56 12.87
C LYS A 170 2.53 -0.92 11.84
N PHE A 171 2.37 -0.48 10.60
CA PHE A 171 3.44 -0.65 9.62
C PHE A 171 4.63 0.24 9.98
N THR A 172 4.33 1.45 10.46
CA THR A 172 5.36 2.35 10.95
C THR A 172 6.18 1.66 12.03
N ARG A 173 5.49 0.98 12.95
CA ARG A 173 6.15 0.24 14.03
C ARG A 173 7.01 -0.89 13.49
N PHE A 174 6.51 -1.58 12.46
CA PHE A 174 7.28 -2.63 11.80
C PHE A 174 8.58 -2.09 11.22
N CYS A 175 8.52 -0.90 10.61
CA CYS A 175 9.71 -0.27 10.06
C CYS A 175 10.74 0.03 11.14
N GLN A 176 10.27 0.49 12.29
CA GLN A 176 11.15 0.78 13.43
C GLN A 176 11.90 -0.48 13.84
N TRP A 177 11.16 -1.55 14.09
CA TRP A 177 11.72 -2.87 14.43
C TRP A 177 12.63 -3.44 13.34
N LYS A 178 12.25 -3.22 12.09
CA LYS A 178 13.02 -3.71 10.95
C LYS A 178 14.33 -2.94 10.81
N ASN A 179 14.31 -1.66 11.20
CA ASN A 179 15.52 -0.85 11.22
C ASN A 179 16.54 -1.41 12.21
N VAL A 180 16.05 -1.77 13.39
CA VAL A 180 16.89 -2.35 14.44
C VAL A 180 17.56 -3.61 13.93
N GLU A 181 16.76 -4.47 13.30
CA GLU A 181 17.23 -5.72 12.71
C GLU A 181 18.36 -5.45 11.72
N LEU A 182 18.10 -4.57 10.77
CA LEU A 182 19.02 -4.33 9.68
C LEU A 182 20.24 -3.50 10.07
N ASN A 183 20.25 -2.99 11.30
CA ASN A 183 21.41 -2.29 11.84
C ASN A 183 22.09 -3.08 12.98
N ILE A 184 21.93 -4.40 12.97
CA ILE A 184 22.59 -5.23 13.96
C ILE A 184 24.09 -5.30 13.69
N HIS A 185 24.86 -4.83 14.67
CA HIS A 185 26.31 -5.01 14.69
C HIS A 185 26.68 -5.55 16.05
N LEU A 186 27.34 -6.70 16.07
CA LEU A 186 27.61 -7.39 17.33
C LEU A 186 29.08 -7.41 17.69
N THR A 187 29.40 -6.66 18.75
CA THR A 187 30.62 -6.85 19.51
C THR A 187 30.30 -7.90 20.56
N MET A 188 31.23 -8.14 21.46
CA MET A 188 30.99 -9.05 22.56
C MET A 188 30.36 -8.35 23.76
N ASN A 189 30.40 -7.02 23.79
CA ASN A 189 29.76 -6.25 24.85
C ASN A 189 28.24 -6.51 24.95
N ASP A 190 27.66 -7.08 23.90
CA ASP A 190 26.23 -7.40 23.86
C ASP A 190 25.89 -8.71 24.59
N PHE A 191 26.93 -9.46 24.98
CA PHE A 191 26.77 -10.75 25.65
C PHE A 191 27.42 -10.78 27.04
N SER A 192 26.66 -11.20 28.04
CA SER A 192 27.20 -11.56 29.35
C SER A 192 27.64 -13.02 29.26
N VAL A 193 28.87 -13.32 29.69
CA VAL A 193 29.43 -14.68 29.59
C VAL A 193 29.38 -15.43 30.93
N HIS A 194 28.46 -16.37 31.05
CA HIS A 194 28.15 -17.01 32.33
C HIS A 194 29.12 -18.14 32.71
N ARG A 195 29.52 -18.96 31.74
CA ARG A 195 30.42 -20.10 32.00
C ARG A 195 31.40 -20.33 30.84
N ILE A 196 32.19 -21.39 30.97
CA ILE A 196 32.99 -21.94 29.87
C ILE A 196 32.55 -23.40 29.68
N ILE A 197 31.97 -23.70 28.53
CA ILE A 197 31.29 -24.99 28.32
C ILE A 197 32.03 -25.94 27.35
N GLY A 198 33.09 -25.46 26.69
CA GLY A 198 33.81 -26.33 25.77
C GLY A 198 35.20 -25.87 25.37
N ARG A 199 35.93 -26.78 24.74
CA ARG A 199 37.15 -26.50 23.99
C ARG A 199 37.01 -27.14 22.63
N GLY A 200 37.79 -26.70 21.65
CA GLY A 200 37.66 -27.20 20.29
C GLY A 200 38.98 -27.24 19.53
N GLY A 201 38.88 -27.39 18.22
CA GLY A 201 40.05 -27.45 17.36
C GLY A 201 40.78 -26.13 17.22
N PHE A 202 40.01 -25.03 17.21
CA PHE A 202 40.57 -23.69 17.02
C PHE A 202 40.13 -22.66 18.06
N GLY A 203 39.47 -23.10 19.13
CA GLY A 203 39.00 -22.19 20.16
C GLY A 203 37.93 -22.77 21.06
N GLU A 204 37.74 -22.13 22.21
CA GLU A 204 36.79 -22.60 23.23
C GLU A 204 35.33 -22.22 22.89
N VAL A 205 34.41 -22.65 23.75
CA VAL A 205 32.99 -22.38 23.56
C VAL A 205 32.36 -21.99 24.90
N TYR A 206 31.80 -20.79 24.96
CA TYR A 206 31.18 -20.31 26.20
C TYR A 206 29.67 -20.51 26.19
N GLY A 207 29.06 -20.25 27.34
CA GLY A 207 27.61 -20.24 27.49
C GLY A 207 27.20 -18.90 28.04
N CYS A 208 26.41 -18.16 27.26
CA CYS A 208 26.24 -16.74 27.48
C CYS A 208 24.78 -16.28 27.42
N ARG A 209 24.58 -15.02 27.76
CA ARG A 209 23.28 -14.41 27.76
C ARG A 209 23.40 -13.13 26.94
N LYS A 210 22.56 -12.96 25.94
CA LYS A 210 22.53 -11.72 25.17
C LYS A 210 21.81 -10.67 26.00
N ALA A 211 22.50 -9.58 26.31
CA ALA A 211 21.98 -8.57 27.23
C ALA A 211 20.69 -7.91 26.73
N ASP A 212 20.58 -7.79 25.42
CA ASP A 212 19.43 -7.13 24.76
C ASP A 212 18.11 -7.76 25.20
N THR A 213 18.01 -9.08 25.07
CA THR A 213 16.80 -9.83 25.35
C THR A 213 16.90 -10.78 26.56
N GLY A 214 18.13 -11.15 26.93
CA GLY A 214 18.35 -12.10 28.02
C GLY A 214 18.33 -13.55 27.55
N LYS A 215 18.19 -13.76 26.24
CA LYS A 215 18.19 -15.11 25.68
C LYS A 215 19.53 -15.77 25.94
N MET A 216 19.51 -17.04 26.36
CA MET A 216 20.74 -17.80 26.60
C MET A 216 21.22 -18.44 25.29
N TYR A 217 22.52 -18.35 25.03
CA TYR A 217 23.13 -18.91 23.83
C TYR A 217 24.46 -19.54 24.15
N ALA A 218 25.01 -20.25 23.18
CA ALA A 218 26.37 -20.78 23.26
C ALA A 218 27.21 -20.08 22.21
N MET A 219 28.37 -19.56 22.62
CA MET A 219 29.23 -18.79 21.73
C MET A 219 30.44 -19.60 21.29
N LYS A 220 30.35 -20.27 20.15
CA LYS A 220 31.51 -20.98 19.60
C LYS A 220 32.51 -19.96 19.08
N CYS A 221 33.47 -19.63 19.91
CA CYS A 221 34.45 -18.60 19.61
C CYS A 221 35.73 -19.23 19.09
N LEU A 222 36.26 -18.71 17.97
CA LEU A 222 37.46 -19.26 17.35
C LEU A 222 38.57 -18.21 17.20
N ASP A 223 39.81 -18.63 17.42
CA ASP A 223 40.97 -17.76 17.20
C ASP A 223 41.37 -17.83 15.72
N LYS A 224 41.37 -16.67 15.05
CA LYS A 224 41.75 -16.58 13.63
C LYS A 224 43.19 -17.03 13.35
N LYS A 225 44.09 -16.77 14.29
CA LYS A 225 45.51 -17.12 14.13
C LYS A 225 45.70 -18.63 14.06
N ARG A 226 45.10 -19.34 15.03
CA ARG A 226 45.12 -20.80 15.05
C ARG A 226 44.61 -21.43 13.75
N ILE A 227 43.70 -20.73 13.07
CA ILE A 227 43.13 -21.23 11.81
C ILE A 227 44.22 -21.42 10.77
N LYS A 228 44.91 -20.32 10.43
CA LYS A 228 45.96 -20.34 9.40
C LYS A 228 47.17 -21.16 9.84
N MET A 229 47.38 -21.24 11.15
CA MET A 229 48.45 -22.06 11.72
C MET A 229 48.20 -23.56 11.48
N LYS A 230 46.93 -23.95 11.41
CA LYS A 230 46.55 -25.31 11.03
C LYS A 230 45.86 -25.31 9.65
N GLN A 231 46.19 -24.32 8.83
CA GLN A 231 45.61 -24.13 7.48
C GLN A 231 44.16 -24.60 7.37
N GLY A 232 43.33 -24.21 8.34
CA GLY A 232 41.93 -24.66 8.42
C GLY A 232 40.92 -23.58 8.11
N GLU A 233 41.23 -22.68 7.18
CA GLU A 233 40.31 -21.61 6.78
C GLU A 233 39.09 -22.15 6.02
N THR A 234 39.25 -23.31 5.38
CA THR A 234 38.16 -23.93 4.61
C THR A 234 37.03 -24.42 5.52
N LEU A 235 37.39 -25.25 6.51
CA LEU A 235 36.39 -25.83 7.40
C LEU A 235 35.78 -24.83 8.39
N ALA A 236 36.39 -23.65 8.53
CA ALA A 236 35.81 -22.57 9.32
C ALA A 236 34.73 -21.86 8.51
N LEU A 237 35.06 -21.50 7.28
CA LEU A 237 34.12 -20.81 6.38
C LEU A 237 33.01 -21.75 5.89
N ASN A 238 33.34 -23.03 5.73
CA ASN A 238 32.33 -24.04 5.37
C ASN A 238 31.28 -24.15 6.46
N GLU A 239 31.73 -24.15 7.72
CA GLU A 239 30.82 -24.19 8.86
C GLU A 239 29.83 -23.03 8.82
N ARG A 240 30.33 -21.83 8.51
CA ARG A 240 29.48 -20.63 8.48
C ARG A 240 28.44 -20.70 7.37
N ILE A 241 28.84 -21.20 6.20
CA ILE A 241 27.93 -21.35 5.08
C ILE A 241 26.91 -22.46 5.38
N MET A 242 27.38 -23.57 5.94
CA MET A 242 26.51 -24.70 6.26
C MET A 242 25.52 -24.38 7.37
N LEU A 243 26.01 -23.74 8.44
CA LEU A 243 25.14 -23.27 9.52
C LEU A 243 24.09 -22.31 9.01
N SER A 244 24.46 -21.48 8.03
CA SER A 244 23.54 -20.52 7.44
C SER A 244 22.41 -21.22 6.69
N LEU A 245 22.75 -22.24 5.91
CA LEU A 245 21.74 -23.01 5.18
C LEU A 245 20.79 -23.75 6.10
N VAL A 246 21.33 -24.25 7.21
CA VAL A 246 20.58 -25.08 8.14
C VAL A 246 19.73 -24.27 9.13
N SER A 247 20.26 -23.16 9.61
CA SER A 247 19.69 -22.45 10.77
C SER A 247 18.27 -21.91 10.56
N THR A 248 17.92 -21.61 9.31
CA THR A 248 16.56 -21.16 9.00
C THR A 248 15.59 -22.34 9.05
N GLY A 249 14.31 -22.05 9.31
CA GLY A 249 13.32 -23.08 9.54
C GLY A 249 13.56 -23.70 10.89
N ASP A 250 12.66 -23.45 11.85
CA ASP A 250 12.88 -23.84 13.25
C ASP A 250 13.07 -25.35 13.42
N CYS A 251 14.24 -25.73 13.91
CA CYS A 251 14.63 -27.13 13.99
C CYS A 251 15.02 -27.51 15.43
N PRO A 252 14.24 -28.41 16.06
CA PRO A 252 14.60 -28.87 17.40
C PRO A 252 15.88 -29.71 17.53
N PHE A 253 16.39 -30.30 16.44
CA PHE A 253 17.45 -31.32 16.52
C PHE A 253 18.76 -30.98 15.81
N ILE A 254 19.05 -29.69 15.66
CA ILE A 254 20.34 -29.22 15.18
C ILE A 254 20.78 -28.01 15.99
N VAL A 255 22.06 -27.95 16.33
CA VAL A 255 22.63 -26.79 17.02
C VAL A 255 22.71 -25.69 15.98
N CYS A 256 21.69 -24.83 15.96
CA CYS A 256 21.55 -23.82 14.91
C CYS A 256 22.22 -22.50 15.27
N MET A 257 22.48 -21.70 14.25
CA MET A 257 23.10 -20.40 14.40
C MET A 257 22.02 -19.32 14.49
N SER A 258 22.31 -18.28 15.27
CA SER A 258 21.45 -17.10 15.35
C SER A 258 22.20 -15.91 14.78
N TYR A 259 23.45 -15.73 15.21
CA TYR A 259 24.31 -14.67 14.73
C TYR A 259 25.70 -15.20 14.43
N ALA A 260 26.37 -14.58 13.47
CA ALA A 260 27.80 -14.78 13.25
C ALA A 260 28.45 -13.42 13.25
N PHE A 261 29.58 -13.30 13.94
CA PHE A 261 30.36 -12.06 13.90
C PHE A 261 31.82 -12.32 14.23
N HIS A 262 32.64 -11.28 14.12
CA HIS A 262 34.05 -11.38 14.48
C HIS A 262 34.58 -10.08 15.08
N THR A 263 35.55 -10.23 15.98
CA THR A 263 36.41 -9.13 16.41
C THR A 263 37.68 -9.27 15.54
N PRO A 264 38.67 -8.36 15.71
CA PRO A 264 39.84 -8.42 14.81
C PRO A 264 40.55 -9.77 14.79
N ASP A 265 40.65 -10.43 15.95
CA ASP A 265 41.35 -11.72 16.09
C ASP A 265 40.43 -12.91 16.37
N LYS A 266 39.22 -12.65 16.86
CA LYS A 266 38.27 -13.72 17.25
C LYS A 266 37.11 -13.84 16.26
N LEU A 267 36.67 -15.08 16.05
CA LEU A 267 35.62 -15.40 15.10
C LEU A 267 34.50 -16.09 15.87
N SER A 268 33.29 -15.52 15.85
CA SER A 268 32.21 -16.01 16.72
C SER A 268 30.99 -16.56 15.97
N PHE A 269 30.47 -17.66 16.49
CA PHE A 269 29.13 -18.13 16.16
C PHE A 269 28.31 -18.10 17.44
N ILE A 270 27.07 -17.64 17.35
CA ILE A 270 26.15 -17.70 18.48
C ILE A 270 25.16 -18.82 18.21
N LEU A 271 25.35 -19.95 18.88
CA LEU A 271 24.57 -21.16 18.64
C LEU A 271 23.59 -21.45 19.78
N ASP A 272 22.75 -22.46 19.59
CA ASP A 272 21.83 -22.90 20.64
C ASP A 272 22.61 -23.51 21.80
N LEU A 273 22.15 -23.25 23.02
CA LEU A 273 22.89 -23.62 24.22
C LEU A 273 22.66 -25.09 24.62
N MET A 274 23.67 -25.93 24.38
CA MET A 274 23.65 -27.34 24.78
C MET A 274 24.52 -27.58 26.02
N ASN A 275 23.95 -27.26 27.17
CA ASN A 275 24.66 -27.36 28.45
C ASN A 275 24.81 -28.79 28.98
N GLY A 276 24.24 -29.78 28.30
CA GLY A 276 24.25 -31.17 28.78
C GLY A 276 25.38 -32.07 28.30
N GLY A 277 26.39 -31.50 27.64
CA GLY A 277 27.54 -32.27 27.18
C GLY A 277 27.23 -33.18 26.02
N ASP A 278 28.23 -33.93 25.55
CA ASP A 278 28.07 -34.73 24.33
C ASP A 278 27.79 -36.22 24.61
N LEU A 279 27.38 -36.94 23.56
CA LEU A 279 26.88 -38.30 23.68
C LEU A 279 28.00 -39.34 23.78
N HIS A 280 29.21 -39.00 23.37
CA HIS A 280 30.35 -39.91 23.58
C HIS A 280 30.74 -39.93 25.05
N TYR A 281 30.85 -38.75 25.65
CA TYR A 281 31.12 -38.66 27.07
C TYR A 281 30.06 -39.44 27.85
N HIS A 282 28.80 -39.13 27.58
CA HIS A 282 27.68 -39.76 28.28
C HIS A 282 27.58 -41.25 28.00
N LEU A 283 28.11 -41.71 26.87
CA LEU A 283 28.21 -43.14 26.60
C LEU A 283 29.33 -43.75 27.45
N SER A 284 30.52 -43.19 27.35
CA SER A 284 31.68 -43.61 28.17
C SER A 284 31.33 -43.62 29.66
N GLN A 285 30.55 -42.64 30.09
CA GLN A 285 30.05 -42.55 31.46
C GLN A 285 29.00 -43.63 31.74
N HIS A 286 27.94 -43.65 30.94
CA HIS A 286 26.79 -44.54 31.15
C HIS A 286 27.05 -46.01 30.78
N GLY A 287 28.06 -46.25 29.96
CA GLY A 287 28.22 -47.55 29.30
C GLY A 287 27.33 -47.56 28.07
N VAL A 288 27.09 -48.74 27.49
CA VAL A 288 26.18 -48.84 26.34
C VAL A 288 24.74 -48.58 26.76
N PHE A 289 23.87 -48.37 25.77
CA PHE A 289 22.49 -48.01 26.03
C PHE A 289 21.55 -49.15 25.68
N SER A 290 20.35 -49.07 26.26
CA SER A 290 19.28 -50.00 25.96
C SER A 290 18.82 -49.83 24.52
N GLU A 291 17.98 -50.74 24.06
CA GLU A 291 17.42 -50.67 22.73
C GLU A 291 16.32 -49.61 22.69
N ALA A 292 15.52 -49.52 23.76
CA ALA A 292 14.47 -48.51 23.88
C ALA A 292 15.02 -47.12 24.16
N ASP A 293 16.16 -47.06 24.85
CA ASP A 293 16.85 -45.80 25.13
C ASP A 293 17.52 -45.26 23.87
N MET A 294 18.16 -46.14 23.11
CA MET A 294 18.81 -45.75 21.86
C MET A 294 17.77 -45.30 20.83
N ARG A 295 16.63 -46.00 20.79
CA ARG A 295 15.51 -45.65 19.93
C ARG A 295 15.18 -44.16 20.01
N PHE A 296 15.14 -43.65 21.23
CA PHE A 296 14.91 -42.23 21.47
C PHE A 296 15.92 -41.36 20.74
N TYR A 297 17.20 -41.58 21.01
CA TYR A 297 18.27 -40.80 20.39
C TYR A 297 18.22 -40.90 18.88
N ALA A 298 18.12 -42.11 18.36
CA ALA A 298 18.07 -42.33 16.91
C ALA A 298 16.97 -41.51 16.28
N ALA A 299 15.77 -41.55 16.87
CA ALA A 299 14.60 -40.87 16.29
C ALA A 299 14.78 -39.36 16.21
N GLU A 300 15.39 -38.77 17.23
CA GLU A 300 15.66 -37.33 17.25
C GLU A 300 16.80 -36.95 16.32
N ILE A 301 17.80 -37.82 16.20
CA ILE A 301 18.89 -37.64 15.24
C ILE A 301 18.37 -37.83 13.81
N ILE A 302 17.40 -38.72 13.65
CA ILE A 302 16.81 -38.95 12.33
C ILE A 302 16.11 -37.69 11.81
N LEU A 303 15.28 -37.06 12.65
CA LEU A 303 14.60 -35.83 12.26
C LEU A 303 15.59 -34.68 12.02
N GLY A 304 16.72 -34.71 12.73
CA GLY A 304 17.81 -33.78 12.48
C GLY A 304 18.43 -33.98 11.11
N LEU A 305 18.71 -35.23 10.77
CA LEU A 305 19.23 -35.58 9.45
C LEU A 305 18.21 -35.29 8.36
N GLU A 306 16.93 -35.52 8.65
CA GLU A 306 15.86 -35.22 7.70
C GLU A 306 15.85 -33.74 7.32
N HIS A 307 16.11 -32.88 8.31
CA HIS A 307 16.11 -31.43 8.13
C HIS A 307 17.22 -30.98 7.18
N MET A 308 18.42 -31.50 7.38
CA MET A 308 19.58 -31.14 6.57
C MET A 308 19.48 -31.70 5.16
N HIS A 309 18.84 -32.85 5.04
CA HIS A 309 18.69 -33.51 3.75
C HIS A 309 17.63 -32.81 2.89
N ASN A 310 16.62 -32.24 3.54
CA ASN A 310 15.61 -31.44 2.84
C ASN A 310 16.15 -30.09 2.39
N ARG A 311 17.35 -29.76 2.83
CA ARG A 311 18.06 -28.57 2.37
C ARG A 311 19.34 -28.94 1.62
N PHE A 312 19.38 -30.18 1.14
CA PHE A 312 20.47 -30.69 0.34
C PHE A 312 21.83 -30.37 0.98
N VAL A 313 21.95 -30.78 2.24
CA VAL A 313 23.20 -30.72 2.99
C VAL A 313 23.52 -32.12 3.52
N VAL A 314 24.79 -32.50 3.49
CA VAL A 314 25.26 -33.75 4.08
C VAL A 314 26.15 -33.41 5.27
N TYR A 315 26.01 -34.18 6.36
CA TYR A 315 26.71 -33.89 7.60
C TYR A 315 28.11 -34.51 7.66
N ARG A 316 28.20 -35.78 7.26
CA ARG A 316 29.49 -36.47 7.07
C ARG A 316 30.27 -36.81 8.34
N ASP A 317 30.05 -36.08 9.43
CA ASP A 317 30.81 -36.26 10.67
C ASP A 317 29.92 -36.87 11.77
N LEU A 318 28.94 -37.68 11.37
CA LEU A 318 27.96 -38.22 12.29
C LEU A 318 28.59 -39.26 13.22
N LYS A 319 28.70 -38.90 14.49
CA LYS A 319 29.27 -39.77 15.53
C LYS A 319 28.90 -39.23 16.91
N PRO A 320 28.84 -40.10 17.93
CA PRO A 320 28.37 -39.71 19.27
C PRO A 320 28.93 -38.38 19.80
N ALA A 321 30.21 -38.13 19.55
CA ALA A 321 30.86 -36.88 20.00
C ALA A 321 30.21 -35.64 19.40
N ASN A 322 29.65 -35.76 18.20
CA ASN A 322 28.96 -34.67 17.52
C ASN A 322 27.46 -34.57 17.84
N ILE A 323 26.99 -35.36 18.79
CA ILE A 323 25.63 -35.22 19.32
C ILE A 323 25.73 -34.62 20.71
N LEU A 324 25.05 -33.50 20.93
CA LEU A 324 25.05 -32.82 22.22
C LEU A 324 23.69 -32.93 22.88
N LEU A 325 23.69 -32.94 24.21
CA LEU A 325 22.45 -33.01 24.98
C LEU A 325 22.19 -31.66 25.63
N ASP A 326 20.91 -31.29 25.72
CA ASP A 326 20.51 -30.08 26.43
C ASP A 326 20.32 -30.43 27.91
N GLU A 327 19.79 -29.48 28.67
CA GLU A 327 19.51 -29.67 30.10
C GLU A 327 18.64 -30.90 30.40
N HIS A 328 17.54 -31.05 29.65
CA HIS A 328 16.56 -32.11 29.91
C HIS A 328 16.99 -33.48 29.39
N GLY A 329 17.99 -33.51 28.50
CA GLY A 329 18.48 -34.77 27.95
C GLY A 329 18.08 -35.03 26.50
N HIS A 330 17.40 -34.06 25.87
CA HIS A 330 17.13 -34.10 24.44
C HIS A 330 18.40 -33.79 23.66
N VAL A 331 18.39 -34.07 22.37
CA VAL A 331 19.63 -34.03 21.57
C VAL A 331 19.58 -33.07 20.38
N ARG A 332 20.77 -32.70 19.92
CA ARG A 332 20.96 -31.88 18.72
C ARG A 332 22.28 -32.30 18.03
N ILE A 333 22.32 -32.20 16.70
CA ILE A 333 23.55 -32.50 15.96
C ILE A 333 24.42 -31.24 15.94
N SER A 334 25.74 -31.42 16.04
CA SER A 334 26.64 -30.30 16.33
C SER A 334 27.61 -29.96 15.17
N ASP A 335 28.92 -29.92 15.47
CA ASP A 335 29.98 -29.55 14.51
C ASP A 335 29.61 -29.71 13.03
N LEU A 336 29.07 -28.63 12.44
CA LEU A 336 28.72 -28.63 11.01
C LEU A 336 29.91 -28.36 10.10
N GLY A 337 31.10 -28.19 10.69
CA GLY A 337 32.31 -27.85 9.94
C GLY A 337 32.62 -28.75 8.77
N LEU A 338 32.44 -30.05 8.96
CA LEU A 338 32.72 -31.03 7.91
C LEU A 338 31.52 -31.28 6.99
N ALA A 339 30.45 -30.50 7.17
CA ALA A 339 29.23 -30.68 6.37
C ALA A 339 29.45 -30.23 4.92
N CYS A 340 28.43 -30.41 4.09
CA CYS A 340 28.59 -30.17 2.66
C CYS A 340 27.29 -30.02 1.87
N ASP A 341 27.26 -29.02 0.98
CA ASP A 341 26.11 -28.72 0.13
C ASP A 341 26.19 -29.50 -1.18
N PHE A 342 25.18 -30.33 -1.45
CA PHE A 342 25.17 -31.17 -2.66
C PHE A 342 24.04 -30.84 -3.65
N SER A 343 23.38 -29.69 -3.46
CA SER A 343 22.29 -29.28 -4.35
C SER A 343 22.78 -29.10 -5.79
N LYS A 344 23.97 -28.53 -5.93
CA LYS A 344 24.58 -28.33 -7.24
C LYS A 344 25.44 -29.54 -7.62
N LYS A 345 26.59 -29.69 -6.98
CA LYS A 345 27.52 -30.77 -7.31
C LYS A 345 27.81 -31.64 -6.09
N LYS A 346 27.99 -32.94 -6.32
CA LYS A 346 28.25 -33.91 -5.27
C LYS A 346 29.75 -34.05 -5.02
N PRO A 347 30.14 -34.26 -3.75
CA PRO A 347 31.55 -34.45 -3.39
C PRO A 347 32.02 -35.88 -3.67
N HIS A 348 33.28 -36.17 -3.36
CA HIS A 348 33.84 -37.52 -3.53
C HIS A 348 34.95 -37.93 -2.55
N ALA A 349 35.65 -36.96 -1.97
CA ALA A 349 36.74 -37.25 -1.03
C ALA A 349 36.24 -37.88 0.29
N SER A 350 37.16 -38.50 1.03
CA SER A 350 36.83 -39.19 2.27
C SER A 350 36.91 -38.25 3.48
N VAL A 351 35.80 -37.56 3.75
CA VAL A 351 35.74 -36.57 4.83
C VAL A 351 34.92 -37.11 6.01
N GLY A 352 35.43 -36.88 7.22
CA GLY A 352 34.77 -37.31 8.45
C GLY A 352 35.64 -38.28 9.22
N THR A 353 35.11 -38.77 10.34
CA THR A 353 35.81 -39.78 11.15
C THR A 353 35.71 -41.14 10.46
N HIS A 354 36.87 -41.73 10.16
CA HIS A 354 36.94 -42.93 9.32
C HIS A 354 36.55 -44.23 10.04
N GLY A 355 35.83 -44.13 11.15
CA GLY A 355 35.16 -45.27 11.76
C GLY A 355 33.69 -45.37 11.39
N TYR A 356 33.12 -44.26 10.94
CA TYR A 356 31.68 -44.16 10.63
C TYR A 356 31.38 -43.78 9.18
N MET A 357 32.42 -43.56 8.36
CA MET A 357 32.22 -43.13 6.97
C MET A 357 31.71 -44.28 6.11
N ALA A 358 30.98 -43.93 5.06
CA ALA A 358 30.37 -44.89 4.16
C ALA A 358 31.36 -45.37 3.10
N PRO A 359 30.99 -46.40 2.30
CA PRO A 359 31.88 -46.89 1.24
C PRO A 359 32.22 -45.85 0.16
N GLU A 360 31.23 -45.07 -0.28
CA GLU A 360 31.42 -44.13 -1.40
C GLU A 360 32.31 -42.96 -0.99
N VAL A 361 32.21 -42.57 0.28
CA VAL A 361 33.02 -41.48 0.83
C VAL A 361 34.49 -41.92 0.82
N LEU A 362 34.74 -43.13 1.32
CA LEU A 362 36.07 -43.73 1.33
C LEU A 362 36.64 -43.89 -0.08
N GLN A 363 35.83 -44.45 -0.98
CA GLN A 363 36.23 -44.62 -2.37
C GLN A 363 36.64 -43.27 -2.96
N LYS A 364 37.93 -43.15 -3.24
CA LYS A 364 38.52 -41.87 -3.65
C LYS A 364 38.06 -41.51 -5.05
N GLY A 365 37.39 -40.37 -5.18
CA GLY A 365 36.86 -39.91 -6.46
C GLY A 365 35.55 -40.59 -6.87
N VAL A 366 34.86 -41.21 -5.92
CA VAL A 366 33.51 -41.75 -6.17
C VAL A 366 32.47 -40.85 -5.50
N ALA A 367 31.49 -40.41 -6.29
CA ALA A 367 30.52 -39.39 -5.85
C ALA A 367 29.46 -39.95 -4.92
N TYR A 368 29.03 -39.11 -3.97
CA TYR A 368 28.03 -39.49 -2.97
C TYR A 368 27.16 -38.30 -2.55
N ASP A 369 26.19 -38.56 -1.68
CA ASP A 369 25.27 -37.52 -1.22
C ASP A 369 24.66 -37.88 0.15
N SER A 370 23.42 -37.46 0.40
CA SER A 370 22.71 -37.74 1.66
C SER A 370 22.83 -39.19 2.13
N SER A 371 22.88 -40.12 1.17
CA SER A 371 23.04 -41.55 1.47
C SER A 371 24.12 -41.85 2.53
N ALA A 372 25.24 -41.16 2.45
CA ALA A 372 26.36 -41.38 3.36
C ALA A 372 26.00 -41.20 4.84
N ASP A 373 25.11 -40.25 5.13
CA ASP A 373 24.66 -40.01 6.51
C ASP A 373 23.95 -41.21 7.14
N TRP A 374 23.17 -41.93 6.34
CA TRP A 374 22.41 -43.09 6.86
C TRP A 374 23.33 -44.27 7.18
N PHE A 375 24.42 -44.40 6.44
CA PHE A 375 25.46 -45.36 6.78
C PHE A 375 26.14 -44.93 8.07
N SER A 376 26.41 -43.64 8.20
CA SER A 376 27.03 -43.07 9.40
C SER A 376 26.13 -43.27 10.63
N LEU A 377 24.81 -43.20 10.43
CA LEU A 377 23.85 -43.36 11.51
C LEU A 377 23.94 -44.78 12.06
N GLY A 378 23.82 -45.76 11.17
CA GLY A 378 23.94 -47.18 11.55
C GLY A 378 25.18 -47.45 12.38
N CYS A 379 26.33 -46.94 11.95
CA CYS A 379 27.58 -47.09 12.68
C CYS A 379 27.49 -46.56 14.11
N MET A 380 26.80 -45.43 14.28
CA MET A 380 26.63 -44.84 15.61
C MET A 380 25.64 -45.62 16.45
N LEU A 381 24.47 -45.88 15.88
CA LEU A 381 23.42 -46.62 16.60
C LEU A 381 23.92 -47.97 17.08
N PHE A 382 24.81 -48.59 16.30
CA PHE A 382 25.51 -49.80 16.69
C PHE A 382 26.46 -49.51 17.84
N LYS A 383 27.23 -48.43 17.71
CA LYS A 383 28.22 -48.04 18.72
C LYS A 383 27.56 -47.63 20.04
N LEU A 384 26.31 -47.15 19.97
CA LEU A 384 25.53 -46.84 21.17
C LEU A 384 25.13 -48.10 21.94
N LEU A 385 25.02 -49.21 21.23
CA LEU A 385 24.61 -50.49 21.83
C LEU A 385 25.79 -51.39 22.14
N ARG A 386 26.88 -51.24 21.40
CA ARG A 386 28.05 -52.09 21.56
C ARG A 386 29.29 -51.43 22.18
N GLY A 387 29.34 -50.10 22.16
CA GLY A 387 30.45 -49.36 22.81
C GLY A 387 31.65 -49.09 21.93
N HIS A 388 31.68 -49.71 20.74
CA HIS A 388 32.70 -49.41 19.73
C HIS A 388 32.04 -49.42 18.35
N SER A 389 32.65 -48.74 17.40
CA SER A 389 32.17 -48.71 16.01
C SER A 389 32.10 -50.15 15.48
N PRO A 390 31.28 -50.38 14.44
CA PRO A 390 31.08 -51.74 13.96
C PRO A 390 32.22 -52.27 13.07
N PHE A 391 33.34 -51.54 12.98
CA PHE A 391 34.43 -51.93 12.10
C PHE A 391 35.79 -52.08 12.80
N ARG A 392 36.10 -51.17 13.74
CA ARG A 392 37.34 -51.32 14.52
C ARG A 392 37.19 -52.52 15.46
N GLN A 393 38.06 -53.51 15.26
CA GLN A 393 38.10 -54.68 16.13
C GLN A 393 39.22 -54.49 17.14
N HIS A 394 38.92 -54.71 18.41
CA HIS A 394 39.88 -54.48 19.50
C HIS A 394 40.38 -53.02 19.49
N LYS A 395 39.50 -52.10 19.10
CA LYS A 395 39.83 -50.68 18.90
C LYS A 395 41.23 -50.48 18.35
N THR A 396 41.43 -50.93 17.12
CA THR A 396 42.75 -50.99 16.48
C THR A 396 43.35 -49.63 16.13
N LYS A 397 42.51 -48.63 15.87
CA LYS A 397 42.96 -47.29 15.45
C LYS A 397 43.89 -47.39 14.23
N ASP A 398 43.42 -48.10 13.21
CA ASP A 398 44.19 -48.33 11.99
C ASP A 398 43.31 -47.97 10.79
N LYS A 399 43.71 -46.92 10.07
CA LYS A 399 42.90 -46.39 8.97
C LYS A 399 42.59 -47.44 7.91
N HIS A 400 43.62 -48.10 7.41
CA HIS A 400 43.47 -49.08 6.33
C HIS A 400 42.80 -50.39 6.77
N GLU A 401 42.83 -50.70 8.06
CA GLU A 401 42.14 -51.87 8.60
C GLU A 401 40.63 -51.63 8.65
N ILE A 402 40.26 -50.54 9.31
CA ILE A 402 38.85 -50.20 9.53
C ILE A 402 38.14 -49.98 8.19
N ASP A 403 38.77 -49.18 7.33
CA ASP A 403 38.19 -48.79 6.04
C ASP A 403 38.10 -49.95 5.05
N ARG A 404 39.00 -50.93 5.20
CA ARG A 404 38.94 -52.16 4.40
C ARG A 404 37.73 -52.99 4.80
N MET A 405 37.47 -53.04 6.11
CA MET A 405 36.34 -53.80 6.64
C MET A 405 35.00 -53.17 6.26
N THR A 406 35.00 -51.84 6.11
CA THR A 406 33.82 -51.08 5.66
C THR A 406 33.42 -51.49 4.25
N LEU A 407 34.41 -51.60 3.37
CA LEU A 407 34.19 -51.95 1.97
C LEU A 407 33.92 -53.45 1.81
N THR A 408 34.62 -54.26 2.59
CA THR A 408 34.55 -55.73 2.46
C THR A 408 33.39 -56.36 3.22
N MET A 409 33.48 -56.31 4.56
CA MET A 409 32.71 -57.21 5.42
C MET A 409 31.40 -56.62 5.94
N ALA A 410 30.35 -57.45 5.97
CA ALA A 410 29.06 -57.09 6.56
C ALA A 410 29.09 -57.34 8.06
N VAL A 411 28.34 -56.54 8.81
CA VAL A 411 28.25 -56.70 10.26
C VAL A 411 27.57 -58.01 10.64
N GLU A 412 28.12 -58.71 11.62
CA GLU A 412 27.43 -59.84 12.24
C GLU A 412 26.75 -59.32 13.49
N LEU A 413 25.44 -59.11 13.39
CA LEU A 413 24.66 -58.51 14.47
C LEU A 413 24.39 -59.53 15.56
N PRO A 414 24.84 -59.25 16.81
CA PRO A 414 24.64 -60.18 17.93
C PRO A 414 23.21 -60.71 18.03
N ASP A 415 23.07 -61.95 18.47
CA ASP A 415 21.77 -62.58 18.56
C ASP A 415 20.80 -61.78 19.46
N SER A 416 21.35 -61.10 20.46
CA SER A 416 20.56 -60.27 21.37
C SER A 416 19.79 -59.16 20.65
N PHE A 417 20.41 -58.57 19.63
CA PHE A 417 19.75 -57.55 18.80
C PHE A 417 18.42 -58.09 18.31
N SER A 418 17.33 -57.43 18.68
CA SER A 418 15.99 -57.87 18.30
C SER A 418 15.87 -57.88 16.77
N PRO A 419 14.84 -58.55 16.23
CA PRO A 419 14.65 -58.57 14.77
C PRO A 419 14.30 -57.19 14.18
N GLU A 420 13.74 -56.31 15.01
CA GLU A 420 13.37 -54.96 14.57
C GLU A 420 14.65 -54.16 14.30
N LEU A 421 15.60 -54.29 15.22
CA LEU A 421 16.92 -53.67 15.08
C LEU A 421 17.75 -54.38 14.02
N ARG A 422 17.60 -55.71 13.93
CA ARG A 422 18.29 -56.50 12.91
C ARG A 422 17.91 -55.98 11.53
N SER A 423 16.61 -55.81 11.32
CA SER A 423 16.06 -55.24 10.09
C SER A 423 16.64 -53.86 9.80
N LEU A 424 16.76 -53.03 10.82
CA LEU A 424 17.19 -51.65 10.68
C LEU A 424 18.66 -51.52 10.29
N LEU A 425 19.54 -52.17 11.05
CA LEU A 425 20.98 -52.05 10.82
C LEU A 425 21.49 -52.80 9.59
N GLU A 426 20.74 -53.82 9.15
CA GLU A 426 21.03 -54.48 7.88
C GLU A 426 20.62 -53.59 6.71
N GLY A 427 19.56 -52.81 6.90
CA GLY A 427 19.13 -51.82 5.91
C GLY A 427 20.04 -50.61 5.86
N LEU A 428 20.41 -50.09 7.02
CA LEU A 428 21.24 -48.88 7.12
C LEU A 428 22.70 -49.08 6.73
N LEU A 429 23.22 -50.31 6.87
CA LEU A 429 24.65 -50.57 6.66
C LEU A 429 24.93 -51.39 5.39
N GLN A 430 24.14 -51.20 4.35
CA GLN A 430 24.46 -51.78 3.04
C GLN A 430 25.67 -51.06 2.46
N ARG A 431 26.53 -51.78 1.75
CA ARG A 431 27.59 -51.13 0.98
C ARG A 431 26.98 -50.50 -0.27
N ASP A 432 26.07 -51.23 -0.90
CA ASP A 432 25.35 -50.76 -2.07
C ASP A 432 24.38 -49.66 -1.65
N VAL A 433 24.38 -48.56 -2.40
CA VAL A 433 23.50 -47.42 -2.14
C VAL A 433 22.09 -47.68 -2.69
N ASN A 434 21.99 -48.61 -3.63
CA ASN A 434 20.71 -49.01 -4.22
C ASN A 434 19.83 -49.82 -3.27
N ARG A 435 20.47 -50.43 -2.26
CA ARG A 435 19.78 -51.22 -1.24
C ARG A 435 19.81 -50.55 0.15
N ARG A 436 20.50 -49.42 0.26
CA ARG A 436 20.64 -48.71 1.52
C ARG A 436 19.31 -48.09 1.96
N LEU A 437 19.00 -48.24 3.24
CA LEU A 437 17.75 -47.71 3.78
C LEU A 437 17.85 -46.19 3.92
N GLY A 438 16.82 -45.49 3.43
CA GLY A 438 16.80 -44.03 3.41
C GLY A 438 17.22 -43.45 2.07
N CYS A 439 17.76 -44.30 1.19
CA CYS A 439 18.30 -43.85 -0.09
C CYS A 439 17.44 -44.27 -1.28
N LEU A 440 16.46 -45.14 -1.05
CA LEU A 440 15.70 -45.76 -2.14
C LEU A 440 14.78 -44.78 -2.88
N GLY A 441 14.39 -43.69 -2.21
CA GLY A 441 13.54 -42.68 -2.84
C GLY A 441 12.99 -41.63 -1.89
N ARG A 442 12.41 -42.08 -0.78
CA ARG A 442 11.68 -41.19 0.13
C ARG A 442 12.48 -40.70 1.35
N GLY A 443 13.81 -40.80 1.29
CA GLY A 443 14.65 -40.26 2.35
C GLY A 443 14.37 -40.83 3.73
N ALA A 444 14.26 -39.95 4.72
CA ALA A 444 14.08 -40.35 6.11
C ALA A 444 12.79 -41.14 6.35
N GLN A 445 11.73 -40.80 5.62
CA GLN A 445 10.43 -41.46 5.81
C GLN A 445 10.49 -42.98 5.66
N GLU A 446 11.49 -43.46 4.93
CA GLU A 446 11.74 -44.90 4.84
C GLU A 446 12.27 -45.43 6.16
N VAL A 447 13.22 -44.68 6.74
CA VAL A 447 13.84 -45.06 8.01
C VAL A 447 12.84 -45.00 9.15
N LYS A 448 12.01 -43.96 9.15
CA LYS A 448 10.97 -43.79 10.16
C LYS A 448 9.95 -44.94 10.15
N GLU A 449 9.64 -45.44 8.95
CA GLU A 449 8.72 -46.57 8.80
C GLU A 449 9.25 -47.89 9.35
N SER A 450 10.57 -48.04 9.40
CA SER A 450 11.19 -49.30 9.81
C SER A 450 10.47 -49.89 11.03
N PRO A 451 10.39 -51.25 11.11
CA PRO A 451 9.64 -51.86 12.21
C PRO A 451 10.19 -51.52 13.61
N PHE A 452 11.44 -51.07 13.67
CA PHE A 452 12.02 -50.61 14.91
C PHE A 452 11.21 -49.44 15.50
N PHE A 453 11.13 -48.33 14.78
CA PHE A 453 10.42 -47.13 15.27
C PHE A 453 8.90 -47.21 15.12
N ARG A 454 8.36 -48.42 15.14
CA ARG A 454 6.94 -48.63 14.88
C ARG A 454 6.08 -48.22 16.08
N SER A 455 6.70 -48.14 17.24
CA SER A 455 6.04 -47.68 18.46
C SER A 455 5.81 -46.17 18.49
N LEU A 456 6.69 -45.42 17.82
CA LEU A 456 6.76 -43.97 17.98
C LEU A 456 5.75 -43.20 17.13
N ASP A 457 5.08 -42.24 17.77
CA ASP A 457 4.33 -41.19 17.06
C ASP A 457 5.36 -40.14 16.67
N TRP A 458 5.69 -40.06 15.39
CA TRP A 458 6.84 -39.28 14.96
C TRP A 458 6.74 -37.78 15.19
N GLN A 459 5.53 -37.24 15.34
CA GLN A 459 5.40 -35.83 15.67
C GLN A 459 5.66 -35.57 17.15
N MET A 460 5.29 -36.52 17.99
CA MET A 460 5.65 -36.43 19.40
C MET A 460 7.17 -36.44 19.54
N VAL A 461 7.86 -37.12 18.62
CA VAL A 461 9.32 -37.05 18.56
C VAL A 461 9.71 -35.61 18.25
N PHE A 462 9.11 -35.04 17.21
CA PHE A 462 9.39 -33.67 16.80
C PHE A 462 9.10 -32.67 17.92
N LEU A 463 7.93 -32.79 18.54
CA LEU A 463 7.53 -31.90 19.64
C LEU A 463 8.31 -32.14 20.93
N GLN A 464 9.28 -33.06 20.91
CA GLN A 464 10.11 -33.38 22.07
C GLN A 464 9.28 -33.82 23.27
N LYS A 465 8.17 -34.50 23.00
CA LYS A 465 7.26 -34.96 24.04
C LYS A 465 7.71 -36.28 24.66
N TYR A 466 8.56 -37.01 23.95
CA TYR A 466 9.12 -38.24 24.51
C TYR A 466 10.18 -37.92 25.56
N PRO A 467 10.12 -38.60 26.71
CA PRO A 467 11.05 -38.30 27.79
C PRO A 467 12.41 -38.95 27.52
N PRO A 468 13.50 -38.16 27.57
CA PRO A 468 14.81 -38.71 27.28
C PRO A 468 15.29 -39.71 28.34
N PRO A 469 16.15 -40.65 27.94
CA PRO A 469 16.65 -41.68 28.83
C PRO A 469 17.69 -41.20 29.83
N LEU A 470 18.31 -40.04 29.57
CA LEU A 470 19.43 -39.56 30.40
C LEU A 470 19.38 -38.06 30.64
N ILE A 471 18.89 -37.65 31.81
CA ILE A 471 19.06 -36.28 32.26
C ILE A 471 20.49 -36.17 32.80
N PRO A 472 21.31 -35.30 32.21
CA PRO A 472 22.65 -35.14 32.76
C PRO A 472 22.61 -34.25 34.01
N PRO A 473 23.57 -34.45 34.95
CA PRO A 473 23.69 -33.57 36.11
C PRO A 473 24.50 -32.30 35.81
N ARG A 474 24.58 -31.39 36.79
CA ARG A 474 25.29 -30.11 36.62
C ARG A 474 26.84 -30.24 36.53
N GLY A 475 27.41 -31.20 37.27
CA GLY A 475 28.86 -31.40 37.28
C GLY A 475 29.26 -32.72 37.93
N ASP A 492 49.95 -22.73 22.75
CA ASP A 492 50.51 -21.44 23.12
C ASP A 492 51.59 -21.03 22.13
N THR A 493 51.19 -20.88 20.88
CA THR A 493 52.10 -20.43 19.81
C THR A 493 51.47 -19.21 19.15
N LYS A 494 51.16 -18.23 19.98
CA LYS A 494 50.38 -17.06 19.58
C LYS A 494 51.24 -16.02 18.87
N GLY A 495 52.56 -16.22 18.86
CA GLY A 495 53.49 -15.30 18.21
C GLY A 495 53.35 -15.20 16.70
N ILE A 496 52.70 -16.19 16.08
CA ILE A 496 52.48 -16.19 14.62
C ILE A 496 51.70 -14.97 14.12
N LYS A 497 52.05 -14.49 12.92
CA LYS A 497 51.55 -13.23 12.37
C LYS A 497 50.22 -13.37 11.63
N LEU A 498 49.42 -12.29 11.67
CA LEU A 498 48.07 -12.27 11.13
C LEU A 498 47.94 -11.17 10.04
N LEU A 499 47.81 -11.59 8.79
CA LEU A 499 47.88 -10.68 7.64
C LEU A 499 46.55 -9.97 7.36
N ASP A 500 46.59 -8.98 6.46
CA ASP A 500 45.39 -8.35 5.93
C ASP A 500 44.69 -9.29 4.94
N SER A 501 45.48 -10.12 4.27
CA SER A 501 44.97 -11.17 3.38
C SER A 501 44.06 -12.14 4.14
N ASP A 502 44.45 -12.46 5.37
CA ASP A 502 43.65 -13.34 6.22
C ASP A 502 42.36 -12.64 6.65
N GLN A 503 42.46 -11.35 6.97
CA GLN A 503 41.31 -10.56 7.42
C GLN A 503 40.27 -10.37 6.32
N GLU A 504 40.72 -10.35 5.07
CA GLU A 504 39.82 -10.24 3.93
C GLU A 504 38.90 -11.46 3.81
N LEU A 505 39.40 -12.63 4.20
CA LEU A 505 38.60 -13.87 4.17
C LEU A 505 37.34 -13.77 5.01
N TYR A 506 37.43 -13.08 6.14
CA TYR A 506 36.30 -12.96 7.07
C TYR A 506 35.57 -11.62 6.94
N ARG A 507 35.43 -11.14 5.71
CA ARG A 507 34.79 -9.85 5.44
C ARG A 507 33.28 -10.01 5.30
N ASN A 508 32.87 -11.02 4.55
CA ASN A 508 31.45 -11.39 4.40
C ASN A 508 31.08 -12.50 5.38
N PHE A 509 31.81 -12.57 6.49
CA PHE A 509 31.51 -13.53 7.56
C PHE A 509 30.29 -13.10 8.39
N PRO A 510 30.30 -11.86 8.93
CA PRO A 510 29.29 -11.54 9.95
C PRO A 510 27.88 -11.58 9.38
N LEU A 511 26.95 -12.14 10.14
CA LEU A 511 25.62 -12.42 9.64
C LEU A 511 24.62 -12.47 10.79
N THR A 512 23.38 -12.13 10.47
CA THR A 512 22.26 -12.32 11.39
C THR A 512 21.18 -13.08 10.64
N ILE A 513 20.43 -13.90 11.36
CA ILE A 513 19.36 -14.69 10.77
C ILE A 513 18.03 -14.15 11.27
N SER A 514 17.26 -13.57 10.35
CA SER A 514 16.05 -12.82 10.69
C SER A 514 15.06 -13.62 11.52
N GLU A 515 14.71 -14.81 11.05
CA GLU A 515 13.82 -15.70 11.78
C GLU A 515 14.18 -15.78 13.27
N ARG A 516 15.46 -16.08 13.51
CA ARG A 516 15.99 -16.25 14.86
C ARG A 516 15.82 -14.99 15.69
N TRP A 517 16.43 -13.90 15.21
CA TRP A 517 16.42 -12.63 15.93
C TRP A 517 15.00 -12.18 16.24
N GLN A 518 14.11 -12.36 15.27
CA GLN A 518 12.72 -11.94 15.43
C GLN A 518 12.00 -12.77 16.48
N GLN A 519 12.20 -14.09 16.42
CA GLN A 519 11.62 -14.98 17.42
C GLN A 519 12.12 -14.59 18.80
N GLU A 520 13.45 -14.60 18.96
CA GLU A 520 14.10 -14.17 20.20
C GLU A 520 13.47 -12.89 20.76
N VAL A 521 13.24 -11.92 19.88
CA VAL A 521 12.58 -10.67 20.25
C VAL A 521 11.11 -10.92 20.60
N ALA A 522 10.41 -11.65 19.73
CA ALA A 522 8.99 -11.95 19.94
C ALA A 522 8.75 -12.57 21.32
N GLU A 523 9.57 -13.55 21.67
CA GLU A 523 9.37 -14.31 22.90
C GLU A 523 9.84 -13.59 24.17
N THR A 524 10.48 -12.42 24.03
CA THR A 524 10.99 -11.70 25.20
C THR A 524 10.48 -10.25 25.26
N VAL A 525 11.21 -9.34 24.62
CA VAL A 525 11.00 -7.91 24.83
C VAL A 525 9.87 -7.32 23.98
N PHE A 526 9.55 -7.95 22.86
CA PHE A 526 8.68 -7.35 21.83
C PHE A 526 7.47 -6.61 22.40
N ASP A 527 6.65 -7.31 23.19
CA ASP A 527 5.42 -6.73 23.72
C ASP A 527 5.72 -5.57 24.66
N THR A 528 6.78 -5.71 25.44
CA THR A 528 7.11 -4.76 26.50
C THR A 528 7.78 -3.50 25.94
N ILE A 529 8.59 -3.67 24.89
CA ILE A 529 9.17 -2.53 24.17
C ILE A 529 8.05 -1.79 23.45
N ASN A 530 7.16 -2.52 22.79
CA ASN A 530 6.00 -1.91 22.14
C ASN A 530 5.18 -1.09 23.13
N ALA A 531 4.91 -1.67 24.29
CA ALA A 531 4.20 -0.96 25.34
C ALA A 531 4.91 0.33 25.73
N GLU A 532 6.24 0.24 25.90
CA GLU A 532 7.07 1.39 26.27
C GLU A 532 7.10 2.47 25.18
N THR A 533 7.40 2.07 23.95
CA THR A 533 7.46 2.98 22.81
C THR A 533 6.10 3.66 22.57
N ASP A 534 5.02 2.89 22.68
CA ASP A 534 3.65 3.43 22.56
C ASP A 534 3.42 4.65 23.45
N ARG A 535 4.01 4.63 24.65
CA ARG A 535 3.85 5.74 25.59
C ARG A 535 4.72 6.92 25.16
N LEU A 536 6.02 6.69 24.99
CA LEU A 536 6.99 7.75 24.69
C LEU A 536 6.63 8.55 23.43
N GLU A 537 6.04 7.89 22.45
CA GLU A 537 5.56 8.56 21.25
C GLU A 537 4.29 9.35 21.54
N ALA A 538 3.34 8.73 22.23
CA ALA A 538 2.09 9.39 22.65
C ALA A 538 2.38 10.59 23.56
N ARG A 539 3.44 10.47 24.34
CA ARG A 539 3.90 11.53 25.24
C ARG A 539 4.34 12.77 24.44
N LYS A 540 5.11 12.55 23.38
CA LYS A 540 5.58 13.65 22.51
C LYS A 540 4.50 14.15 21.54
N LYS A 541 3.45 13.34 21.34
CA LYS A 541 2.29 13.77 20.55
C LYS A 541 1.51 14.83 21.32
N THR A 542 1.35 14.62 22.62
CA THR A 542 0.72 15.60 23.52
C THR A 542 1.61 16.83 23.70
N LYS A 543 2.92 16.60 23.87
CA LYS A 543 3.88 17.68 24.04
C LYS A 543 3.88 18.63 22.83
N ASN A 544 4.14 18.08 21.65
CA ASN A 544 4.25 18.88 20.43
C ASN A 544 2.90 19.43 19.93
N LYS A 545 1.79 18.86 20.41
CA LYS A 545 0.46 19.43 20.20
C LYS A 545 0.37 20.79 20.88
N GLN A 546 0.74 20.82 22.16
CA GLN A 546 0.59 22.00 23.01
C GLN A 546 1.68 23.07 22.81
N LEU A 547 2.84 22.69 22.29
CA LEU A 547 3.90 23.66 22.00
C LEU A 547 3.65 24.40 20.69
N GLY A 548 3.37 23.63 19.63
CA GLY A 548 3.14 24.18 18.29
C GLY A 548 3.14 23.05 17.28
N HIS A 549 2.05 22.90 16.53
CA HIS A 549 1.79 21.71 15.69
C HIS A 549 2.94 21.32 14.71
N GLU A 550 3.58 20.18 14.98
CA GLU A 550 4.81 19.77 14.26
C GLU A 550 4.56 18.73 13.15
N GLU A 551 5.62 18.50 12.37
CA GLU A 551 5.73 17.35 11.44
C GLU A 551 4.78 17.37 10.23
N ASP A 552 4.53 18.57 9.71
CA ASP A 552 3.69 18.75 8.52
C ASP A 552 4.40 19.61 7.48
N TYR A 553 5.74 19.60 7.53
CA TYR A 553 6.56 20.35 6.58
C TYR A 553 6.69 19.58 5.28
N ALA A 554 6.98 18.28 5.39
CA ALA A 554 7.13 17.42 4.22
C ALA A 554 5.81 17.19 3.48
N LEU A 555 4.68 17.41 4.16
CA LEU A 555 3.36 17.13 3.59
C LEU A 555 2.94 18.16 2.55
N GLY A 556 2.29 17.70 1.48
CA GLY A 556 1.75 18.57 0.44
C GLY A 556 2.74 19.18 -0.54
N LYS A 557 3.94 18.62 -0.58
CA LYS A 557 5.00 19.08 -1.46
C LYS A 557 5.57 17.87 -2.18
N ASP A 558 6.61 18.07 -2.98
CA ASP A 558 7.24 16.94 -3.67
C ASP A 558 8.52 16.47 -2.96
N CYS A 559 8.47 16.38 -1.64
CA CYS A 559 9.57 15.81 -0.85
C CYS A 559 9.62 14.30 -1.05
N ILE A 560 10.81 13.77 -1.33
CA ILE A 560 10.96 12.35 -1.65
C ILE A 560 11.34 11.50 -0.44
N MET A 561 12.02 12.09 0.54
CA MET A 561 12.50 11.36 1.71
C MET A 561 13.09 12.32 2.74
N HIS A 562 12.78 12.10 4.01
CA HIS A 562 13.24 13.00 5.09
C HIS A 562 13.60 12.23 6.35
N GLY A 563 14.65 12.68 7.02
CA GLY A 563 15.14 11.99 8.23
C GLY A 563 16.30 12.71 8.90
N TYR A 564 16.62 12.31 10.13
CA TYR A 564 17.78 12.85 10.85
C TYR A 564 19.08 12.34 10.23
N MET A 565 20.09 13.21 10.18
CA MET A 565 21.46 12.80 9.88
C MET A 565 22.42 13.72 10.62
N SER A 566 23.72 13.52 10.41
CA SER A 566 24.74 14.37 11.02
C SER A 566 25.68 14.92 9.96
N LYS A 567 25.98 16.21 10.04
CA LYS A 567 26.76 16.89 8.99
C LYS A 567 28.06 17.50 9.53
N MET A 568 29.04 17.68 8.63
CA MET A 568 30.30 18.38 8.95
C MET A 568 30.74 19.14 7.69
N GLY A 569 31.97 19.66 7.68
CA GLY A 569 32.54 20.33 6.51
C GLY A 569 33.96 19.86 6.24
N ASN A 570 34.88 20.30 7.09
CA ASN A 570 36.28 19.88 7.04
C ASN A 570 36.84 19.80 8.47
N PRO A 571 38.04 19.19 8.65
CA PRO A 571 38.51 18.91 10.02
C PRO A 571 38.93 20.14 10.84
N PHE A 572 39.55 21.13 10.20
CA PHE A 572 40.20 22.25 10.91
C PHE A 572 39.28 23.36 11.45
N LEU A 573 37.98 23.32 11.11
CA LEU A 573 37.03 24.35 11.57
C LEU A 573 35.74 23.75 12.19
N THR A 574 34.86 23.21 11.35
CA THR A 574 33.53 22.78 11.81
C THR A 574 33.55 21.48 12.64
N GLN A 575 32.38 21.06 13.13
CA GLN A 575 32.21 19.80 13.87
C GLN A 575 30.86 19.14 13.51
N TRP A 576 30.52 18.03 14.19
CA TRP A 576 29.30 17.27 13.90
C TRP A 576 28.02 17.88 14.47
N GLN A 577 26.97 17.96 13.65
CA GLN A 577 25.67 18.49 14.08
C GLN A 577 24.52 17.61 13.60
N ARG A 578 23.62 17.26 14.52
CA ARG A 578 22.46 16.44 14.19
C ARG A 578 21.28 17.31 13.75
N ARG A 579 20.82 17.09 12.52
CA ARG A 579 19.71 17.87 11.95
C ARG A 579 18.70 16.96 11.25
N TYR A 580 17.51 17.49 11.02
CA TYR A 580 16.47 16.76 10.31
C TYR A 580 16.38 17.25 8.87
N PHE A 581 16.75 16.37 7.94
CA PHE A 581 16.85 16.73 6.53
C PHE A 581 15.55 16.50 5.78
N TYR A 582 15.40 17.19 4.65
CA TYR A 582 14.32 16.97 3.71
C TYR A 582 14.93 16.96 2.32
N LEU A 583 14.76 15.86 1.60
CA LEU A 583 15.28 15.75 0.23
C LEU A 583 14.17 16.07 -0.74
N PHE A 584 14.34 17.16 -1.46
CA PHE A 584 13.45 17.53 -2.55
C PHE A 584 14.20 17.29 -3.85
N PRO A 585 13.47 17.12 -4.95
CA PRO A 585 14.13 16.85 -6.23
C PRO A 585 15.29 17.79 -6.60
N ASN A 586 15.24 19.05 -6.16
CA ASN A 586 16.24 20.06 -6.53
C ASN A 586 17.14 20.57 -5.40
N ARG A 587 16.84 20.19 -4.16
CA ARG A 587 17.56 20.71 -2.99
C ARG A 587 17.49 19.76 -1.81
N LEU A 588 18.45 19.92 -0.89
CA LEU A 588 18.48 19.17 0.35
C LEU A 588 18.40 20.15 1.51
N GLU A 589 17.18 20.42 1.96
CA GLU A 589 16.96 21.31 3.10
C GLU A 589 17.24 20.57 4.39
N TRP A 590 17.68 21.30 5.42
CA TRP A 590 17.78 20.76 6.79
C TRP A 590 17.48 21.81 7.86
N ARG A 591 16.88 21.36 8.97
CA ARG A 591 16.48 22.22 10.09
C ARG A 591 16.83 21.61 11.45
N GLY A 592 16.74 22.44 12.49
CA GLY A 592 16.75 21.97 13.87
C GLY A 592 15.33 22.02 14.42
N GLU A 593 15.16 21.65 15.69
CA GLU A 593 13.85 21.77 16.34
C GLU A 593 13.59 23.24 16.62
N GLY A 594 12.32 23.64 16.58
CA GLY A 594 11.93 25.04 16.81
C GLY A 594 12.09 25.96 15.61
N GLU A 595 12.20 25.39 14.40
CA GLU A 595 12.31 26.18 13.17
C GLU A 595 12.05 25.35 11.89
N ALA A 596 11.84 26.06 10.79
CA ALA A 596 11.91 25.48 9.46
C ALA A 596 13.35 25.67 8.96
N PRO A 597 13.76 24.94 7.91
CA PRO A 597 15.13 25.02 7.39
C PRO A 597 15.60 26.43 7.07
N GLN A 598 16.75 26.79 7.61
CA GLN A 598 17.42 28.06 7.32
C GLN A 598 18.68 27.86 6.50
N SER A 599 19.00 26.61 6.18
CA SER A 599 20.12 26.30 5.29
C SER A 599 19.81 25.04 4.48
N LEU A 600 20.30 25.01 3.23
CA LEU A 600 20.04 23.93 2.31
C LEU A 600 21.23 23.71 1.37
N LEU A 601 21.07 22.76 0.46
CA LEU A 601 22.11 22.46 -0.52
C LEU A 601 21.42 22.07 -1.82
N THR A 602 21.74 22.77 -2.90
CA THR A 602 21.10 22.51 -4.19
C THR A 602 21.70 21.29 -4.85
N MET A 603 20.88 20.57 -5.60
CA MET A 603 21.35 19.41 -6.36
C MET A 603 22.28 19.84 -7.48
N GLU A 604 22.07 21.06 -7.96
CA GLU A 604 22.99 21.67 -8.91
C GLU A 604 24.44 21.61 -8.40
N GLU A 605 24.66 22.05 -7.18
CA GLU A 605 26.02 22.21 -6.66
C GLU A 605 26.68 20.94 -6.12
N ILE A 606 25.91 19.86 -5.92
CA ILE A 606 26.48 18.58 -5.52
C ILE A 606 27.15 17.93 -6.73
N GLN A 607 28.44 17.62 -6.60
CA GLN A 607 29.21 17.01 -7.69
C GLN A 607 29.18 15.50 -7.61
N SER A 608 29.48 14.97 -6.43
CA SER A 608 29.55 13.52 -6.24
C SER A 608 29.21 13.13 -4.79
N VAL A 609 28.43 12.07 -4.65
CA VAL A 609 28.24 11.40 -3.36
C VAL A 609 29.15 10.19 -3.37
N GLU A 610 29.93 10.02 -2.31
CA GLU A 610 30.89 8.91 -2.21
C GLU A 610 30.91 8.35 -0.80
N GLU A 611 31.01 7.03 -0.70
CA GLU A 611 31.11 6.38 0.61
C GLU A 611 32.55 6.49 1.10
N THR A 612 32.78 7.36 2.10
CA THR A 612 34.08 7.46 2.77
C THR A 612 33.91 7.15 4.26
N GLN A 613 34.85 6.42 4.82
CA GLN A 613 34.80 6.10 6.26
C GLN A 613 35.55 7.15 7.09
N ILE A 614 34.93 7.60 8.18
CA ILE A 614 35.49 8.61 9.08
C ILE A 614 35.65 8.02 10.47
N LYS A 615 36.91 7.79 10.88
CA LYS A 615 37.24 7.08 12.12
C LYS A 615 36.65 5.66 12.09
N GLU A 616 36.92 4.96 10.99
CA GLU A 616 36.37 3.61 10.71
C GLU A 616 34.84 3.56 10.84
N ARG A 617 34.18 4.52 10.19
CA ARG A 617 32.72 4.58 10.20
C ARG A 617 32.22 5.08 8.85
N LYS A 618 31.41 4.26 8.19
CA LYS A 618 30.86 4.60 6.88
C LYS A 618 30.18 5.96 6.93
N CYS A 619 30.58 6.84 6.00
CA CYS A 619 30.02 8.18 5.87
C CYS A 619 29.93 8.59 4.40
N LEU A 620 29.11 9.61 4.13
CA LEU A 620 28.93 10.13 2.78
C LEU A 620 29.77 11.37 2.59
N LEU A 621 30.38 11.49 1.41
CA LEU A 621 31.21 12.62 1.06
C LEU A 621 30.57 13.39 -0.08
N LEU A 622 30.01 14.56 0.23
CA LEU A 622 29.48 15.44 -0.80
C LEU A 622 30.51 16.48 -1.20
N LYS A 623 31.00 16.37 -2.43
CA LYS A 623 31.91 17.36 -3.01
C LYS A 623 31.06 18.44 -3.69
N ILE A 624 31.25 19.69 -3.28
CA ILE A 624 30.45 20.81 -3.78
C ILE A 624 31.26 21.67 -4.77
N ARG A 625 30.58 22.17 -5.80
CA ARG A 625 31.20 22.89 -6.92
C ARG A 625 32.45 23.72 -6.59
N GLY A 626 32.39 24.51 -5.52
CA GLY A 626 33.48 25.44 -5.19
C GLY A 626 34.58 24.81 -4.37
N GLY A 627 35.18 23.74 -4.90
CA GLY A 627 36.23 22.97 -4.20
C GLY A 627 35.94 22.61 -2.75
N LYS A 628 34.67 22.73 -2.36
CA LYS A 628 34.26 22.65 -0.96
C LYS A 628 33.69 21.27 -0.66
N GLN A 629 33.99 20.75 0.53
CA GLN A 629 33.52 19.43 0.93
C GLN A 629 32.51 19.51 2.07
N PHE A 630 31.76 18.43 2.23
CA PHE A 630 30.60 18.40 3.11
C PHE A 630 30.24 16.94 3.34
N VAL A 631 30.36 16.47 4.58
CA VAL A 631 30.20 15.04 4.86
C VAL A 631 29.00 14.76 5.75
N LEU A 632 28.34 13.64 5.46
CA LEU A 632 27.15 13.21 6.20
C LEU A 632 27.41 11.90 6.94
N GLN A 633 26.54 11.61 7.90
CA GLN A 633 26.68 10.45 8.77
C GLN A 633 25.30 10.07 9.31
N CYS A 634 25.01 8.77 9.33
CA CYS A 634 23.68 8.28 9.66
C CYS A 634 23.67 7.41 10.90
N ASP A 635 22.47 7.21 11.45
CA ASP A 635 22.30 6.39 12.65
C ASP A 635 22.53 4.93 12.31
N SER A 636 21.76 4.45 11.34
CA SER A 636 21.79 3.04 10.97
C SER A 636 22.39 2.83 9.59
N ASP A 637 22.64 1.57 9.26
CA ASP A 637 23.11 1.21 7.92
C ASP A 637 22.03 1.39 6.85
N PRO A 638 20.79 0.91 7.09
CA PRO A 638 19.69 1.18 6.16
C PRO A 638 19.54 2.65 5.76
N GLU A 639 19.67 3.56 6.72
CA GLU A 639 19.56 4.99 6.44
C GLU A 639 20.69 5.47 5.55
N LEU A 640 21.92 5.19 5.96
CA LEU A 640 23.11 5.55 5.19
C LEU A 640 22.99 5.09 3.75
N VAL A 641 22.54 3.85 3.55
CA VAL A 641 22.41 3.27 2.21
C VAL A 641 21.36 4.01 1.38
N GLN A 642 20.23 4.34 2.01
CA GLN A 642 19.14 5.00 1.30
C GLN A 642 19.43 6.46 1.01
N TRP A 643 20.08 7.16 1.94
CA TRP A 643 20.53 8.53 1.66
C TRP A 643 21.60 8.55 0.56
N LYS A 644 22.41 7.50 0.47
CA LYS A 644 23.40 7.40 -0.60
C LYS A 644 22.69 7.22 -1.95
N LYS A 645 21.78 6.27 -2.01
CA LYS A 645 21.03 6.02 -3.24
C LYS A 645 20.24 7.25 -3.64
N GLU A 646 19.42 7.76 -2.73
CA GLU A 646 18.46 8.80 -3.06
C GLU A 646 19.09 10.13 -3.42
N LEU A 647 20.25 10.44 -2.83
CA LEU A 647 20.97 11.66 -3.18
C LEU A 647 21.60 11.52 -4.55
N ARG A 648 22.31 10.42 -4.77
CA ARG A 648 22.86 10.13 -6.09
C ARG A 648 21.78 10.18 -7.16
N ASP A 649 20.69 9.44 -6.95
CA ASP A 649 19.55 9.48 -7.87
C ASP A 649 19.08 10.92 -8.07
N ALA A 650 18.95 11.65 -6.96
CA ALA A 650 18.38 13.00 -6.99
C ALA A 650 19.22 14.03 -7.73
N TYR A 651 20.52 14.07 -7.45
CA TYR A 651 21.40 15.10 -8.04
C TYR A 651 21.69 14.84 -9.51
N ARG A 652 21.78 13.56 -9.88
CA ARG A 652 21.99 13.19 -11.28
C ARG A 652 20.77 13.61 -12.07
N GLU A 653 19.60 13.29 -11.53
CA GLU A 653 18.32 13.58 -12.18
C GLU A 653 18.04 15.08 -12.26
N ALA A 654 18.55 15.83 -11.28
CA ALA A 654 18.43 17.29 -11.30
C ALA A 654 19.31 17.88 -12.38
N GLN A 655 20.58 17.49 -12.38
CA GLN A 655 21.57 17.98 -13.34
C GLN A 655 21.26 17.58 -14.78
N GLN A 656 20.70 16.40 -14.98
CA GLN A 656 20.19 16.01 -16.30
C GLN A 656 19.10 16.96 -16.73
N LEU A 657 18.16 17.23 -15.82
CA LEU A 657 16.97 18.04 -16.12
C LEU A 657 17.28 19.53 -16.28
N VAL A 658 17.99 20.10 -15.32
CA VAL A 658 18.32 21.53 -15.35
C VAL A 658 19.07 21.87 -16.64
N GLN A 659 20.02 21.02 -17.00
CA GLN A 659 20.93 21.31 -18.13
C GLN A 659 20.20 21.43 -19.48
N ARG A 660 18.97 20.95 -19.57
CA ARG A 660 18.13 21.20 -20.76
C ARG A 660 17.03 22.23 -20.52
N VAL A 661 17.28 23.15 -19.59
CA VAL A 661 16.37 24.28 -19.35
C VAL A 661 17.20 25.58 -19.31
N PRO A 662 16.97 26.49 -20.26
CA PRO A 662 17.85 27.62 -20.51
C PRO A 662 17.92 28.65 -19.36
N LYS A 663 16.80 28.89 -18.69
CA LYS A 663 16.76 29.78 -17.52
C LYS A 663 17.68 29.32 -16.41
N MET A 664 17.61 28.03 -16.10
CA MET A 664 18.21 27.49 -14.89
C MET A 664 19.66 27.10 -15.06
N LYS A 665 20.10 26.94 -16.31
CA LYS A 665 21.44 26.41 -16.59
C LYS A 665 22.51 27.50 -16.74
N ASN A 666 23.73 27.14 -16.36
CA ASN A 666 24.87 28.05 -16.35
C ASN A 666 25.45 28.23 -17.74
N LYS A 667 26.26 29.26 -17.92
CA LYS A 667 26.90 29.55 -19.21
C LYS A 667 27.88 30.69 -19.13
C ACE B 1 7.06 19.70 -55.53
O ACE B 1 7.90 20.06 -54.71
CH3 ACE B 1 6.22 18.46 -55.29
N SER B 2 7.11 20.12 -56.80
CA SER B 2 6.10 20.96 -57.45
C SER B 2 5.30 21.81 -56.44
N GLU B 3 4.29 21.18 -55.82
CA GLU B 3 3.39 21.88 -54.89
C GLU B 3 4.10 22.46 -53.66
N LEU B 4 5.10 21.74 -53.18
CA LEU B 4 5.86 22.17 -51.99
C LEU B 4 7.02 23.10 -52.37
N ASP B 5 7.55 22.96 -53.59
CA ASP B 5 8.64 23.82 -54.05
C ASP B 5 8.11 25.18 -54.54
N GLN B 6 6.93 25.19 -55.15
CA GLN B 6 6.30 26.46 -55.55
C GLN B 6 5.88 27.25 -54.32
N LEU B 7 5.48 26.54 -53.27
CA LEU B 7 5.06 27.14 -52.00
C LEU B 7 6.26 27.62 -51.19
N ARG B 8 7.40 26.96 -51.40
CA ARG B 8 8.66 27.32 -50.75
C ARG B 8 9.27 28.58 -51.38
N GLN B 9 9.18 28.69 -52.70
CA GLN B 9 9.66 29.87 -53.42
C GLN B 9 8.70 31.05 -53.28
N GLU B 10 7.43 30.78 -53.04
CA GLU B 10 6.46 31.84 -52.73
C GLU B 10 6.76 32.41 -51.35
N ALA B 11 7.09 31.53 -50.40
CA ALA B 11 7.48 31.96 -49.07
C ALA B 11 8.64 32.97 -49.15
N GLU B 12 9.69 32.63 -49.90
CA GLU B 12 10.92 33.43 -49.94
C GLU B 12 10.85 34.68 -50.83
N GLN B 13 9.74 34.84 -51.56
CA GLN B 13 9.43 36.10 -52.25
C GLN B 13 8.60 36.99 -51.34
N LEU B 14 7.57 36.40 -50.74
CA LEU B 14 6.74 37.07 -49.74
C LEU B 14 7.59 37.58 -48.57
N LYS B 15 8.67 36.86 -48.29
CA LYS B 15 9.64 37.25 -47.26
C LYS B 15 10.38 38.52 -47.66
N ASN B 16 10.82 38.57 -48.93
CA ASN B 16 11.52 39.75 -49.45
C ASN B 16 10.62 40.94 -49.75
N GLN B 17 9.31 40.69 -49.84
CA GLN B 17 8.32 41.77 -49.90
C GLN B 17 8.23 42.48 -48.54
N ILE B 18 8.46 41.72 -47.47
CA ILE B 18 8.43 42.26 -46.11
C ILE B 18 9.69 43.07 -45.81
N ARG B 19 10.84 42.62 -46.29
CA ARG B 19 12.10 43.34 -46.07
C ARG B 19 12.10 44.69 -46.78
N ASP B 20 11.49 44.74 -47.95
CA ASP B 20 11.43 45.98 -48.73
C ASP B 20 10.40 46.96 -48.16
N ALA B 21 9.31 46.43 -47.62
CA ALA B 21 8.30 47.25 -46.97
C ALA B 21 8.87 47.90 -45.72
N ARG B 22 9.87 47.26 -45.12
CA ARG B 22 10.54 47.79 -43.93
C ARG B 22 11.67 48.74 -44.28
N LYS B 23 12.52 48.35 -45.24
CA LYS B 23 13.59 49.22 -45.70
C LYS B 23 13.02 50.54 -46.22
N ALA B 24 11.80 50.51 -46.74
CA ALA B 24 11.09 51.71 -47.20
C ALA B 24 10.85 52.72 -46.08
N CYS B 25 10.53 52.22 -44.89
CA CYS B 25 10.33 53.07 -43.71
C CYS B 25 11.65 53.61 -43.16
N ALA B 26 12.72 52.84 -43.35
CA ALA B 26 14.02 53.15 -42.75
C ALA B 26 14.72 54.35 -43.40
N ASP B 27 14.17 55.55 -43.17
CA ASP B 27 14.75 56.78 -43.72
C ASP B 27 15.82 57.33 -42.79
N ALA B 28 15.56 57.27 -41.48
CA ALA B 28 16.53 57.66 -40.46
C ALA B 28 16.53 56.65 -39.33
N THR B 29 17.61 56.63 -38.55
CA THR B 29 17.69 55.80 -37.35
C THR B 29 17.29 56.62 -36.15
N LEU B 30 17.03 55.94 -35.04
CA LEU B 30 16.71 56.61 -33.79
C LEU B 30 17.97 57.26 -33.17
N SER B 31 19.13 56.70 -33.46
CA SER B 31 20.40 57.27 -33.00
C SER B 31 20.69 58.62 -33.65
N GLN B 32 20.27 58.76 -34.91
CA GLN B 32 20.34 60.05 -35.60
C GLN B 32 19.36 61.02 -34.96
N ILE B 33 18.10 60.60 -34.88
CA ILE B 33 17.02 61.46 -34.38
C ILE B 33 17.30 61.97 -32.97
N THR B 34 17.91 61.12 -32.14
CA THR B 34 18.12 61.45 -30.73
C THR B 34 19.45 62.17 -30.43
N ASN B 35 20.32 62.35 -31.42
CA ASN B 35 21.56 63.07 -31.18
C ASN B 35 21.35 64.35 -30.41
N ASN B 36 20.32 65.09 -30.78
CA ASN B 36 20.13 66.45 -30.28
C ASN B 36 19.63 66.51 -28.83
N ILE B 37 18.67 65.64 -28.47
CA ILE B 37 18.09 65.71 -27.13
C ILE B 37 19.18 65.60 -26.07
N ASP B 38 18.98 66.30 -24.95
CA ASP B 38 19.98 66.30 -23.89
C ASP B 38 20.13 64.90 -23.28
N PRO B 39 21.39 64.42 -23.15
CA PRO B 39 21.67 63.14 -22.49
C PRO B 39 20.99 62.97 -21.15
N VAL B 40 20.76 61.73 -20.76
CA VAL B 40 20.08 61.41 -19.51
C VAL B 40 20.98 61.61 -18.29
N GLY B 41 22.30 61.64 -18.53
CA GLY B 41 23.28 61.86 -17.47
C GLY B 41 23.77 60.55 -16.89
N ARG B 42 24.03 60.54 -15.58
CA ARG B 42 24.45 59.33 -14.87
C ARG B 42 23.43 58.98 -13.80
N ILE B 43 22.80 57.83 -13.97
CA ILE B 43 21.79 57.36 -13.03
C ILE B 43 22.49 56.60 -11.90
N GLN B 44 22.98 57.37 -10.91
CA GLN B 44 23.52 56.78 -9.69
C GLN B 44 22.34 56.25 -8.86
N MET B 45 22.23 54.92 -8.81
CA MET B 45 21.14 54.26 -8.10
C MET B 45 21.68 53.70 -6.80
N ARG B 46 20.83 53.69 -5.76
CA ARG B 46 21.20 53.20 -4.43
C ARG B 46 20.26 52.09 -3.94
N THR B 47 20.85 51.09 -3.29
CA THR B 47 20.09 49.98 -2.70
C THR B 47 19.28 50.47 -1.51
N ARG B 48 17.99 50.62 -1.69
CA ARG B 48 17.12 51.08 -0.61
C ARG B 48 16.79 49.94 0.32
N ARG B 49 16.33 48.82 -0.23
CA ARG B 49 15.99 47.64 0.56
C ARG B 49 16.85 46.44 0.16
N THR B 50 16.87 45.44 1.02
CA THR B 50 17.27 44.09 0.65
C THR B 50 16.20 43.17 1.21
N LEU B 51 15.78 42.20 0.42
CA LEU B 51 14.70 41.30 0.81
C LEU B 51 15.27 39.91 1.08
N ARG B 52 15.63 39.66 2.34
CA ARG B 52 16.23 38.40 2.76
C ARG B 52 15.13 37.42 3.16
N GLY B 53 15.21 36.19 2.68
CA GLY B 53 14.17 35.21 2.94
C GLY B 53 14.31 33.96 2.11
N HIS B 54 14.44 34.13 0.81
CA HIS B 54 14.62 32.99 -0.07
C HIS B 54 15.89 32.24 0.32
N LEU B 55 15.81 30.91 0.25
CA LEU B 55 16.88 30.05 0.72
C LEU B 55 17.86 29.71 -0.40
N ALA B 56 17.46 29.96 -1.65
CA ALA B 56 18.31 29.70 -2.81
C ALA B 56 18.02 30.66 -3.96
N LYS B 57 18.48 30.33 -5.17
CA LYS B 57 18.28 31.16 -6.36
C LYS B 57 16.86 31.69 -6.48
N ILE B 58 16.75 32.96 -6.88
CA ILE B 58 15.46 33.54 -7.24
C ILE B 58 15.38 33.53 -8.76
N TYR B 59 14.30 32.96 -9.30
CA TYR B 59 14.13 32.82 -10.74
C TYR B 59 13.24 33.90 -11.35
N ALA B 60 12.28 34.39 -10.58
CA ALA B 60 11.34 35.40 -11.08
C ALA B 60 10.79 36.29 -9.98
N MET B 61 10.20 37.40 -10.38
CA MET B 61 9.47 38.28 -9.47
C MET B 61 8.51 39.14 -10.28
N HIS B 62 7.52 39.71 -9.61
CA HIS B 62 6.53 40.52 -10.29
C HIS B 62 5.85 41.47 -9.30
N TRP B 63 5.86 42.76 -9.62
CA TRP B 63 5.22 43.76 -8.77
C TRP B 63 3.71 43.61 -8.78
N GLY B 64 3.08 44.00 -7.68
CA GLY B 64 1.65 44.23 -7.64
C GLY B 64 1.40 45.58 -8.28
N THR B 65 0.16 45.80 -8.72
CA THR B 65 -0.24 47.08 -9.31
C THR B 65 -0.27 48.22 -8.27
N ASP B 66 -0.26 47.87 -6.99
CA ASP B 66 -0.22 48.86 -5.91
C ASP B 66 1.15 49.51 -5.71
N SER B 67 2.18 49.01 -6.40
CA SER B 67 3.54 49.54 -6.29
C SER B 67 4.15 49.36 -4.89
N ARG B 68 3.85 48.22 -4.26
CA ARG B 68 4.27 47.98 -2.87
C ARG B 68 4.48 46.50 -2.55
N LEU B 69 3.50 45.67 -2.92
CA LEU B 69 3.60 44.23 -2.78
C LEU B 69 4.23 43.61 -4.04
N LEU B 70 4.93 42.50 -3.86
CA LEU B 70 5.52 41.76 -4.97
C LEU B 70 5.75 40.29 -4.61
N VAL B 71 5.43 39.41 -5.57
CA VAL B 71 5.71 37.98 -5.43
C VAL B 71 7.09 37.70 -5.97
N SER B 72 7.68 36.59 -5.52
CA SER B 72 8.93 36.11 -6.06
C SER B 72 9.00 34.59 -5.96
N ALA B 73 9.34 33.93 -7.05
CA ALA B 73 9.51 32.49 -7.07
C ALA B 73 10.98 32.16 -6.98
N SER B 74 11.31 31.09 -6.27
CA SER B 74 12.70 30.74 -6.02
C SER B 74 12.96 29.24 -6.02
N GLN B 75 14.22 28.90 -6.30
CA GLN B 75 14.73 27.53 -6.29
C GLN B 75 14.41 26.79 -4.98
N ASP B 76 14.30 27.53 -3.88
CA ASP B 76 13.91 26.95 -2.60
C ASP B 76 12.45 26.45 -2.55
N GLY B 77 11.79 26.43 -3.70
CA GLY B 77 10.44 25.86 -3.80
C GLY B 77 9.35 26.73 -3.21
N LYS B 78 9.72 27.94 -2.79
CA LYS B 78 8.77 28.85 -2.16
C LYS B 78 8.44 30.04 -3.05
N LEU B 79 7.24 30.55 -2.82
CA LEU B 79 6.72 31.72 -3.49
C LEU B 79 6.41 32.71 -2.38
N ILE B 80 7.26 33.73 -2.23
CA ILE B 80 7.11 34.70 -1.14
C ILE B 80 6.48 36.02 -1.64
N ILE B 81 5.60 36.59 -0.82
CA ILE B 81 5.05 37.92 -1.09
C ILE B 81 5.66 38.90 -0.09
N TRP B 82 6.31 39.94 -0.59
CA TRP B 82 7.00 40.91 0.26
C TRP B 82 6.22 42.21 0.33
N ASP B 83 6.33 42.90 1.47
CA ASP B 83 5.94 44.30 1.59
C ASP B 83 7.24 45.12 1.43
N SER B 84 7.47 45.62 0.23
CA SER B 84 8.70 46.33 -0.10
C SER B 84 8.98 47.49 0.86
N TYR B 85 7.92 48.18 1.26
CA TYR B 85 8.01 49.30 2.19
C TYR B 85 8.49 48.85 3.56
N THR B 86 8.01 47.69 4.02
CA THR B 86 8.28 47.23 5.38
C THR B 86 9.22 46.02 5.47
N THR B 87 9.58 45.43 4.34
CA THR B 87 10.44 44.22 4.30
C THR B 87 9.74 42.97 4.88
N ASN B 88 8.50 43.13 5.35
CA ASN B 88 7.78 42.04 6.00
C ASN B 88 7.06 41.21 4.95
N LYS B 89 7.00 39.90 5.19
CA LYS B 89 6.44 38.97 4.22
C LYS B 89 4.94 38.77 4.43
N VAL B 90 4.14 39.35 3.54
CA VAL B 90 2.68 39.22 3.60
C VAL B 90 2.23 37.76 3.42
N HIS B 91 3.01 36.98 2.67
CA HIS B 91 2.78 35.54 2.53
C HIS B 91 4.08 34.81 2.19
N ALA B 92 4.21 33.59 2.70
CA ALA B 92 5.31 32.68 2.37
C ALA B 92 4.73 31.33 1.93
N ILE B 93 4.37 31.24 0.66
CA ILE B 93 3.64 30.09 0.13
C ILE B 93 4.59 28.97 -0.32
N PRO B 94 4.44 27.78 0.27
CA PRO B 94 5.18 26.60 -0.21
C PRO B 94 4.45 25.96 -1.38
N LEU B 95 5.19 25.43 -2.35
CA LEU B 95 4.61 24.94 -3.59
C LEU B 95 4.55 23.43 -3.63
N ARG B 96 3.69 22.91 -4.49
CA ARG B 96 3.56 21.46 -4.69
C ARG B 96 4.70 20.91 -5.53
N SER B 97 5.16 21.70 -6.49
CA SER B 97 6.32 21.36 -7.30
C SER B 97 7.51 22.22 -6.88
N SER B 98 8.65 21.58 -6.67
CA SER B 98 9.88 22.30 -6.31
C SER B 98 10.47 23.10 -7.48
N TRP B 99 10.01 22.81 -8.70
CA TRP B 99 10.65 23.32 -9.92
C TRP B 99 9.98 24.57 -10.49
N VAL B 100 9.70 25.54 -9.64
CA VAL B 100 9.07 26.78 -10.07
C VAL B 100 10.07 27.67 -10.81
N MET B 101 9.63 28.29 -11.90
CA MET B 101 10.46 29.20 -12.71
C MET B 101 9.88 30.58 -12.92
N THR B 102 8.58 30.74 -12.66
CA THR B 102 7.92 32.02 -12.91
C THR B 102 6.82 32.30 -11.92
N CYS B 103 6.46 33.57 -11.78
CA CYS B 103 5.39 34.00 -10.90
C CYS B 103 4.78 35.30 -11.42
N ALA B 104 3.57 35.60 -10.99
CA ALA B 104 2.82 36.73 -11.54
C ALA B 104 1.71 37.22 -10.60
N TYR B 105 1.97 38.36 -9.96
CA TYR B 105 0.95 39.05 -9.16
C TYR B 105 -0.18 39.52 -10.09
N ALA B 106 -1.43 39.29 -9.67
CA ALA B 106 -2.57 39.76 -10.43
C ALA B 106 -2.71 41.27 -10.29
N PRO B 107 -3.30 41.94 -11.28
CA PRO B 107 -3.58 43.38 -11.12
C PRO B 107 -4.66 43.62 -10.08
N SER B 108 -5.52 42.62 -9.88
CA SER B 108 -6.56 42.64 -8.87
C SER B 108 -6.01 42.60 -7.44
N GLY B 109 -4.82 42.02 -7.27
CA GLY B 109 -4.20 41.91 -5.94
C GLY B 109 -4.64 40.69 -5.13
N ASN B 110 -5.69 40.02 -5.59
CA ASN B 110 -6.29 38.90 -4.86
C ASN B 110 -5.56 37.61 -5.16
N TYR B 111 -5.22 37.42 -6.43
CA TYR B 111 -4.63 36.19 -6.93
C TYR B 111 -3.15 36.41 -7.25
N VAL B 112 -2.35 35.35 -7.10
CA VAL B 112 -1.01 35.28 -7.67
C VAL B 112 -0.86 33.94 -8.36
N ALA B 113 -0.10 33.91 -9.46
CA ALA B 113 0.09 32.68 -10.23
C ALA B 113 1.56 32.33 -10.32
N CYS B 114 1.83 31.06 -10.54
CA CYS B 114 3.20 30.60 -10.78
C CYS B 114 3.19 29.27 -11.51
N GLY B 115 4.39 28.79 -11.86
CA GLY B 115 4.52 27.52 -12.55
C GLY B 115 5.96 27.23 -12.89
N GLY B 116 6.20 26.07 -13.50
CA GLY B 116 7.56 25.67 -13.88
C GLY B 116 7.56 24.33 -14.56
N LEU B 117 8.60 23.54 -14.31
CA LEU B 117 8.74 22.23 -14.95
C LEU B 117 7.58 21.28 -14.62
N ASP B 118 6.75 21.65 -13.66
CA ASP B 118 5.46 20.98 -13.45
C ASP B 118 4.52 21.08 -14.66
N ASN B 119 4.87 21.90 -15.65
CA ASN B 119 4.07 22.10 -16.87
C ASN B 119 2.64 22.60 -16.58
N ILE B 120 2.49 23.23 -15.41
CA ILE B 120 1.21 23.71 -14.94
C ILE B 120 1.37 25.15 -14.53
N CYS B 121 0.33 25.94 -14.75
CA CYS B 121 0.24 27.28 -14.18
C CYS B 121 -0.65 27.20 -12.94
N SER B 122 -0.01 27.05 -11.78
CA SER B 122 -0.73 26.96 -10.51
C SER B 122 -1.16 28.36 -10.09
N ILE B 123 -2.47 28.56 -9.92
CA ILE B 123 -3.02 29.85 -9.46
C ILE B 123 -3.33 29.77 -7.97
N TYR B 124 -2.88 30.76 -7.21
CA TYR B 124 -3.08 30.80 -5.77
C TYR B 124 -4.01 31.96 -5.37
N ASN B 125 -4.77 31.74 -4.30
CA ASN B 125 -5.70 32.74 -3.77
C ASN B 125 -5.22 33.26 -2.41
N LEU B 126 -4.99 34.56 -2.32
CA LEU B 126 -4.55 35.18 -1.06
C LEU B 126 -5.75 35.48 -0.16
N LYS B 127 -6.81 36.03 -0.76
CA LYS B 127 -8.06 36.31 -0.07
C LYS B 127 -8.99 35.10 -0.17
N THR B 128 -8.81 34.14 0.75
CA THR B 128 -9.63 32.94 0.80
C THR B 128 -10.82 33.16 1.73
N ARG B 129 -11.82 32.29 1.61
CA ARG B 129 -12.91 32.16 2.59
C ARG B 129 -12.38 32.17 4.02
N GLU B 130 -11.42 31.28 4.28
CA GLU B 130 -10.84 31.06 5.62
C GLU B 130 -9.54 31.85 5.85
N GLY B 131 -9.18 32.71 4.91
CA GLY B 131 -7.99 33.56 5.02
C GLY B 131 -6.67 32.84 4.83
N ASN B 132 -6.71 31.58 4.42
CA ASN B 132 -5.51 30.79 4.16
C ASN B 132 -4.93 31.06 2.78
N VAL B 133 -3.80 30.43 2.47
CA VAL B 133 -3.21 30.47 1.12
C VAL B 133 -3.58 29.20 0.37
N ARG B 134 -4.76 29.22 -0.27
CA ARG B 134 -5.33 28.06 -0.92
C ARG B 134 -5.15 28.12 -2.43
N VAL B 135 -4.97 26.97 -3.06
CA VAL B 135 -4.72 26.87 -4.50
C VAL B 135 -6.05 26.88 -5.27
N SER B 136 -6.27 27.91 -6.07
CA SER B 136 -7.51 28.04 -6.83
C SER B 136 -7.60 27.05 -8.01
N ARG B 137 -6.52 26.91 -8.77
CA ARG B 137 -6.55 26.11 -10.00
C ARG B 137 -5.23 25.47 -10.39
N GLU B 138 -5.34 24.36 -11.10
CA GLU B 138 -4.21 23.72 -11.77
C GLU B 138 -4.46 23.83 -13.28
N LEU B 139 -3.94 24.89 -13.89
CA LEU B 139 -4.08 25.09 -15.33
C LEU B 139 -3.14 24.16 -16.09
N ALA B 140 -3.61 22.96 -16.39
CA ALA B 140 -2.82 21.97 -17.12
C ALA B 140 -3.29 21.89 -18.57
N GLY B 141 -2.35 21.57 -19.45
CA GLY B 141 -2.57 21.65 -20.88
C GLY B 141 -1.25 21.81 -21.62
N HIS B 142 -0.38 22.67 -21.11
CA HIS B 142 0.97 22.82 -21.68
C HIS B 142 1.73 21.49 -21.65
N THR B 143 2.47 21.24 -22.73
CA THR B 143 3.24 20.02 -22.87
C THR B 143 4.74 20.27 -22.67
N GLY B 144 5.09 21.46 -22.20
CA GLY B 144 6.47 21.83 -21.88
C GLY B 144 6.49 22.75 -20.67
N TYR B 145 7.68 23.07 -20.17
CA TYR B 145 7.79 23.86 -18.94
C TYR B 145 7.13 25.22 -19.05
N LEU B 146 6.44 25.63 -17.99
CA LEU B 146 5.86 26.96 -17.92
C LEU B 146 6.99 27.96 -17.67
N SER B 147 7.22 28.83 -18.64
CA SER B 147 8.38 29.74 -18.61
C SER B 147 8.02 31.11 -18.09
N CYS B 148 6.74 31.47 -18.16
CA CYS B 148 6.27 32.79 -17.78
C CYS B 148 4.76 32.92 -17.99
N CYS B 149 4.12 33.84 -17.28
CA CYS B 149 2.67 34.05 -17.37
C CYS B 149 2.24 35.37 -16.74
N ARG B 150 1.21 36.00 -17.30
CA ARG B 150 0.70 37.28 -16.77
C ARG B 150 -0.82 37.35 -16.74
N PHE B 151 -1.35 37.79 -15.60
CA PHE B 151 -2.78 37.95 -15.41
C PHE B 151 -3.33 39.09 -16.25
N LEU B 152 -4.42 38.83 -16.96
CA LEU B 152 -5.20 39.91 -17.58
C LEU B 152 -6.12 40.53 -16.52
N ASP B 153 -6.72 39.66 -15.69
CA ASP B 153 -7.65 40.07 -14.63
C ASP B 153 -7.69 38.95 -13.58
N ASP B 154 -8.73 38.91 -12.74
CA ASP B 154 -8.88 37.81 -11.76
C ASP B 154 -9.17 36.43 -12.37
N ASN B 155 -9.86 36.39 -13.53
CA ASN B 155 -10.30 35.12 -14.13
C ASN B 155 -9.61 34.74 -15.47
N GLN B 156 -8.74 35.61 -15.98
CA GLN B 156 -7.99 35.34 -17.21
C GLN B 156 -6.49 35.53 -17.01
N ILE B 157 -5.71 34.70 -17.71
CA ILE B 157 -4.25 34.70 -17.58
C ILE B 157 -3.62 34.13 -18.86
N VAL B 158 -2.59 34.81 -19.37
CA VAL B 158 -1.84 34.36 -20.55
C VAL B 158 -0.58 33.66 -20.07
N THR B 159 -0.20 32.56 -20.73
CA THR B 159 1.01 31.82 -20.33
C THR B 159 1.87 31.41 -21.52
N SER B 160 3.19 31.49 -21.33
CA SER B 160 4.15 31.00 -22.30
C SER B 160 4.80 29.76 -21.75
N SER B 161 5.33 28.93 -22.64
CA SER B 161 5.81 27.61 -22.27
C SER B 161 6.99 27.17 -23.11
N GLY B 162 7.54 26.01 -22.75
CA GLY B 162 8.62 25.39 -23.50
C GLY B 162 8.14 24.45 -24.58
N ASP B 163 6.83 24.35 -24.76
CA ASP B 163 6.25 23.62 -25.89
C ASP B 163 6.19 24.48 -27.16
N THR B 164 6.78 25.67 -27.10
CA THR B 164 6.86 26.63 -28.21
C THR B 164 5.51 27.25 -28.56
N THR B 165 4.61 27.31 -27.59
CA THR B 165 3.31 27.97 -27.75
C THR B 165 3.04 28.86 -26.56
N CYS B 166 2.14 29.82 -26.75
CA CYS B 166 1.54 30.54 -25.64
C CYS B 166 0.08 30.12 -25.54
N ALA B 167 -0.63 30.61 -24.53
CA ALA B 167 -2.02 30.24 -24.35
C ALA B 167 -2.75 31.22 -23.42
N LEU B 168 -3.97 31.57 -23.80
CA LEU B 168 -4.86 32.32 -22.93
C LEU B 168 -5.74 31.31 -22.21
N TRP B 169 -5.92 31.50 -20.90
CA TRP B 169 -6.74 30.59 -20.10
C TRP B 169 -7.94 31.30 -19.51
N ASP B 170 -9.01 30.54 -19.31
CA ASP B 170 -10.13 30.96 -18.48
C ASP B 170 -10.02 30.19 -17.17
N ILE B 171 -9.63 30.91 -16.11
CA ILE B 171 -9.32 30.30 -14.81
C ILE B 171 -10.48 29.46 -14.28
N GLU B 172 -11.71 29.90 -14.55
CA GLU B 172 -12.92 29.17 -14.16
C GLU B 172 -12.95 27.78 -14.78
N THR B 173 -12.94 27.74 -16.11
CA THR B 173 -13.02 26.49 -16.87
C THR B 173 -11.73 25.67 -16.80
N GLY B 174 -10.63 26.30 -16.38
CA GLY B 174 -9.31 25.65 -16.36
C GLY B 174 -8.88 25.21 -17.74
N GLN B 175 -9.35 25.95 -18.75
CA GLN B 175 -9.23 25.55 -20.14
C GLN B 175 -8.61 26.65 -20.98
N GLN B 176 -7.80 26.25 -21.96
CA GLN B 176 -7.15 27.19 -22.86
C GLN B 176 -8.16 27.81 -23.81
N THR B 177 -8.60 29.03 -23.50
CA THR B 177 -9.50 29.78 -24.39
C THR B 177 -8.92 29.83 -25.80
N THR B 178 -7.74 30.42 -25.92
CA THR B 178 -7.04 30.52 -27.20
C THR B 178 -5.66 29.90 -27.07
N THR B 179 -5.11 29.42 -28.17
CA THR B 179 -3.74 28.92 -28.19
C THR B 179 -2.94 29.64 -29.26
N PHE B 180 -1.83 30.24 -28.86
CA PHE B 180 -1.03 31.08 -29.74
C PHE B 180 0.18 30.29 -30.22
N THR B 181 -0.01 29.50 -31.26
CA THR B 181 1.06 28.69 -31.83
C THR B 181 1.76 29.47 -32.93
N GLY B 182 3.04 29.20 -33.13
CA GLY B 182 3.84 29.92 -34.12
C GLY B 182 5.33 29.79 -33.92
N HIS B 183 5.79 29.97 -32.69
CA HIS B 183 7.22 29.88 -32.38
C HIS B 183 7.78 28.50 -32.71
N THR B 184 9.07 28.48 -33.06
CA THR B 184 9.80 27.26 -33.35
C THR B 184 10.87 27.00 -32.29
N GLY B 185 10.68 27.58 -31.10
CA GLY B 185 11.59 27.38 -29.97
C GLY B 185 10.86 27.60 -28.66
N ASP B 186 11.48 27.18 -27.56
CA ASP B 186 10.89 27.38 -26.23
C ASP B 186 10.61 28.86 -26.01
N VAL B 187 9.40 29.19 -25.57
CA VAL B 187 9.01 30.59 -25.36
C VAL B 187 9.44 31.01 -23.96
N MET B 188 10.44 31.89 -23.88
CA MET B 188 11.07 32.26 -22.62
C MET B 188 10.33 33.31 -21.81
N SER B 189 9.57 34.16 -22.50
CA SER B 189 9.05 35.37 -21.89
C SER B 189 7.84 35.88 -22.64
N LEU B 190 7.08 36.76 -22.01
CA LEU B 190 5.99 37.46 -22.69
C LEU B 190 5.71 38.80 -22.04
N SER B 191 4.81 39.57 -22.63
CA SER B 191 4.47 40.88 -22.09
C SER B 191 3.16 41.39 -22.64
N LEU B 192 2.23 41.69 -21.73
CA LEU B 192 0.94 42.24 -22.09
C LEU B 192 1.11 43.72 -22.38
N ALA B 193 0.48 44.19 -23.45
CA ALA B 193 0.41 45.62 -23.72
C ALA B 193 -0.60 46.24 -22.75
N PRO B 194 -0.47 47.56 -22.49
CA PRO B 194 -1.48 48.27 -21.70
C PRO B 194 -2.91 47.88 -22.10
N ASP B 195 -3.21 47.94 -23.39
CA ASP B 195 -4.46 47.37 -23.94
C ASP B 195 -4.33 45.86 -23.91
N THR B 196 -5.11 45.19 -23.07
CA THR B 196 -4.96 43.74 -22.93
C THR B 196 -5.23 42.93 -24.22
N ARG B 197 -5.50 43.62 -25.33
CA ARG B 197 -5.82 42.95 -26.61
C ARG B 197 -4.60 42.51 -27.42
N LEU B 198 -3.41 42.99 -27.04
CA LEU B 198 -2.15 42.54 -27.67
C LEU B 198 -1.12 42.12 -26.63
N PHE B 199 -0.28 41.15 -26.99
CA PHE B 199 0.89 40.81 -26.17
C PHE B 199 2.03 40.29 -27.04
N VAL B 200 3.28 40.55 -26.63
CA VAL B 200 4.46 40.04 -27.34
C VAL B 200 5.08 38.89 -26.56
N SER B 201 5.90 38.09 -27.24
CA SER B 201 6.56 36.95 -26.62
C SER B 201 7.94 36.75 -27.20
N GLY B 202 8.89 36.39 -26.34
CA GLY B 202 10.27 36.14 -26.77
C GLY B 202 10.59 34.68 -26.63
N ALA B 203 11.37 34.16 -27.57
CA ALA B 203 11.63 32.72 -27.64
C ALA B 203 13.10 32.40 -27.92
N CYS B 204 13.43 31.12 -27.95
CA CYS B 204 14.78 30.69 -28.27
C CYS B 204 15.06 30.69 -29.77
N ASP B 205 14.00 30.73 -30.57
CA ASP B 205 14.14 30.91 -32.01
C ASP B 205 14.68 32.30 -32.37
N ALA B 206 15.19 33.04 -31.38
CA ALA B 206 15.78 34.36 -31.58
C ALA B 206 14.81 35.33 -32.25
N SER B 207 13.55 35.26 -31.83
CA SER B 207 12.52 36.13 -32.39
C SER B 207 11.44 36.42 -31.37
N ALA B 208 10.75 37.55 -31.57
CA ALA B 208 9.58 37.92 -30.79
C ALA B 208 8.39 37.99 -31.73
N LYS B 209 7.18 37.86 -31.18
CA LYS B 209 5.97 37.89 -31.98
C LYS B 209 4.86 38.66 -31.30
N LEU B 210 4.20 39.55 -32.04
CA LEU B 210 3.05 40.27 -31.53
C LEU B 210 1.81 39.42 -31.78
N TRP B 211 1.06 39.13 -30.72
CA TRP B 211 -0.12 38.31 -30.81
C TRP B 211 -1.38 39.13 -30.58
N ASP B 212 -2.48 38.70 -31.20
CA ASP B 212 -3.81 39.25 -30.95
C ASP B 212 -4.55 38.36 -29.95
N VAL B 213 -4.66 38.83 -28.71
CA VAL B 213 -5.34 38.09 -27.64
C VAL B 213 -6.76 37.75 -28.07
N ARG B 214 -7.45 38.78 -28.55
CA ARG B 214 -8.82 38.67 -29.04
C ARG B 214 -8.99 37.45 -29.96
N GLU B 215 -8.27 37.47 -31.08
CA GLU B 215 -8.51 36.51 -32.16
C GLU B 215 -7.66 35.27 -31.96
N GLY B 216 -6.35 35.45 -31.78
CA GLY B 216 -5.42 34.35 -31.55
C GLY B 216 -4.43 34.11 -32.67
N MET B 217 -4.07 35.19 -33.37
CA MET B 217 -3.17 35.13 -34.51
C MET B 217 -1.89 35.89 -34.20
N CYS B 218 -0.80 35.49 -34.86
CA CYS B 218 0.44 36.25 -34.83
C CYS B 218 0.36 37.36 -35.87
N ARG B 219 0.45 38.61 -35.42
CA ARG B 219 0.33 39.76 -36.32
C ARG B 219 1.64 40.15 -36.98
N GLN B 220 2.71 40.19 -36.19
CA GLN B 220 4.04 40.54 -36.69
C GLN B 220 5.11 39.70 -36.00
N THR B 221 6.23 39.49 -36.69
CA THR B 221 7.37 38.76 -36.13
C THR B 221 8.64 39.55 -36.35
N PHE B 222 9.37 39.79 -35.27
CA PHE B 222 10.58 40.59 -35.34
C PHE B 222 11.78 39.68 -35.10
N THR B 223 12.85 39.90 -35.87
CA THR B 223 14.09 39.13 -35.72
C THR B 223 15.26 40.11 -35.63
N GLY B 224 16.47 39.57 -35.50
CA GLY B 224 17.67 40.40 -35.40
C GLY B 224 18.65 39.94 -34.36
N HIS B 225 18.14 39.27 -33.33
CA HIS B 225 18.98 38.66 -32.31
C HIS B 225 19.69 37.43 -32.86
N GLU B 226 20.98 37.30 -32.53
CA GLU B 226 21.79 36.14 -32.90
C GLU B 226 21.64 34.99 -31.91
N SER B 227 20.80 35.15 -30.89
CA SER B 227 20.58 34.08 -29.92
C SER B 227 19.25 34.19 -29.21
N ASP B 228 19.01 33.27 -28.28
CA ASP B 228 17.77 33.19 -27.51
C ASP B 228 17.34 34.55 -26.98
N ILE B 229 16.05 34.84 -27.06
CA ILE B 229 15.47 35.99 -26.38
C ILE B 229 15.00 35.50 -25.02
N ASN B 230 15.60 36.05 -23.96
CA ASN B 230 15.30 35.64 -22.60
C ASN B 230 14.23 36.49 -21.93
N ALA B 231 14.08 37.73 -22.35
CA ALA B 231 13.11 38.63 -21.73
C ALA B 231 12.66 39.74 -22.67
N ILE B 232 11.44 40.21 -22.44
CA ILE B 232 10.75 41.10 -23.35
C ILE B 232 9.69 41.87 -22.56
N CYS B 233 9.51 43.15 -22.88
CA CYS B 233 8.39 43.90 -22.32
C CYS B 233 8.05 45.16 -23.10
N PHE B 234 6.82 45.63 -22.86
CA PHE B 234 6.26 46.74 -23.61
C PHE B 234 6.74 48.12 -23.14
N PHE B 235 6.93 49.01 -24.10
CA PHE B 235 7.14 50.41 -23.83
C PHE B 235 5.81 50.99 -23.33
N PRO B 236 5.84 51.87 -22.32
CA PRO B 236 4.65 52.43 -21.68
C PRO B 236 3.43 52.68 -22.56
N ASN B 237 3.62 53.30 -23.73
CA ASN B 237 2.49 53.65 -24.60
C ASN B 237 1.82 52.45 -25.26
N GLY B 238 2.63 51.44 -25.62
CA GLY B 238 2.13 50.20 -26.25
C GLY B 238 2.44 50.08 -27.73
N ASN B 239 3.36 50.90 -28.24
CA ASN B 239 3.75 50.89 -29.66
C ASN B 239 5.13 50.30 -29.91
N ALA B 240 5.83 49.96 -28.83
CA ALA B 240 7.16 49.40 -28.95
C ALA B 240 7.41 48.40 -27.82
N PHE B 241 8.50 47.65 -27.93
CA PHE B 241 8.88 46.73 -26.88
C PHE B 241 10.36 46.41 -26.98
N ALA B 242 10.96 46.07 -25.84
CA ALA B 242 12.39 45.78 -25.79
C ALA B 242 12.61 44.31 -25.50
N THR B 243 13.71 43.77 -26.02
CA THR B 243 14.04 42.36 -25.84
C THR B 243 15.46 42.19 -25.30
N GLY B 244 15.62 41.27 -24.34
CA GLY B 244 16.94 40.89 -23.84
C GLY B 244 17.32 39.54 -24.38
N SER B 245 18.59 39.37 -24.73
CA SER B 245 19.03 38.15 -25.42
C SER B 245 20.35 37.58 -24.90
N ASP B 246 20.58 36.29 -25.15
CA ASP B 246 21.86 35.65 -24.89
C ASP B 246 22.96 36.09 -25.86
N ASP B 247 22.62 37.00 -26.78
CA ASP B 247 23.61 37.59 -27.67
C ASP B 247 24.25 38.85 -27.06
N ALA B 248 24.05 39.04 -25.76
CA ALA B 248 24.62 40.19 -25.03
C ALA B 248 24.12 41.56 -25.49
N THR B 249 22.96 41.59 -26.14
CA THR B 249 22.34 42.84 -26.56
C THR B 249 20.87 42.91 -26.19
N CYS B 250 20.39 44.12 -25.93
CA CYS B 250 18.98 44.43 -25.94
C CYS B 250 18.66 45.07 -27.28
N ARG B 251 17.38 45.07 -27.63
CA ARG B 251 16.92 45.74 -28.84
C ARG B 251 15.54 46.31 -28.59
N LEU B 252 15.25 47.42 -29.26
CA LEU B 252 13.93 48.03 -29.24
C LEU B 252 13.27 47.77 -30.59
N PHE B 253 11.98 47.44 -30.57
CA PHE B 253 11.23 47.22 -31.80
C PHE B 253 9.96 48.08 -31.80
N ASP B 254 9.71 48.79 -32.90
CA ASP B 254 8.44 49.51 -33.07
C ASP B 254 7.48 48.66 -33.91
N LEU B 255 6.24 48.58 -33.45
CA LEU B 255 5.21 47.76 -34.08
C LEU B 255 4.76 48.38 -35.40
N ARG B 256 4.43 49.67 -35.36
CA ARG B 256 3.92 50.36 -36.54
C ARG B 256 4.98 50.47 -37.65
N ALA B 257 6.25 50.60 -37.26
CA ALA B 257 7.35 50.59 -38.22
C ALA B 257 7.82 49.17 -38.51
N ASP B 258 7.30 48.21 -37.74
CA ASP B 258 7.54 46.79 -37.94
C ASP B 258 9.00 46.44 -38.23
N GLN B 259 9.89 47.04 -37.45
CA GLN B 259 11.31 46.72 -37.53
C GLN B 259 12.05 47.20 -36.28
N GLU B 260 13.32 46.82 -36.19
CA GLU B 260 14.18 47.20 -35.10
C GLU B 260 14.50 48.68 -35.19
N LEU B 261 14.43 49.39 -34.06
CA LEU B 261 14.80 50.80 -33.99
C LEU B 261 16.21 50.99 -33.44
N MET B 262 16.54 50.21 -32.41
CA MET B 262 17.73 50.46 -31.61
C MET B 262 18.36 49.18 -31.08
N THR B 263 19.68 49.22 -30.89
CA THR B 263 20.42 48.16 -30.24
C THR B 263 21.09 48.75 -29.00
N TYR B 264 21.07 47.99 -27.91
CA TYR B 264 21.74 48.39 -26.69
C TYR B 264 22.78 47.32 -26.35
N SER B 265 24.05 47.65 -26.59
CA SER B 265 25.14 46.70 -26.39
C SER B 265 26.48 47.40 -26.37
N HIS B 266 27.49 46.71 -25.86
CA HIS B 266 28.84 47.23 -25.81
C HIS B 266 29.88 46.12 -25.87
N ASP B 267 31.04 46.45 -26.42
CA ASP B 267 32.17 45.52 -26.56
C ASP B 267 32.53 44.86 -25.23
N ASN B 268 32.37 45.61 -24.13
CA ASN B 268 32.63 45.09 -22.79
C ASN B 268 31.60 44.04 -22.34
N ILE B 269 30.33 44.23 -22.71
CA ILE B 269 29.26 43.31 -22.31
C ILE B 269 29.29 42.05 -23.18
N ILE B 270 29.58 40.92 -22.55
CA ILE B 270 29.73 39.65 -23.27
C ILE B 270 28.71 38.60 -22.83
N CYS B 271 28.18 38.69 -21.61
CA CYS B 271 27.17 37.71 -21.14
C CYS B 271 25.75 38.21 -21.39
N GLY B 272 24.81 37.28 -21.38
CA GLY B 272 23.44 37.54 -21.82
C GLY B 272 22.61 38.42 -20.90
N ILE B 273 21.48 38.88 -21.42
CA ILE B 273 20.48 39.63 -20.67
C ILE B 273 19.43 38.65 -20.14
N THR B 274 19.08 38.79 -18.87
CA THR B 274 18.13 37.89 -18.22
C THR B 274 16.73 38.48 -18.16
N SER B 275 16.64 39.80 -18.14
CA SER B 275 15.39 40.50 -17.87
C SER B 275 15.46 41.93 -18.36
N VAL B 276 14.29 42.54 -18.57
CA VAL B 276 14.21 43.94 -18.95
C VAL B 276 12.98 44.61 -18.37
N SER B 277 13.06 45.93 -18.20
CA SER B 277 11.90 46.73 -17.83
C SER B 277 12.14 48.19 -18.17
N PHE B 278 11.06 48.92 -18.43
CA PHE B 278 11.14 50.36 -18.70
C PHE B 278 10.78 51.15 -17.44
N SER B 279 11.35 52.35 -17.32
CA SER B 279 10.89 53.32 -16.33
C SER B 279 9.56 53.89 -16.83
N LYS B 280 8.79 54.47 -15.92
CA LYS B 280 7.41 54.90 -16.20
C LYS B 280 7.27 55.73 -17.50
N SER B 281 8.24 56.60 -17.77
CA SER B 281 8.25 57.44 -18.97
C SER B 281 8.76 56.69 -20.20
N GLY B 282 9.65 55.73 -19.98
CA GLY B 282 10.22 54.94 -21.05
C GLY B 282 11.62 55.36 -21.44
N ARG B 283 12.10 56.45 -20.86
CA ARG B 283 13.44 56.97 -21.18
C ARG B 283 14.55 55.99 -20.78
N LEU B 284 14.31 55.18 -19.75
CA LEU B 284 15.31 54.25 -19.25
C LEU B 284 14.92 52.81 -19.51
N LEU B 285 15.87 52.05 -20.04
CA LEU B 285 15.74 50.61 -20.20
C LEU B 285 16.68 49.94 -19.22
N LEU B 286 16.10 49.14 -18.32
CA LEU B 286 16.87 48.44 -17.28
C LEU B 286 17.01 46.96 -17.63
N ALA B 287 18.24 46.55 -17.89
CA ALA B 287 18.54 45.18 -18.31
C ALA B 287 19.27 44.41 -17.22
N GLY B 288 18.76 43.23 -16.85
CA GLY B 288 19.43 42.35 -15.89
C GLY B 288 20.41 41.48 -16.64
N TYR B 289 21.54 41.13 -16.01
CA TYR B 289 22.60 40.38 -16.68
C TYR B 289 23.10 39.17 -15.90
N ASP B 290 23.87 38.34 -16.60
CA ASP B 290 24.55 37.19 -16.02
C ASP B 290 26.03 37.51 -15.73
N ASP B 291 26.27 38.70 -15.17
CA ASP B 291 27.57 39.04 -14.58
C ASP B 291 27.33 39.74 -13.24
N PHE B 292 26.21 39.39 -12.62
CA PHE B 292 25.77 39.97 -11.35
C PHE B 292 25.46 41.48 -11.43
N ASN B 293 25.54 42.05 -12.63
CA ASN B 293 25.27 43.47 -12.83
C ASN B 293 23.91 43.69 -13.45
N CYS B 294 23.53 44.95 -13.59
CA CYS B 294 22.21 45.28 -14.07
C CYS B 294 22.20 46.72 -14.59
N ASN B 295 22.54 46.87 -15.87
CA ASN B 295 22.85 48.17 -16.46
C ASN B 295 21.61 49.00 -16.80
N VAL B 296 21.74 50.31 -16.65
CA VAL B 296 20.66 51.26 -16.96
C VAL B 296 21.01 51.92 -18.30
N TRP B 297 20.12 51.77 -19.27
CA TRP B 297 20.31 52.35 -20.60
C TRP B 297 19.42 53.55 -20.83
N ASP B 298 19.93 54.53 -21.57
CA ASP B 298 19.10 55.57 -22.14
C ASP B 298 18.43 54.94 -23.35
N ALA B 299 17.12 54.75 -23.26
CA ALA B 299 16.37 54.06 -24.31
C ALA B 299 16.44 54.78 -25.66
N LEU B 300 16.61 56.10 -25.61
CA LEU B 300 16.67 56.90 -26.82
C LEU B 300 18.10 57.08 -27.32
N LYS B 301 19.03 57.41 -26.43
CA LYS B 301 20.43 57.61 -26.82
C LYS B 301 21.18 56.29 -27.04
N ALA B 302 20.72 55.22 -26.39
CA ALA B 302 21.40 53.92 -26.39
C ALA B 302 22.72 53.94 -25.61
N ASP B 303 22.89 54.94 -24.75
CA ASP B 303 24.09 55.07 -23.92
C ASP B 303 23.83 54.45 -22.56
N ARG B 304 24.84 53.80 -22.02
CA ARG B 304 24.75 53.17 -20.71
C ARG B 304 24.84 54.24 -19.60
N ALA B 305 23.69 54.65 -19.08
CA ALA B 305 23.61 55.73 -18.09
C ALA B 305 24.17 55.32 -16.74
N GLY B 306 23.84 54.10 -16.29
CA GLY B 306 24.24 53.63 -14.96
C GLY B 306 24.37 52.12 -14.83
N VAL B 307 24.65 51.69 -13.60
CA VAL B 307 24.80 50.27 -13.25
C VAL B 307 24.22 50.03 -11.88
N LEU B 308 23.41 48.99 -11.73
CA LEU B 308 23.04 48.51 -10.40
C LEU B 308 23.89 47.26 -10.16
N ALA B 309 24.87 47.37 -9.27
CA ALA B 309 25.79 46.26 -8.99
C ALA B 309 25.69 45.86 -7.52
N GLY B 310 24.55 45.28 -7.14
CA GLY B 310 24.25 44.96 -5.74
C GLY B 310 24.09 43.48 -5.44
N HIS B 311 24.40 42.64 -6.42
CA HIS B 311 24.23 41.20 -6.27
C HIS B 311 25.55 40.47 -6.49
N ASP B 312 25.73 39.36 -5.77
CA ASP B 312 26.93 38.54 -5.88
C ASP B 312 26.79 37.46 -6.96
N ASN B 313 25.55 37.14 -7.34
CA ASN B 313 25.28 36.20 -8.42
C ASN B 313 24.41 36.85 -9.48
N ARG B 314 24.28 36.18 -10.62
CA ARG B 314 23.40 36.59 -11.73
C ARG B 314 22.14 37.34 -11.27
N VAL B 315 21.84 38.45 -11.93
CA VAL B 315 20.56 39.12 -11.74
C VAL B 315 19.53 38.47 -12.65
N SER B 316 18.72 37.58 -12.09
CA SER B 316 17.80 36.75 -12.87
C SER B 316 16.58 37.52 -13.33
N CYS B 317 15.97 38.28 -12.44
CA CYS B 317 14.73 39.00 -12.75
C CYS B 317 14.73 40.41 -12.18
N LEU B 318 13.89 41.27 -12.76
CA LEU B 318 13.74 42.65 -12.29
C LEU B 318 12.43 43.26 -12.77
N GLY B 319 12.02 44.34 -12.09
CA GLY B 319 10.79 45.02 -12.42
C GLY B 319 10.82 46.48 -12.02
N VAL B 320 9.80 47.21 -12.47
CA VAL B 320 9.60 48.60 -12.12
C VAL B 320 8.16 48.75 -11.66
N THR B 321 7.95 49.60 -10.66
CA THR B 321 6.61 49.83 -10.11
C THR B 321 5.73 50.60 -11.10
N ASP B 322 4.41 50.49 -10.95
CA ASP B 322 3.46 51.17 -11.85
C ASP B 322 3.50 52.69 -11.68
N ASP B 323 3.87 53.14 -10.48
CA ASP B 323 4.14 54.56 -10.21
C ASP B 323 5.61 54.94 -10.48
N GLY B 324 6.37 54.01 -11.05
CA GLY B 324 7.77 54.24 -11.41
C GLY B 324 8.68 54.58 -10.26
N MET B 325 8.23 54.35 -9.02
CA MET B 325 8.91 54.84 -7.84
C MET B 325 10.17 54.04 -7.49
N ALA B 326 10.26 52.79 -7.96
CA ALA B 326 11.39 51.92 -7.60
C ALA B 326 11.61 50.73 -8.53
N VAL B 327 12.84 50.24 -8.51
CA VAL B 327 13.26 49.07 -9.27
C VAL B 327 13.56 47.93 -8.30
N ALA B 328 12.88 46.80 -8.49
CA ALA B 328 13.23 45.57 -7.76
C ALA B 328 14.11 44.72 -8.65
N THR B 329 15.06 44.00 -8.05
CA THR B 329 15.92 43.07 -8.80
C THR B 329 16.16 41.80 -7.99
N GLY B 330 15.57 40.70 -8.44
CA GLY B 330 15.85 39.37 -7.89
C GLY B 330 17.11 38.77 -8.48
N SER B 331 17.70 37.81 -7.77
CA SER B 331 19.02 37.31 -8.12
C SER B 331 19.23 35.87 -7.68
N TRP B 332 20.30 35.27 -8.20
CA TRP B 332 20.68 33.91 -7.86
C TRP B 332 21.37 33.83 -6.49
N ASP B 333 21.73 34.98 -5.92
CA ASP B 333 22.37 35.02 -4.59
C ASP B 333 21.38 34.99 -3.41
N SER B 334 20.10 34.82 -3.71
CA SER B 334 19.03 34.59 -2.71
C SER B 334 18.35 35.86 -2.24
N PHE B 335 18.72 36.99 -2.82
CA PHE B 335 18.20 38.29 -2.39
C PHE B 335 17.54 39.04 -3.53
N LEU B 336 16.40 39.66 -3.22
CA LEU B 336 15.89 40.76 -4.02
C LEU B 336 16.41 42.06 -3.41
N LYS B 337 16.45 43.11 -4.21
CA LYS B 337 16.90 44.43 -3.75
C LYS B 337 16.06 45.50 -4.44
N ILE B 338 15.52 46.43 -3.64
CA ILE B 338 14.78 47.57 -4.16
C ILE B 338 15.77 48.72 -4.35
N TRP B 339 15.59 49.55 -5.38
CA TRP B 339 16.55 50.61 -5.71
C TRP B 339 15.88 51.97 -5.94
N ASN B 340 16.65 53.02 -5.67
CA ASN B 340 16.28 54.41 -6.04
C ASN B 340 17.51 55.25 -6.35
N ASN C 4 5.54 11.55 -47.04
CA ASN C 4 5.52 12.60 -45.97
C ASN C 4 5.42 14.01 -46.56
N ASN C 5 4.50 14.19 -47.50
CA ASN C 5 4.25 15.49 -48.12
C ASN C 5 3.12 16.25 -47.42
N THR C 6 2.12 15.52 -46.91
CA THR C 6 0.91 16.13 -46.33
C THR C 6 1.19 16.97 -45.07
N ALA C 7 2.24 16.63 -44.33
CA ALA C 7 2.65 17.41 -43.16
C ALA C 7 3.46 18.62 -43.60
N SER C 8 4.45 18.40 -44.45
CA SER C 8 5.31 19.46 -44.97
C SER C 8 4.52 20.55 -45.70
N ILE C 9 3.50 20.13 -46.44
CA ILE C 9 2.65 21.03 -47.21
C ILE C 9 1.68 21.78 -46.29
N ALA C 10 1.05 21.07 -45.36
CA ALA C 10 0.17 21.68 -44.37
C ALA C 10 0.91 22.71 -43.51
N GLN C 11 2.20 22.45 -43.27
CA GLN C 11 3.08 23.37 -42.54
C GLN C 11 3.46 24.57 -43.42
N ALA C 12 3.93 24.29 -44.63
CA ALA C 12 4.37 25.32 -45.56
C ALA C 12 3.24 26.29 -45.96
N ARG C 13 2.00 25.83 -45.87
CA ARG C 13 0.83 26.70 -46.14
C ARG C 13 0.56 27.66 -44.98
N LYS C 14 0.62 27.16 -43.75
CA LYS C 14 0.49 28.02 -42.58
C LYS C 14 1.51 29.15 -42.65
N LEU C 15 2.75 28.80 -43.00
CA LEU C 15 3.83 29.77 -43.19
C LEU C 15 3.43 30.88 -44.17
N VAL C 16 3.00 30.48 -45.36
CA VAL C 16 2.71 31.45 -46.41
C VAL C 16 1.43 32.22 -46.12
N GLU C 17 0.47 31.58 -45.46
CA GLU C 17 -0.72 32.27 -44.97
C GLU C 17 -0.39 33.22 -43.82
N GLN C 18 0.64 32.87 -43.05
CA GLN C 18 1.15 33.76 -42.01
C GLN C 18 1.93 34.93 -42.63
N LEU C 19 2.87 34.65 -43.52
CA LEU C 19 3.64 35.72 -44.16
C LEU C 19 2.74 36.70 -44.90
N LYS C 20 1.63 36.20 -45.44
CA LYS C 20 0.63 37.06 -46.06
C LYS C 20 -0.01 37.98 -45.01
N MET C 21 -0.27 37.43 -43.83
CA MET C 21 -0.77 38.20 -42.70
C MET C 21 0.18 39.35 -42.38
N GLU C 22 1.45 39.02 -42.20
CA GLU C 22 2.45 39.97 -41.71
C GLU C 22 2.79 41.06 -42.72
N ALA C 23 2.82 40.70 -44.00
CA ALA C 23 3.12 41.66 -45.07
C ALA C 23 1.97 42.60 -45.36
N ASN C 24 0.76 42.23 -44.92
CA ASN C 24 -0.42 43.03 -45.20
C ASN C 24 -0.75 43.98 -44.05
N ILE C 25 0.21 44.84 -43.71
CA ILE C 25 -0.01 45.89 -42.71
C ILE C 25 0.54 47.20 -43.24
N ASP C 26 -0.07 48.30 -42.83
CA ASP C 26 0.40 49.62 -43.23
C ASP C 26 1.48 50.09 -42.26
N ARG C 27 2.73 49.98 -42.68
CA ARG C 27 3.87 50.38 -41.86
C ARG C 27 4.01 51.90 -41.81
N ILE C 28 4.84 52.37 -40.88
CA ILE C 28 5.07 53.79 -40.69
C ILE C 28 6.56 54.08 -40.82
N LYS C 29 6.88 55.24 -41.38
CA LYS C 29 8.27 55.65 -41.56
C LYS C 29 8.97 55.68 -40.20
N VAL C 30 10.13 55.04 -40.10
CA VAL C 30 10.85 54.90 -38.82
C VAL C 30 10.98 56.23 -38.10
N SER C 31 11.29 57.29 -38.86
CA SER C 31 11.40 58.63 -38.32
C SER C 31 10.19 59.03 -37.48
N LYS C 32 8.97 58.77 -38.00
CA LYS C 32 7.75 59.08 -37.24
C LYS C 32 7.57 58.13 -36.05
N ALA C 33 8.00 56.89 -36.22
CA ALA C 33 7.97 55.92 -35.11
C ALA C 33 8.80 56.43 -33.93
N ALA C 34 9.99 56.96 -34.23
CA ALA C 34 10.90 57.52 -33.23
C ALA C 34 10.31 58.78 -32.61
N ALA C 35 10.02 59.77 -33.46
CA ALA C 35 9.40 61.02 -33.04
C ALA C 35 8.25 60.79 -32.06
N ASP C 36 7.40 59.80 -32.35
CA ASP C 36 6.28 59.46 -31.48
C ASP C 36 6.75 59.00 -30.09
N LEU C 37 7.75 58.13 -30.05
CA LEU C 37 8.28 57.60 -28.78
C LEU C 37 9.04 58.67 -27.99
N MET C 38 9.87 59.43 -28.69
CA MET C 38 10.60 60.55 -28.10
C MET C 38 9.63 61.53 -27.47
N ALA C 39 8.58 61.89 -28.20
CA ALA C 39 7.55 62.82 -27.72
C ALA C 39 6.68 62.25 -26.59
N TYR C 40 6.67 60.94 -26.39
CA TYR C 40 6.01 60.34 -25.24
C TYR C 40 6.82 60.59 -23.97
N CYS C 41 8.13 60.34 -24.02
CA CYS C 41 9.01 60.56 -22.87
C CYS C 41 9.05 62.03 -22.48
N GLU C 42 9.18 62.89 -23.47
CA GLU C 42 9.12 64.34 -23.31
C GLU C 42 7.90 64.79 -22.50
N ALA C 43 6.77 64.10 -22.69
CA ALA C 43 5.55 64.40 -21.95
C ALA C 43 5.61 63.88 -20.53
N HIS C 44 6.05 62.63 -20.37
CA HIS C 44 6.00 61.95 -19.08
C HIS C 44 7.34 61.92 -18.31
N ALA C 45 8.30 62.74 -18.70
CA ALA C 45 9.61 62.80 -18.01
C ALA C 45 9.49 63.38 -16.59
N LYS C 46 8.50 64.25 -16.39
CA LYS C 46 8.21 64.81 -15.08
C LYS C 46 7.57 63.76 -14.16
N GLU C 47 6.68 62.94 -14.72
CA GLU C 47 5.97 61.92 -13.95
C GLU C 47 6.82 60.65 -13.70
N ASP C 48 8.14 60.73 -13.92
CA ASP C 48 9.01 59.58 -13.80
C ASP C 48 10.13 59.83 -12.80
N PRO C 49 9.98 59.31 -11.57
CA PRO C 49 10.93 59.56 -10.49
C PRO C 49 12.29 58.90 -10.66
N LEU C 50 12.35 57.84 -11.48
CA LEU C 50 13.62 57.16 -11.79
C LEU C 50 14.51 58.04 -12.64
N LEU C 51 13.87 58.80 -13.54
CA LEU C 51 14.60 59.68 -14.43
C LEU C 51 15.08 60.91 -13.68
N THR C 52 14.13 61.62 -13.07
CA THR C 52 14.41 62.83 -12.32
C THR C 52 14.19 62.58 -10.82
N PRO C 53 15.27 62.66 -10.00
CA PRO C 53 15.13 62.32 -8.57
C PRO C 53 14.07 63.14 -7.84
N VAL C 54 13.16 62.46 -7.13
CA VAL C 54 12.06 63.12 -6.40
C VAL C 54 12.51 63.56 -5.00
N PRO C 55 11.69 64.39 -4.31
CA PRO C 55 12.05 64.73 -2.94
C PRO C 55 12.06 63.50 -2.04
N ALA C 56 13.00 63.44 -1.11
CA ALA C 56 13.09 62.33 -0.18
C ALA C 56 11.81 62.19 0.64
N SER C 57 11.10 63.29 0.85
CA SER C 57 9.79 63.30 1.53
C SER C 57 8.74 62.50 0.77
N GLU C 58 8.72 62.65 -0.55
CA GLU C 58 7.80 61.92 -1.42
C GLU C 58 8.24 60.45 -1.64
N ASN C 59 9.47 60.14 -1.28
CA ASN C 59 10.05 58.80 -1.42
C ASN C 59 9.66 57.87 -0.25
N PRO C 60 8.87 56.81 -0.53
CA PRO C 60 8.55 55.83 0.51
C PRO C 60 9.76 55.01 0.98
N PHE C 61 10.80 54.95 0.15
CA PHE C 61 11.99 54.17 0.45
C PHE C 61 13.12 55.01 1.05
N ARG C 62 12.76 56.01 1.86
CA ARG C 62 13.76 56.83 2.55
C ARG C 62 13.21 57.58 3.76
N GLU C 63 12.21 58.44 3.53
CA GLU C 63 11.76 59.39 4.55
C GLU C 63 11.16 58.74 5.80
N LYS C 64 10.52 57.59 5.63
CA LYS C 64 9.56 57.11 6.64
C LYS C 64 9.77 55.64 6.96
N LYS C 65 9.50 55.28 8.22
CA LYS C 65 9.32 53.88 8.61
C LYS C 65 7.85 53.56 8.86
N PHE C 66 7.05 54.55 9.28
CA PHE C 66 5.58 54.40 9.33
C PHE C 66 4.99 54.63 7.93
N PHE C 67 4.03 53.78 7.54
CA PHE C 67 3.44 53.83 6.20
C PHE C 67 1.91 53.82 6.24
N ARG D 32 -39.95 -41.34 25.12
CA ARG D 32 -38.76 -41.11 24.22
C ARG D 32 -38.96 -39.86 23.35
N GLU D 33 -38.02 -38.92 23.41
CA GLU D 33 -38.12 -37.66 22.64
C GLU D 33 -37.30 -37.70 21.34
N LEU D 34 -37.69 -36.85 20.38
CA LEU D 34 -36.97 -36.72 19.09
C LEU D 34 -36.87 -35.25 18.68
N LYS D 35 -35.65 -34.80 18.39
CA LYS D 35 -35.39 -33.41 17.99
C LYS D 35 -35.66 -33.25 16.50
N LEU D 36 -36.52 -32.30 16.16
CA LEU D 36 -36.84 -31.98 14.77
C LEU D 36 -36.64 -30.50 14.51
N LEU D 37 -35.89 -30.17 13.46
CA LEU D 37 -35.65 -28.79 13.09
C LEU D 37 -36.55 -28.37 11.93
N LEU D 38 -37.40 -27.38 12.17
CA LEU D 38 -38.11 -26.70 11.09
C LEU D 38 -37.19 -25.60 10.58
N LEU D 39 -36.51 -25.86 9.47
CA LEU D 39 -35.60 -24.88 8.89
C LEU D 39 -36.20 -24.30 7.62
N GLY D 40 -35.74 -23.12 7.24
CA GLY D 40 -36.15 -22.53 5.98
C GLY D 40 -35.93 -21.03 5.88
N THR D 41 -35.96 -20.55 4.64
CA THR D 41 -35.95 -19.13 4.35
C THR D 41 -37.10 -18.44 5.08
N GLY D 42 -36.96 -17.13 5.26
CA GLY D 42 -38.00 -16.33 5.92
C GLY D 42 -39.39 -16.52 5.34
N GLU D 43 -40.40 -16.37 6.18
CA GLU D 43 -41.80 -16.38 5.75
C GLU D 43 -42.23 -17.64 5.01
N SER D 44 -41.49 -18.72 5.16
CA SER D 44 -41.75 -19.95 4.40
C SER D 44 -42.80 -20.86 5.07
N GLY D 45 -43.28 -20.47 6.25
CA GLY D 45 -44.33 -21.20 6.95
C GLY D 45 -43.85 -22.14 8.02
N LYS D 46 -42.72 -21.81 8.67
CA LYS D 46 -42.18 -22.61 9.76
C LYS D 46 -43.01 -22.48 11.03
N SER D 47 -43.35 -21.24 11.39
CA SER D 47 -44.19 -20.97 12.55
C SER D 47 -45.63 -21.39 12.32
N THR D 48 -46.09 -21.38 11.07
CA THR D 48 -47.42 -21.86 10.72
C THR D 48 -47.50 -23.37 10.86
N PHE D 49 -46.44 -24.06 10.43
CA PHE D 49 -46.34 -25.51 10.58
C PHE D 49 -46.48 -25.93 12.05
N ILE D 50 -45.87 -25.16 12.94
CA ILE D 50 -45.99 -25.39 14.38
C ILE D 50 -47.44 -25.20 14.83
N LYS D 51 -48.06 -24.10 14.42
CA LYS D 51 -49.46 -23.82 14.79
C LYS D 51 -50.40 -24.95 14.36
N GLN D 52 -50.06 -25.64 13.28
CA GLN D 52 -50.85 -26.80 12.83
C GLN D 52 -50.61 -28.02 13.72
N MET D 53 -49.38 -28.22 14.18
CA MET D 53 -49.06 -29.34 15.07
C MET D 53 -49.81 -29.21 16.39
N ARG D 54 -49.93 -27.98 16.87
CA ARG D 54 -50.69 -27.68 18.08
C ARG D 54 -52.19 -27.92 17.89
N ILE D 55 -52.72 -27.59 16.71
CA ILE D 55 -54.12 -27.86 16.39
C ILE D 55 -54.40 -29.35 16.35
N ILE D 56 -53.53 -30.10 15.68
CA ILE D 56 -53.74 -31.52 15.44
C ILE D 56 -53.40 -32.38 16.67
N HIS D 57 -52.28 -32.05 17.33
CA HIS D 57 -51.75 -32.91 18.40
C HIS D 57 -51.79 -32.26 19.77
N GLY D 58 -51.14 -31.11 19.91
CA GLY D 58 -51.05 -30.42 21.20
C GLY D 58 -52.36 -29.77 21.65
N SER D 59 -52.25 -28.79 22.53
CA SER D 59 -53.42 -28.08 23.06
C SER D 59 -54.05 -27.20 22.00
N GLY D 60 -55.18 -27.65 21.44
CA GLY D 60 -55.89 -26.90 20.42
C GLY D 60 -56.16 -25.47 20.85
N TYR D 61 -56.45 -24.60 19.88
CA TYR D 61 -56.62 -23.18 20.15
C TYR D 61 -57.93 -22.88 20.90
N SER D 62 -57.76 -22.52 22.17
CA SER D 62 -58.87 -22.11 23.03
C SER D 62 -59.41 -20.77 22.59
N ASP D 63 -60.63 -20.46 22.99
CA ASP D 63 -61.25 -19.16 22.71
C ASP D 63 -60.65 -18.02 23.54
N GLU D 64 -59.92 -18.39 24.60
CA GLU D 64 -59.10 -17.44 25.34
C GLU D 64 -57.88 -17.07 24.50
N ASP D 65 -57.25 -18.09 23.91
CA ASP D 65 -56.06 -17.89 23.09
C ASP D 65 -56.41 -17.15 21.80
N LYS D 66 -57.54 -17.52 21.19
CA LYS D 66 -58.03 -16.87 19.96
C LYS D 66 -58.17 -15.34 20.06
N ARG D 67 -58.45 -14.84 21.27
CA ARG D 67 -58.50 -13.40 21.53
C ARG D 67 -57.10 -12.79 21.48
N GLY D 68 -56.10 -13.57 21.86
CA GLY D 68 -54.70 -13.12 21.85
C GLY D 68 -54.25 -12.57 20.50
N PHE D 69 -54.78 -13.13 19.42
CA PHE D 69 -54.38 -12.74 18.07
C PHE D 69 -55.14 -11.53 17.50
N THR D 70 -56.28 -11.19 18.10
CA THR D 70 -57.11 -10.07 17.61
C THR D 70 -56.30 -8.82 17.31
N LYS D 71 -55.44 -8.44 18.26
CA LYS D 71 -54.62 -7.25 18.12
C LYS D 71 -53.67 -7.39 16.93
N LEU D 72 -53.04 -8.56 16.82
CA LEU D 72 -52.11 -8.84 15.74
C LEU D 72 -52.80 -8.88 14.37
N VAL D 73 -54.06 -9.29 14.35
CA VAL D 73 -54.85 -9.24 13.11
C VAL D 73 -54.96 -7.79 12.64
N TYR D 74 -55.38 -6.90 13.53
CA TYR D 74 -55.56 -5.48 13.17
C TYR D 74 -54.25 -4.90 12.64
N GLN D 75 -53.15 -5.26 13.29
CA GLN D 75 -51.82 -4.76 12.91
C GLN D 75 -51.37 -5.25 11.54
N ASN D 76 -51.68 -6.50 11.21
CA ASN D 76 -51.40 -7.02 9.88
C ASN D 76 -52.14 -6.23 8.80
N ILE D 77 -53.39 -5.89 9.08
CA ILE D 77 -54.21 -5.11 8.14
C ILE D 77 -53.64 -3.70 7.92
N PHE D 78 -53.17 -3.06 8.99
CA PHE D 78 -52.51 -1.76 8.89
C PHE D 78 -51.16 -1.91 8.18
N THR D 79 -50.31 -2.79 8.71
CA THR D 79 -48.97 -2.99 8.15
C THR D 79 -49.06 -3.32 6.66
N ALA D 80 -50.03 -4.15 6.29
CA ALA D 80 -50.24 -4.50 4.90
C ALA D 80 -50.65 -3.28 4.10
N MET D 81 -51.73 -2.63 4.54
CA MET D 81 -52.28 -1.48 3.81
C MET D 81 -51.24 -0.39 3.66
N GLN D 82 -50.55 -0.04 4.74
CA GLN D 82 -49.48 0.96 4.69
C GLN D 82 -48.40 0.59 3.67
N ALA D 83 -47.95 -0.66 3.72
CA ALA D 83 -46.95 -1.17 2.78
C ALA D 83 -47.45 -1.07 1.33
N MET D 84 -48.76 -1.18 1.15
CA MET D 84 -49.40 -1.07 -0.16
C MET D 84 -49.54 0.40 -0.59
N ILE D 85 -49.81 1.29 0.36
CA ILE D 85 -49.95 2.72 0.12
C ILE D 85 -48.62 3.30 -0.38
N ARG D 86 -47.55 2.94 0.31
CA ARG D 86 -46.20 3.35 -0.05
C ARG D 86 -45.80 2.83 -1.43
N ALA D 87 -46.20 1.60 -1.71
CA ALA D 87 -45.87 0.94 -2.98
C ALA D 87 -46.50 1.61 -4.21
N MET D 88 -47.66 2.24 -4.01
CA MET D 88 -48.32 2.98 -5.10
C MET D 88 -47.54 4.23 -5.46
N ASP D 89 -46.87 4.82 -4.49
CA ASP D 89 -46.08 6.03 -4.70
C ASP D 89 -44.71 5.69 -5.30
N THR D 90 -44.23 4.47 -5.02
CA THR D 90 -42.99 3.96 -5.58
C THR D 90 -43.16 3.59 -7.05
N LEU D 91 -44.14 2.73 -7.31
CA LEU D 91 -44.42 2.25 -8.67
C LEU D 91 -45.12 3.31 -9.52
N LYS D 92 -45.60 4.37 -8.86
CA LYS D 92 -46.24 5.52 -9.51
C LYS D 92 -47.54 5.10 -10.19
N ILE D 93 -48.37 4.41 -9.41
CA ILE D 93 -49.66 3.91 -9.87
C ILE D 93 -50.73 4.90 -9.39
N PRO D 94 -51.62 5.34 -10.30
CA PRO D 94 -52.62 6.33 -9.94
C PRO D 94 -53.83 5.75 -9.21
N TYR D 95 -54.34 6.49 -8.23
CA TYR D 95 -55.61 6.17 -7.59
C TYR D 95 -56.71 6.53 -8.59
N LYS D 96 -57.66 5.63 -8.83
CA LYS D 96 -58.75 5.89 -9.77
C LYS D 96 -59.73 6.89 -9.15
N TYR D 97 -60.12 6.61 -7.91
CA TYR D 97 -60.88 7.56 -7.11
C TYR D 97 -59.89 8.37 -6.31
N GLU D 98 -59.87 9.68 -6.56
CA GLU D 98 -58.93 10.59 -5.90
C GLU D 98 -59.37 10.91 -4.47
N HIS D 99 -60.62 10.60 -4.15
CA HIS D 99 -61.15 10.65 -2.78
C HIS D 99 -60.31 9.82 -1.80
N ASN D 100 -59.83 8.65 -2.26
CA ASN D 100 -59.08 7.72 -1.41
C ASN D 100 -57.63 8.16 -1.09
N LYS D 101 -57.22 9.31 -1.61
CA LYS D 101 -55.95 9.92 -1.20
C LYS D 101 -56.03 10.47 0.23
N ALA D 102 -57.22 10.95 0.62
CA ALA D 102 -57.47 11.47 1.98
C ALA D 102 -57.42 10.34 3.01
N HIS D 103 -58.02 9.21 2.67
CA HIS D 103 -57.95 8.01 3.50
C HIS D 103 -56.54 7.43 3.58
N ALA D 104 -55.76 7.59 2.50
CA ALA D 104 -54.39 7.06 2.45
C ALA D 104 -53.46 7.76 3.45
N GLN D 105 -53.59 9.08 3.56
CA GLN D 105 -52.82 9.85 4.53
C GLN D 105 -53.26 9.48 5.95
N LEU D 106 -54.58 9.34 6.13
CA LEU D 106 -55.17 8.92 7.39
C LEU D 106 -54.52 7.63 7.92
N VAL D 107 -54.32 6.65 7.02
CA VAL D 107 -53.73 5.37 7.38
C VAL D 107 -52.21 5.44 7.53
N ARG D 108 -51.56 6.26 6.71
CA ARG D 108 -50.10 6.37 6.72
C ARG D 108 -49.51 6.73 8.08
N GLU D 109 -50.20 7.58 8.83
CA GLU D 109 -49.70 8.08 10.11
C GLU D 109 -50.04 7.15 11.29
N VAL D 110 -50.79 6.08 11.03
CA VAL D 110 -51.17 5.13 12.09
C VAL D 110 -49.95 4.30 12.48
N ASP D 111 -49.63 4.26 13.78
CA ASP D 111 -48.46 3.53 14.27
C ASP D 111 -48.74 2.02 14.31
N VAL D 112 -47.76 1.25 13.87
CA VAL D 112 -47.88 -0.21 13.82
C VAL D 112 -48.26 -0.79 15.19
N GLU D 113 -47.50 -0.41 16.22
CA GLU D 113 -47.63 -1.01 17.55
C GLU D 113 -48.71 -0.38 18.43
N LYS D 114 -49.09 0.86 18.14
CA LYS D 114 -50.10 1.58 18.94
C LYS D 114 -51.54 1.25 18.55
N VAL D 115 -51.76 0.14 17.87
CA VAL D 115 -53.10 -0.29 17.49
C VAL D 115 -53.79 -0.93 18.69
N SER D 116 -54.83 -0.27 19.20
CA SER D 116 -55.66 -0.82 20.26
C SER D 116 -56.72 -1.72 19.63
N ALA D 117 -57.59 -1.13 18.79
CA ALA D 117 -58.67 -1.85 18.13
C ALA D 117 -58.92 -1.31 16.72
N PHE D 118 -59.80 -2.00 15.99
CA PHE D 118 -60.15 -1.66 14.61
C PHE D 118 -61.49 -0.90 14.60
N GLU D 119 -61.40 0.43 14.73
CA GLU D 119 -62.56 1.29 14.90
C GLU D 119 -62.93 2.06 13.63
N ASN D 120 -64.08 2.74 13.70
CA ASN D 120 -64.75 3.31 12.53
C ASN D 120 -63.94 4.21 11.59
N PRO D 121 -63.20 5.22 12.13
CA PRO D 121 -62.49 6.15 11.24
C PRO D 121 -61.52 5.48 10.25
N TYR D 122 -60.98 4.33 10.62
CA TYR D 122 -60.07 3.57 9.75
C TYR D 122 -60.75 2.43 8.99
N VAL D 123 -61.79 1.84 9.58
CA VAL D 123 -62.49 0.69 8.98
C VAL D 123 -62.99 0.98 7.56
N ASP D 124 -63.85 1.99 7.42
CA ASP D 124 -64.39 2.38 6.11
C ASP D 124 -63.31 2.92 5.16
N ALA D 125 -62.32 3.60 5.73
CA ALA D 125 -61.21 4.17 4.96
C ALA D 125 -60.32 3.09 4.33
N ILE D 126 -60.03 2.05 5.11
CA ILE D 126 -59.19 0.94 4.65
C ILE D 126 -59.96 0.02 3.69
N LYS D 127 -61.26 -0.17 3.92
CA LYS D 127 -62.08 -0.96 3.00
C LYS D 127 -62.25 -0.23 1.66
N SER D 128 -62.50 1.07 1.72
CA SER D 128 -62.59 1.92 0.52
C SER D 128 -61.27 1.87 -0.26
N LEU D 129 -60.17 2.09 0.46
CA LEU D 129 -58.83 1.97 -0.12
C LEU D 129 -58.67 0.66 -0.87
N TRP D 130 -58.97 -0.44 -0.19
CA TRP D 130 -58.88 -1.77 -0.78
C TRP D 130 -59.74 -1.89 -2.04
N ASN D 131 -60.95 -1.34 -1.98
CA ASN D 131 -61.90 -1.39 -3.11
C ASN D 131 -61.50 -0.50 -4.29
N ASP D 132 -60.53 0.39 -4.07
CA ASP D 132 -59.99 1.26 -5.12
C ASP D 132 -59.20 0.42 -6.13
N PRO D 133 -59.57 0.47 -7.44
CA PRO D 133 -58.85 -0.30 -8.47
C PRO D 133 -57.38 0.08 -8.71
N GLY D 134 -56.92 1.20 -8.16
CA GLY D 134 -55.50 1.56 -8.19
C GLY D 134 -54.70 0.73 -7.21
N ILE D 135 -55.27 0.55 -6.01
CA ILE D 135 -54.71 -0.33 -4.98
C ILE D 135 -54.67 -1.78 -5.48
N GLN D 136 -55.68 -2.17 -6.26
CA GLN D 136 -55.75 -3.52 -6.83
C GLN D 136 -54.66 -3.76 -7.86
N GLU D 137 -54.36 -2.75 -8.67
CA GLU D 137 -53.23 -2.84 -9.59
C GLU D 137 -51.93 -2.99 -8.80
N CYS D 138 -51.83 -2.24 -7.69
CA CYS D 138 -50.66 -2.31 -6.82
C CYS D 138 -50.53 -3.68 -6.17
N TYR D 139 -51.66 -4.23 -5.72
CA TYR D 139 -51.68 -5.56 -5.12
C TYR D 139 -51.25 -6.63 -6.10
N ASP D 140 -51.71 -6.51 -7.34
CA ASP D 140 -51.33 -7.45 -8.39
C ASP D 140 -49.85 -7.33 -8.78
N ARG D 141 -49.20 -6.24 -8.36
CA ARG D 141 -47.76 -6.08 -8.52
C ARG D 141 -47.02 -6.32 -7.19
N ARG D 142 -47.62 -7.17 -6.35
CA ARG D 142 -47.03 -7.51 -5.06
C ARG D 142 -45.64 -8.15 -5.15
N ARG D 143 -45.22 -8.60 -6.34
CA ARG D 143 -43.88 -9.17 -6.50
C ARG D 143 -42.77 -8.12 -6.39
N GLU D 144 -43.08 -6.88 -6.76
CA GLU D 144 -42.08 -5.82 -6.83
C GLU D 144 -41.74 -5.17 -5.47
N TYR D 145 -42.58 -5.42 -4.46
CA TYR D 145 -42.33 -4.93 -3.11
C TYR D 145 -42.81 -5.96 -2.09
N GLN D 146 -42.28 -5.92 -0.87
CA GLN D 146 -42.65 -6.90 0.15
C GLN D 146 -43.99 -6.54 0.80
N LEU D 147 -44.98 -7.39 0.60
CA LEU D 147 -46.30 -7.20 1.20
C LEU D 147 -46.44 -8.21 2.34
N SER D 148 -47.54 -8.96 2.40
CA SER D 148 -47.66 -10.08 3.33
C SER D 148 -48.53 -11.13 2.65
N ASP D 149 -48.54 -12.34 3.20
CA ASP D 149 -49.17 -13.46 2.52
C ASP D 149 -50.63 -13.67 2.88
N SER D 150 -51.14 -12.90 3.84
CA SER D 150 -52.53 -13.04 4.28
C SER D 150 -53.34 -11.76 4.05
N THR D 151 -52.80 -10.83 3.26
CA THR D 151 -53.43 -9.51 3.07
C THR D 151 -54.79 -9.62 2.38
N LYS D 152 -54.84 -10.38 1.28
CA LYS D 152 -56.08 -10.62 0.55
C LYS D 152 -57.10 -11.39 1.40
N TYR D 153 -56.62 -12.31 2.24
CA TYR D 153 -57.50 -13.08 3.12
C TYR D 153 -58.24 -12.17 4.11
N TYR D 154 -57.51 -11.23 4.71
CA TYR D 154 -58.07 -10.32 5.71
C TYR D 154 -58.84 -9.16 5.08
N LEU D 155 -58.26 -8.54 4.06
CA LEU D 155 -58.86 -7.37 3.44
C LEU D 155 -60.15 -7.68 2.69
N ASN D 156 -60.30 -8.91 2.19
CA ASN D 156 -61.56 -9.38 1.61
C ASN D 156 -62.62 -9.66 2.68
N ASP D 157 -62.24 -9.60 3.95
CA ASP D 157 -63.13 -9.95 5.06
C ASP D 157 -63.09 -8.93 6.20
N LEU D 158 -63.08 -7.65 5.84
CA LEU D 158 -63.01 -6.57 6.83
C LEU D 158 -64.29 -6.41 7.66
N ASP D 159 -65.41 -6.94 7.17
CA ASP D 159 -66.68 -6.86 7.89
C ASP D 159 -66.66 -7.65 9.19
N ARG D 160 -66.12 -8.86 9.14
CA ARG D 160 -66.00 -9.69 10.33
C ARG D 160 -65.00 -9.12 11.33
N VAL D 161 -63.93 -8.50 10.81
CA VAL D 161 -62.84 -7.99 11.66
C VAL D 161 -63.24 -6.73 12.45
N ALA D 162 -64.13 -5.91 11.88
CA ALA D 162 -64.55 -4.65 12.50
C ALA D 162 -65.71 -4.80 13.49
N ASP D 163 -66.31 -5.98 13.56
CA ASP D 163 -67.41 -6.24 14.50
C ASP D 163 -66.89 -6.17 15.94
N PRO D 164 -67.60 -5.43 16.82
CA PRO D 164 -67.25 -5.31 18.24
C PRO D 164 -66.85 -6.63 18.92
N SER D 165 -67.65 -7.69 18.73
CA SER D 165 -67.34 -9.01 19.31
C SER D 165 -66.76 -9.95 18.26
N TYR D 166 -65.74 -9.48 17.55
CA TYR D 166 -65.03 -10.28 16.55
C TYR D 166 -64.06 -11.25 17.23
N LEU D 167 -64.37 -12.54 17.17
CA LEU D 167 -63.50 -13.59 17.70
C LEU D 167 -62.84 -14.33 16.54
N PRO D 168 -61.51 -14.13 16.35
CA PRO D 168 -60.75 -14.79 15.28
C PRO D 168 -60.96 -16.30 15.22
N THR D 169 -61.12 -16.82 14.01
CA THR D 169 -61.27 -18.27 13.81
C THR D 169 -59.91 -18.95 13.87
N GLN D 170 -59.91 -20.27 13.85
CA GLN D 170 -58.66 -21.03 13.84
C GLN D 170 -57.87 -20.77 12.54
N GLN D 171 -58.58 -20.40 11.48
CA GLN D 171 -57.94 -20.00 10.22
C GLN D 171 -57.27 -18.62 10.37
N ASP D 172 -58.01 -17.65 10.90
CA ASP D 172 -57.45 -16.33 11.19
C ASP D 172 -56.11 -16.44 11.92
N VAL D 173 -56.08 -17.32 12.91
CA VAL D 173 -54.89 -17.53 13.74
C VAL D 173 -53.73 -18.12 12.92
N LEU D 174 -54.05 -18.99 11.98
CA LEU D 174 -53.03 -19.56 11.10
C LEU D 174 -52.49 -18.52 10.13
N ARG D 175 -53.32 -17.52 9.81
CA ARG D 175 -52.98 -16.52 8.79
C ARG D 175 -52.15 -15.34 9.32
N VAL D 176 -52.04 -15.18 10.64
CA VAL D 176 -51.31 -14.03 11.20
C VAL D 176 -49.79 -14.12 11.02
N ARG D 177 -49.20 -12.98 10.72
CA ARG D 177 -47.77 -12.86 10.46
C ARG D 177 -47.07 -12.40 11.73
N VAL D 178 -46.34 -13.30 12.36
CA VAL D 178 -45.64 -13.03 13.62
C VAL D 178 -44.15 -13.36 13.47
N PRO D 179 -43.36 -12.43 12.91
CA PRO D 179 -41.97 -12.73 12.58
C PRO D 179 -41.20 -13.39 13.71
N THR D 180 -40.94 -14.68 13.60
CA THR D 180 -40.19 -15.42 14.61
C THR D 180 -38.73 -14.98 14.59
N THR D 181 -38.15 -14.84 15.78
CA THR D 181 -36.75 -14.47 15.93
C THR D 181 -36.17 -15.27 17.07
N GLY D 182 -35.14 -16.06 16.78
CA GLY D 182 -34.49 -16.88 17.79
C GLY D 182 -35.18 -18.21 18.02
N ILE D 183 -34.41 -19.18 18.47
CA ILE D 183 -34.86 -20.55 18.60
C ILE D 183 -35.92 -20.68 19.71
N ILE D 184 -36.93 -21.49 19.42
CA ILE D 184 -37.99 -21.81 20.38
C ILE D 184 -38.25 -23.31 20.26
N GLU D 185 -38.56 -23.95 21.39
CA GLU D 185 -38.81 -25.39 21.42
C GLU D 185 -40.28 -25.66 21.66
N TYR D 186 -40.91 -26.35 20.71
CA TYR D 186 -42.31 -26.75 20.82
C TYR D 186 -42.39 -28.27 20.79
N PRO D 187 -42.36 -28.91 21.97
CA PRO D 187 -42.47 -30.36 22.03
C PRO D 187 -43.91 -30.85 22.03
N PHE D 188 -44.31 -31.52 20.95
CA PHE D 188 -45.60 -32.16 20.86
C PHE D 188 -45.40 -33.67 21.00
N ASP D 189 -46.41 -34.35 21.54
CA ASP D 189 -46.33 -35.79 21.74
C ASP D 189 -47.55 -36.51 21.19
N LEU D 190 -47.35 -37.31 20.15
CA LEU D 190 -48.38 -38.27 19.73
C LEU D 190 -48.36 -39.42 20.73
N GLN D 191 -49.38 -40.26 20.66
CA GLN D 191 -49.49 -41.46 21.51
C GLN D 191 -48.45 -42.54 21.17
N SER D 192 -47.51 -42.25 20.26
CA SER D 192 -46.40 -43.15 19.94
C SER D 192 -45.06 -42.65 20.49
N VAL D 193 -44.80 -41.35 20.33
CA VAL D 193 -43.47 -40.77 20.61
C VAL D 193 -43.54 -39.25 20.86
N ILE D 194 -42.56 -38.71 21.59
CA ILE D 194 -42.42 -37.26 21.74
C ILE D 194 -41.60 -36.68 20.57
N PHE D 195 -42.16 -35.67 19.89
CA PHE D 195 -41.44 -34.91 18.88
C PHE D 195 -41.14 -33.52 19.44
N ARG D 196 -39.88 -33.27 19.75
CA ARG D 196 -39.46 -31.95 20.22
C ARG D 196 -39.07 -31.10 19.01
N MET D 197 -40.02 -30.29 18.53
CA MET D 197 -39.83 -29.50 17.32
C MET D 197 -39.23 -28.13 17.61
N VAL D 198 -38.35 -27.69 16.71
CA VAL D 198 -37.60 -26.46 16.89
C VAL D 198 -37.98 -25.45 15.81
N ASP D 199 -38.83 -24.49 16.16
CA ASP D 199 -39.13 -23.37 15.27
C ASP D 199 -37.99 -22.36 15.37
N VAL D 200 -37.63 -21.73 14.24
CA VAL D 200 -36.56 -20.73 14.22
C VAL D 200 -36.86 -19.62 13.21
N GLY D 201 -36.07 -18.55 13.28
CA GLY D 201 -36.19 -17.43 12.34
C GLY D 201 -35.47 -17.73 11.04
N GLY D 202 -35.99 -17.20 9.94
CA GLY D 202 -35.50 -17.55 8.61
C GLY D 202 -34.51 -16.58 8.00
N GLN D 203 -34.61 -15.31 8.38
CA GLN D 203 -33.79 -14.26 7.78
C GLN D 203 -32.32 -14.50 8.09
N ARG D 204 -31.45 -13.97 7.24
CA ARG D 204 -30.00 -14.20 7.35
C ARG D 204 -29.44 -13.98 8.75
N SER D 205 -29.87 -12.90 9.39
CA SER D 205 -29.44 -12.59 10.76
C SER D 205 -29.90 -13.65 11.75
N GLU D 206 -31.08 -14.20 11.54
CA GLU D 206 -31.61 -15.25 12.43
C GLU D 206 -30.91 -16.59 12.23
N ARG D 207 -30.36 -16.82 11.04
CA ARG D 207 -29.69 -18.09 10.74
C ARG D 207 -28.39 -18.26 11.52
N ARG D 208 -27.87 -17.16 12.06
CA ARG D 208 -26.70 -17.18 12.94
C ARG D 208 -26.96 -18.06 14.17
N LYS D 209 -28.14 -17.87 14.76
CA LYS D 209 -28.52 -18.54 16.00
C LYS D 209 -28.72 -20.04 15.83
N TRP D 210 -28.92 -20.47 14.58
CA TRP D 210 -29.21 -21.87 14.26
C TRP D 210 -28.20 -22.87 14.81
N ILE D 211 -26.92 -22.55 14.67
CA ILE D 211 -25.83 -23.48 15.02
C ILE D 211 -26.02 -24.18 16.36
N HIS D 212 -26.53 -23.45 17.34
CA HIS D 212 -26.48 -23.87 18.75
C HIS D 212 -27.47 -24.97 19.15
N CYS D 213 -28.24 -25.50 18.19
CA CYS D 213 -29.06 -26.69 18.43
C CYS D 213 -29.03 -27.63 17.21
N PHE D 214 -27.83 -27.81 16.66
CA PHE D 214 -27.60 -28.74 15.56
C PHE D 214 -27.06 -30.06 16.09
N GLU D 215 -27.29 -30.33 17.38
CA GLU D 215 -26.60 -31.41 18.09
C GLU D 215 -27.09 -32.79 17.67
N ASN D 216 -28.09 -33.31 18.38
CA ASN D 216 -28.64 -34.62 18.06
C ASN D 216 -29.99 -34.43 17.39
N VAL D 217 -29.93 -34.16 16.09
CA VAL D 217 -31.12 -33.94 15.28
C VAL D 217 -31.56 -35.25 14.66
N THR D 218 -32.80 -35.66 14.96
CA THR D 218 -33.37 -36.87 14.38
C THR D 218 -33.57 -36.69 12.88
N SER D 219 -34.25 -35.60 12.54
CA SER D 219 -34.61 -35.30 11.16
C SER D 219 -34.83 -33.80 10.97
N ILE D 220 -34.68 -33.35 9.72
CA ILE D 220 -34.81 -31.96 9.38
C ILE D 220 -36.01 -31.75 8.47
N MET D 221 -36.88 -30.82 8.84
CA MET D 221 -38.03 -30.45 8.03
C MET D 221 -37.78 -29.11 7.35
N PHE D 222 -37.22 -29.16 6.14
CA PHE D 222 -36.92 -27.94 5.41
C PHE D 222 -38.12 -27.46 4.62
N LEU D 223 -38.56 -26.23 4.92
CA LEU D 223 -39.72 -25.63 4.25
C LEU D 223 -39.27 -24.67 3.16
N VAL D 224 -39.92 -24.76 2.01
CA VAL D 224 -39.69 -23.85 0.89
C VAL D 224 -41.04 -23.31 0.43
N ALA D 225 -41.12 -22.01 0.25
CA ALA D 225 -42.34 -21.39 -0.26
C ALA D 225 -42.34 -21.44 -1.78
N LEU D 226 -43.28 -22.19 -2.35
CA LEU D 226 -43.34 -22.38 -3.80
C LEU D 226 -43.61 -21.09 -4.55
N SER D 227 -44.30 -20.15 -3.90
CA SER D 227 -44.62 -18.87 -4.51
C SER D 227 -43.46 -17.86 -4.44
N GLU D 228 -42.32 -18.26 -3.88
CA GLU D 228 -41.12 -17.42 -3.85
C GLU D 228 -40.48 -17.16 -5.23
N TYR D 229 -40.75 -18.03 -6.21
CA TYR D 229 -40.03 -18.00 -7.51
C TYR D 229 -39.86 -16.61 -8.14
N ASP D 230 -40.86 -15.75 -7.99
CA ASP D 230 -40.84 -14.42 -8.60
C ASP D 230 -40.69 -13.29 -7.57
N GLN D 231 -39.96 -13.55 -6.49
CA GLN D 231 -39.79 -12.58 -5.40
C GLN D 231 -38.33 -12.42 -4.98
N VAL D 232 -38.02 -11.25 -4.41
CA VAL D 232 -36.68 -10.94 -3.90
C VAL D 232 -36.69 -10.90 -2.37
N LEU D 233 -35.53 -11.10 -1.75
CA LEU D 233 -35.43 -11.15 -0.29
C LEU D 233 -35.73 -9.80 0.35
N VAL D 234 -36.34 -9.83 1.54
CA VAL D 234 -36.50 -8.63 2.37
C VAL D 234 -35.14 -8.24 2.98
N GLU D 235 -34.37 -9.25 3.38
CA GLU D 235 -33.02 -9.03 3.91
C GLU D 235 -32.03 -8.53 2.83
N SER D 236 -32.37 -8.71 1.55
CA SER D 236 -31.56 -8.20 0.44
C SER D 236 -32.38 -8.11 -0.85
N ASP D 237 -32.97 -6.95 -1.08
CA ASP D 237 -33.88 -6.73 -2.23
C ASP D 237 -33.27 -7.02 -3.62
N ASN D 238 -31.98 -7.33 -3.65
CA ASN D 238 -31.30 -7.72 -4.88
C ASN D 238 -31.62 -9.16 -5.33
N GLU D 239 -31.56 -10.10 -4.38
CA GLU D 239 -31.53 -11.54 -4.67
C GLU D 239 -32.87 -12.26 -4.60
N ASN D 240 -32.98 -13.35 -5.36
CA ASN D 240 -34.20 -14.11 -5.52
C ASN D 240 -34.46 -15.04 -4.33
N ARG D 241 -35.70 -15.05 -3.82
CA ARG D 241 -36.05 -15.83 -2.62
C ARG D 241 -35.94 -17.35 -2.82
N MET D 242 -36.41 -17.81 -3.98
CA MET D 242 -36.37 -19.23 -4.32
C MET D 242 -34.92 -19.70 -4.39
N GLU D 243 -34.05 -18.84 -4.91
CA GLU D 243 -32.64 -19.16 -5.09
C GLU D 243 -31.86 -19.14 -3.78
N GLU D 244 -32.33 -18.32 -2.84
CA GLU D 244 -31.78 -18.28 -1.48
C GLU D 244 -32.03 -19.61 -0.79
N SER D 245 -33.29 -20.07 -0.85
CA SER D 245 -33.68 -21.38 -0.31
C SER D 245 -32.88 -22.50 -0.97
N LYS D 246 -32.68 -22.38 -2.29
CA LYS D 246 -31.93 -23.33 -3.08
C LYS D 246 -30.49 -23.49 -2.54
N ALA D 247 -29.88 -22.37 -2.15
CA ALA D 247 -28.54 -22.37 -1.57
C ALA D 247 -28.55 -22.87 -0.12
N LEU D 248 -29.49 -22.35 0.67
CA LEU D 248 -29.65 -22.70 2.08
C LEU D 248 -29.90 -24.19 2.30
N PHE D 249 -30.67 -24.79 1.39
CA PHE D 249 -30.92 -26.23 1.42
C PHE D 249 -29.61 -26.98 1.21
N ARG D 250 -28.88 -26.62 0.16
CA ARG D 250 -27.58 -27.21 -0.15
C ARG D 250 -26.60 -27.09 1.02
N THR D 251 -26.68 -25.96 1.74
CA THR D 251 -25.85 -25.74 2.93
C THR D 251 -26.20 -26.72 4.04
N ILE D 252 -27.50 -26.84 4.34
CA ILE D 252 -27.98 -27.72 5.39
C ILE D 252 -27.70 -29.18 5.05
N ILE D 253 -28.00 -29.58 3.81
CA ILE D 253 -27.79 -30.95 3.36
C ILE D 253 -26.34 -31.37 3.57
N THR D 254 -25.41 -30.59 3.02
CA THR D 254 -24.00 -30.98 3.01
C THR D 254 -23.33 -30.91 4.38
N TYR D 255 -24.00 -30.35 5.39
CA TYR D 255 -23.50 -30.32 6.77
C TYR D 255 -23.17 -31.73 7.23
N PRO D 256 -21.90 -31.99 7.59
CA PRO D 256 -21.41 -33.35 7.88
C PRO D 256 -22.21 -34.14 8.92
N TRP D 257 -22.67 -33.45 9.96
CA TRP D 257 -23.31 -34.10 11.11
C TRP D 257 -24.81 -34.35 10.90
N PHE D 258 -25.32 -33.99 9.72
CA PHE D 258 -26.66 -34.39 9.30
C PHE D 258 -26.64 -35.57 8.32
N GLN D 259 -25.45 -36.09 8.02
CA GLN D 259 -25.30 -37.32 7.23
C GLN D 259 -26.10 -38.46 7.86
N ASN D 260 -26.17 -38.46 9.19
CA ASN D 260 -26.91 -39.46 9.96
C ASN D 260 -28.41 -39.15 10.02
N SER D 261 -28.75 -37.86 9.91
CA SER D 261 -30.15 -37.41 10.01
C SER D 261 -30.94 -37.63 8.73
N SER D 262 -32.27 -37.56 8.86
CA SER D 262 -33.20 -37.70 7.75
C SER D 262 -33.67 -36.33 7.28
N VAL D 263 -33.88 -36.18 5.98
CA VAL D 263 -34.26 -34.90 5.37
C VAL D 263 -35.68 -34.97 4.82
N ILE D 264 -36.52 -34.01 5.22
CA ILE D 264 -37.91 -33.95 4.77
C ILE D 264 -38.22 -32.59 4.14
N LEU D 265 -38.31 -32.56 2.82
CA LEU D 265 -38.57 -31.33 2.08
C LEU D 265 -40.06 -31.00 2.06
N PHE D 266 -40.42 -29.80 2.50
CA PHE D 266 -41.81 -29.33 2.50
C PHE D 266 -42.01 -28.16 1.56
N LEU D 267 -42.52 -28.42 0.37
CA LEU D 267 -42.80 -27.37 -0.59
C LEU D 267 -44.14 -26.73 -0.25
N ASN D 268 -44.08 -25.73 0.63
CA ASN D 268 -45.25 -25.07 1.19
C ASN D 268 -45.86 -24.06 0.22
N LYS D 269 -47.04 -23.55 0.57
CA LYS D 269 -47.76 -22.53 -0.20
C LYS D 269 -48.13 -23.03 -1.59
N LYS D 270 -48.54 -24.29 -1.69
CA LYS D 270 -48.97 -24.87 -2.96
C LYS D 270 -50.10 -24.04 -3.56
N ASP D 271 -51.01 -23.60 -2.70
CA ASP D 271 -52.20 -22.86 -3.11
C ASP D 271 -51.90 -21.46 -3.64
N LEU D 272 -50.76 -20.89 -3.23
CA LEU D 272 -50.32 -19.59 -3.72
C LEU D 272 -49.69 -19.72 -5.11
N LEU D 273 -48.89 -20.76 -5.30
CA LEU D 273 -48.34 -21.08 -6.62
C LEU D 273 -49.45 -21.28 -7.65
N GLU D 274 -50.56 -21.86 -7.21
CA GLU D 274 -51.73 -22.09 -8.06
C GLU D 274 -52.36 -20.78 -8.55
N GLU D 275 -52.19 -19.71 -7.80
CA GLU D 275 -52.62 -18.37 -8.23
C GLU D 275 -51.53 -17.69 -9.04
N LYS D 276 -50.33 -17.61 -8.47
CA LYS D 276 -49.23 -16.84 -9.06
C LYS D 276 -48.82 -17.30 -10.46
N ILE D 277 -48.84 -18.60 -10.69
CA ILE D 277 -48.35 -19.17 -11.96
C ILE D 277 -49.28 -18.84 -13.14
N MET D 278 -50.50 -18.42 -12.84
CA MET D 278 -51.46 -18.03 -13.88
C MET D 278 -51.08 -16.71 -14.56
N TYR D 279 -50.34 -15.86 -13.85
CA TYR D 279 -49.86 -14.58 -14.40
C TYR D 279 -48.33 -14.46 -14.44
N SER D 280 -47.63 -15.01 -13.45
CA SER D 280 -46.17 -14.94 -13.42
C SER D 280 -45.54 -16.27 -13.84
N HIS D 281 -44.83 -16.26 -14.96
CA HIS D 281 -44.26 -17.50 -15.52
C HIS D 281 -42.97 -17.90 -14.80
N LEU D 282 -42.89 -19.19 -14.44
CA LEU D 282 -41.68 -19.74 -13.84
C LEU D 282 -40.54 -19.81 -14.85
N VAL D 283 -40.89 -19.92 -16.14
CA VAL D 283 -39.87 -20.02 -17.20
C VAL D 283 -38.90 -18.85 -17.13
N ASP D 284 -39.43 -17.67 -16.79
CA ASP D 284 -38.65 -16.42 -16.76
C ASP D 284 -37.56 -16.43 -15.69
N TYR D 285 -37.90 -16.87 -14.48
CA TYR D 285 -37.02 -16.74 -13.34
C TYR D 285 -36.09 -17.94 -13.17
N PHE D 286 -36.41 -19.04 -13.84
CA PHE D 286 -35.56 -20.25 -13.85
C PHE D 286 -35.55 -20.84 -15.26
N PRO D 287 -34.66 -20.31 -16.12
CA PRO D 287 -34.62 -20.57 -17.57
C PRO D 287 -34.62 -22.03 -18.02
N GLU D 288 -34.22 -22.96 -17.14
CA GLU D 288 -34.11 -24.37 -17.53
C GLU D 288 -35.47 -25.11 -17.52
N TYR D 289 -36.56 -24.38 -17.29
CA TYR D 289 -37.90 -24.98 -17.21
C TYR D 289 -38.49 -25.18 -18.61
N ASP D 290 -38.71 -26.43 -18.98
CA ASP D 290 -39.31 -26.79 -20.28
C ASP D 290 -40.83 -26.78 -20.27
N GLY D 291 -41.41 -27.14 -19.13
CA GLY D 291 -42.84 -27.39 -19.02
C GLY D 291 -43.78 -26.25 -19.41
N PRO D 292 -45.08 -26.55 -19.44
CA PRO D 292 -46.09 -25.58 -19.86
C PRO D 292 -46.34 -24.55 -18.77
N GLN D 293 -46.17 -23.28 -19.10
CA GLN D 293 -46.49 -22.19 -18.18
C GLN D 293 -47.99 -22.14 -17.87
N ARG D 294 -48.35 -21.56 -16.73
CA ARG D 294 -49.70 -21.62 -16.17
C ARG D 294 -50.11 -23.03 -15.76
N ASP D 295 -49.20 -23.73 -15.08
CA ASP D 295 -49.46 -25.06 -14.56
C ASP D 295 -48.77 -25.21 -13.20
N ALA D 296 -49.58 -25.38 -12.16
CA ALA D 296 -49.04 -25.60 -10.81
C ALA D 296 -48.28 -26.92 -10.75
N GLN D 297 -48.86 -27.97 -11.32
CA GLN D 297 -48.32 -29.32 -11.22
C GLN D 297 -46.99 -29.51 -11.97
N ALA D 298 -46.84 -28.85 -13.11
CA ALA D 298 -45.60 -28.95 -13.89
C ALA D 298 -44.48 -28.12 -13.25
N ALA D 299 -44.86 -26.99 -12.66
CA ALA D 299 -43.93 -26.13 -11.95
C ALA D 299 -43.48 -26.81 -10.66
N ARG D 300 -44.45 -27.27 -9.85
CA ARG D 300 -44.19 -28.07 -8.65
C ARG D 300 -43.05 -29.08 -8.84
N GLU D 301 -43.17 -29.89 -9.88
CA GLU D 301 -42.25 -31.01 -10.11
C GLU D 301 -40.86 -30.51 -10.51
N PHE D 302 -40.80 -29.46 -11.33
CA PHE D 302 -39.53 -28.85 -11.70
C PHE D 302 -38.85 -28.27 -10.46
N ILE D 303 -39.56 -27.39 -9.77
CA ILE D 303 -39.08 -26.78 -8.54
C ILE D 303 -38.58 -27.86 -7.58
N LEU D 304 -39.38 -28.91 -7.41
CA LEU D 304 -38.99 -30.02 -6.55
C LEU D 304 -37.68 -30.65 -6.99
N LYS D 305 -37.53 -30.89 -8.29
CA LYS D 305 -36.32 -31.52 -8.81
C LYS D 305 -35.08 -30.68 -8.56
N MET D 306 -35.21 -29.36 -8.67
CA MET D 306 -34.10 -28.43 -8.38
C MET D 306 -33.51 -28.67 -7.01
N PHE D 307 -34.39 -28.83 -6.01
CA PHE D 307 -33.98 -29.08 -4.64
C PHE D 307 -33.47 -30.50 -4.45
N VAL D 308 -34.05 -31.46 -5.17
CA VAL D 308 -33.64 -32.86 -5.05
C VAL D 308 -32.29 -33.10 -5.74
N ASP D 309 -32.04 -32.40 -6.85
CA ASP D 309 -30.77 -32.49 -7.56
C ASP D 309 -29.59 -31.84 -6.82
N LEU D 310 -29.87 -31.05 -5.78
CA LEU D 310 -28.82 -30.46 -4.92
C LEU D 310 -28.27 -31.46 -3.88
N ASN D 311 -28.86 -32.66 -3.82
CA ASN D 311 -28.33 -33.73 -3.00
C ASN D 311 -26.97 -34.13 -3.53
N PRO D 312 -25.91 -34.04 -2.69
CA PRO D 312 -24.58 -34.43 -3.16
C PRO D 312 -24.47 -35.91 -3.55
N ASP D 313 -25.12 -36.80 -2.78
CA ASP D 313 -25.15 -38.24 -3.10
C ASP D 313 -26.58 -38.80 -3.08
N SER D 314 -27.05 -39.29 -4.24
CA SER D 314 -28.38 -39.91 -4.35
C SER D 314 -28.44 -41.22 -3.56
N ASP D 315 -27.32 -41.62 -2.98
CA ASP D 315 -27.27 -42.67 -1.97
C ASP D 315 -28.18 -42.31 -0.78
N LYS D 316 -28.35 -40.99 -0.53
CA LYS D 316 -29.31 -40.49 0.46
C LYS D 316 -30.66 -40.18 -0.19
N ILE D 317 -31.74 -40.34 0.57
CA ILE D 317 -33.10 -40.15 0.07
C ILE D 317 -33.80 -38.97 0.76
N ILE D 318 -34.25 -38.00 -0.05
CA ILE D 318 -34.96 -36.82 0.43
C ILE D 318 -36.48 -37.02 0.27
N TYR D 319 -37.21 -36.87 1.37
CA TYR D 319 -38.66 -37.13 1.37
C TYR D 319 -39.46 -35.86 1.13
N SER D 320 -40.02 -35.72 -0.08
CA SER D 320 -40.69 -34.50 -0.49
C SER D 320 -42.20 -34.56 -0.33
N HIS D 321 -42.81 -33.40 -0.02
CA HIS D 321 -44.27 -33.26 0.06
C HIS D 321 -44.67 -31.86 -0.38
N PHE D 322 -45.70 -31.75 -1.23
CA PHE D 322 -46.28 -30.45 -1.58
C PHE D 322 -47.36 -30.13 -0.55
N THR D 323 -47.25 -28.98 0.13
CA THR D 323 -48.07 -28.69 1.30
C THR D 323 -48.64 -27.29 1.33
N CYS D 324 -49.62 -27.11 2.22
CA CYS D 324 -50.22 -25.81 2.48
C CYS D 324 -50.42 -25.64 3.99
N ALA D 325 -49.55 -24.85 4.62
CA ALA D 325 -49.50 -24.75 6.07
C ALA D 325 -50.74 -24.13 6.71
N THR D 326 -51.56 -23.42 5.93
CA THR D 326 -52.81 -22.86 6.46
C THR D 326 -54.00 -23.80 6.28
N ASP D 327 -53.75 -25.02 5.79
CA ASP D 327 -54.78 -26.02 5.59
C ASP D 327 -54.55 -27.21 6.52
N THR D 328 -55.33 -27.26 7.60
CA THR D 328 -55.22 -28.32 8.61
C THR D 328 -55.44 -29.70 7.99
N GLU D 329 -56.35 -29.77 7.03
CA GLU D 329 -56.71 -31.03 6.38
C GLU D 329 -55.58 -31.56 5.50
N ASN D 330 -54.74 -30.67 5.01
CA ASN D 330 -53.57 -31.05 4.23
C ASN D 330 -52.41 -31.45 5.13
N ILE D 331 -52.20 -30.71 6.21
CA ILE D 331 -51.09 -30.99 7.13
C ILE D 331 -51.30 -32.29 7.91
N ARG D 332 -52.55 -32.58 8.27
CA ARG D 332 -52.88 -33.88 8.88
C ARG D 332 -52.41 -35.03 8.01
N PHE D 333 -52.88 -35.04 6.76
CA PHE D 333 -52.58 -36.12 5.83
C PHE D 333 -51.09 -36.22 5.55
N VAL D 334 -50.42 -35.08 5.44
CA VAL D 334 -48.99 -35.06 5.15
C VAL D 334 -48.21 -35.55 6.37
N PHE D 335 -48.39 -34.88 7.51
CA PHE D 335 -47.63 -35.22 8.71
C PHE D 335 -47.89 -36.64 9.23
N ALA D 336 -49.07 -37.17 8.94
CA ALA D 336 -49.38 -38.57 9.21
C ALA D 336 -48.41 -39.49 8.47
N ALA D 337 -48.16 -39.18 7.19
CA ALA D 337 -47.21 -39.93 6.38
C ALA D 337 -45.75 -39.64 6.76
N VAL D 338 -45.49 -38.40 7.18
CA VAL D 338 -44.14 -37.95 7.56
C VAL D 338 -43.70 -38.59 8.88
N LYS D 339 -44.57 -38.53 9.88
CA LYS D 339 -44.36 -39.22 11.16
C LYS D 339 -44.00 -40.69 10.93
N ASP D 340 -44.80 -41.37 10.11
CA ASP D 340 -44.58 -42.78 9.81
C ASP D 340 -43.22 -43.01 9.15
N THR D 341 -42.78 -42.07 8.32
CA THR D 341 -41.47 -42.16 7.69
C THR D 341 -40.36 -41.97 8.70
N ILE D 342 -40.52 -40.99 9.59
CA ILE D 342 -39.53 -40.72 10.63
C ILE D 342 -39.34 -41.95 11.53
N LEU D 343 -40.45 -42.52 11.99
CA LEU D 343 -40.41 -43.64 12.92
C LEU D 343 -39.95 -44.94 12.26
N GLN D 344 -40.48 -45.24 11.07
CA GLN D 344 -39.98 -46.37 10.26
C GLN D 344 -38.46 -46.37 10.16
N LEU D 345 -37.90 -45.17 10.03
CA LEU D 345 -36.47 -45.01 9.80
C LEU D 345 -35.69 -44.97 11.13
N ASN D 346 -36.22 -44.25 12.12
CA ASN D 346 -35.49 -43.97 13.36
C ASN D 346 -35.66 -45.01 14.48
N LEU D 347 -36.81 -45.68 14.55
CA LEU D 347 -36.98 -46.81 15.48
C LEU D 347 -36.18 -48.01 14.98
N LYS D 348 -36.34 -48.32 13.69
CA LYS D 348 -35.57 -49.37 13.03
C LYS D 348 -34.37 -48.75 12.31
MG MG E . -41.45 -17.97 12.13
AL ALF F . -39.64 -16.22 9.88
F1 ALF F . -40.57 -15.02 10.81
F2 ALF F . -38.75 -17.45 8.95
F3 ALF F . -39.80 -17.39 11.20
F4 ALF F . -39.45 -15.03 8.56
PB GDP G . -42.02 -18.38 9.06
O1B GDP G . -41.49 -19.41 8.10
O2B GDP G . -42.26 -19.03 10.40
O3B GDP G . -41.02 -17.27 9.22
O3A GDP G . -43.38 -17.75 8.46
PA GDP G . -44.88 -18.01 9.01
O1A GDP G . -45.09 -19.37 9.62
O2A GDP G . -45.29 -16.92 9.99
O5' GDP G . -45.75 -17.85 7.67
C5' GDP G . -45.67 -16.64 6.92
C4' GDP G . -47.04 -16.02 6.70
O4' GDP G . -47.61 -16.58 5.52
C3' GDP G . -48.03 -16.32 7.83
O3' GDP G . -48.87 -15.18 8.04
C2' GDP G . -48.84 -17.49 7.33
O2' GDP G . -50.21 -17.40 7.71
C1' GDP G . -48.71 -17.42 5.82
N9 GDP G . -48.51 -18.77 5.25
C8 GDP G . -47.57 -19.67 5.60
N7 GDP G . -47.68 -20.79 4.85
C5 GDP G . -48.73 -20.62 4.01
C6 GDP G . -49.39 -21.41 2.95
O6 GDP G . -48.99 -22.56 2.66
N1 GDP G . -50.43 -20.86 2.31
C2 GDP G . -50.88 -19.61 2.61
N2 GDP G . -51.94 -19.10 1.93
N3 GDP G . -50.31 -18.84 3.57
C4 GDP G . -49.25 -19.28 4.28
#